data_6N52
#
_entry.id   6N52
#
_cell.length_a   1
_cell.length_b   1
_cell.length_c   1
_cell.angle_alpha   90
_cell.angle_beta   90
_cell.angle_gamma   90
#
_symmetry.space_group_name_H-M   'P 1'
#
loop_
_entity.id
_entity.type
_entity.pdbx_description
1 polymer 'Metabotropic glutamate receptor 5'
2 non-polymer 2-acetamido-2-deoxy-beta-D-glucopyranose
#
_entity_poly.entity_id   1
_entity_poly.type   'polypeptide(L)'
_entity_poly.pdbx_seq_one_letter_code
;MKTIIALSYIFCLVFADYKDDDDAAAQSSERRVVAHMPGDIIIGALFSVHHQPTVDKVHERKCGAVREQYGIQRVEAMLH
TLERINSDPTLLPNITLGCEIRDSCWHSAVALEQSIEFIRDSLISSEEEEGLVRCVDGSSSSFRSKKPIVGVIGPGSSSV
AIQVQNLLQLFNIPQIAYSATSMDLSDKTLFKYFMRVVPSDAQQARAMVDIVKRYNWTYVSAVHTEGNYGESGMEAFKDM
SAKEGICIAHSYKIYSNAGEQSFDKLLKKLTSHLPKARVVACFCEGMTVRGLLMAMRRLGLAGEFLLLGSDGWADRYDVT
DGYQREAVGGITIKLQSPDVKWFDDYYLKLRPETNHRNPWFQEFWQHRFQCRLEGFPQENSKYNKTCNSSLTLKTHHVQD
SKMGFVINAIYSMAYGLHNMQMSLCPGYAGLCDAMKPIDGRKLLESLMKTNFTGVSGDTILFDENGDSPGRYEIMNFKEM
GKDYFDYINVGSWDNGELKMDDDEVWSKKSNIIRSVCSEPCEKGQIKVIRKGEVSCCWTCTPCKENEYVFDEYTCKACQL
GSWPTDDLTGCDLIPVQYLRWGDPEPIAAVVFACLGLLATLFVTVVFIIYRDTPVVKSSSRELCYIILAGICLGYLCTFC
LIAKPKQIYCYLQRIGIGLSPAMSYSALVTKTNRIARILAGSKKKICTKKPRFMSACAQLVIAFILICIQLGIIVALFIM
EPPDIMHDYPSIREVYLICNTTNLGVVTPLGYNGLLILSCTFYAFKTRNVPANFNEAKYIAFTMYTTCIIWLAFVPIYFG
SNYKIITMCFSVSLSATVALGCMFVPKVYIILAKPERNVRSAFTTSTVVRMHVGDGKSSSAASRSSSLVNL
;
_entity_poly.pdbx_strand_id   A,B
#
loop_
_chem_comp.id
_chem_comp.type
_chem_comp.name
_chem_comp.formula
NAG D-saccharide, beta linking 2-acetamido-2-deoxy-beta-D-glucopyranose 'C8 H15 N O6'
#
# COMPACT_ATOMS: atom_id res chain seq x y z
N ARG A 32 -3.61 43.06 44.05
CA ARG A 32 -4.09 41.67 43.96
C ARG A 32 -4.61 41.17 45.29
N VAL A 33 -5.63 40.32 45.24
CA VAL A 33 -6.26 39.79 46.44
C VAL A 33 -5.99 38.29 46.50
N VAL A 34 -6.11 37.73 47.71
CA VAL A 34 -5.91 36.31 47.93
C VAL A 34 -6.72 35.89 49.15
N ALA A 35 -7.43 34.78 49.04
CA ALA A 35 -8.06 34.14 50.19
C ALA A 35 -7.15 33.04 50.71
N HIS A 36 -6.79 33.13 51.99
CA HIS A 36 -5.73 32.29 52.54
C HIS A 36 -6.23 31.49 53.72
N MET A 37 -5.76 30.24 53.80
CA MET A 37 -5.93 29.40 54.96
C MET A 37 -4.54 28.98 55.43
N PRO A 38 -4.21 29.16 56.71
CA PRO A 38 -2.95 28.64 57.22
C PRO A 38 -2.99 27.13 57.38
N GLY A 39 -1.81 26.54 57.41
CA GLY A 39 -1.73 25.10 57.59
C GLY A 39 -0.35 24.58 57.24
N ASP A 40 -0.22 23.27 57.36
CA ASP A 40 1.06 22.61 57.10
C ASP A 40 1.33 22.54 55.60
N ILE A 41 0.46 21.85 54.86
CA ILE A 41 0.58 21.73 53.41
C ILE A 41 -0.47 22.64 52.78
N ILE A 42 -0.03 23.59 51.98
CA ILE A 42 -0.90 24.59 51.38
C ILE A 42 -1.13 24.20 49.93
N ILE A 43 -2.40 24.11 49.54
CA ILE A 43 -2.79 23.75 48.18
C ILE A 43 -3.58 24.91 47.60
N GLY A 44 -3.02 25.55 46.57
CA GLY A 44 -3.67 26.68 45.95
C GLY A 44 -4.80 26.27 45.02
N ALA A 45 -5.41 27.28 44.40
CA ALA A 45 -6.48 27.05 43.45
C ALA A 45 -6.62 28.26 42.54
N LEU A 46 -7.19 28.02 41.37
CA LEU A 46 -7.50 29.08 40.40
C LEU A 46 -8.98 28.94 40.05
N PHE A 47 -9.81 29.83 40.58
CA PHE A 47 -11.24 29.81 40.36
C PHE A 47 -11.65 31.05 39.60
N SER A 48 -12.61 30.90 38.69
CA SER A 48 -13.09 32.02 37.87
C SER A 48 -14.05 32.87 38.71
N VAL A 49 -13.45 33.70 39.57
CA VAL A 49 -14.24 34.55 40.46
C VAL A 49 -14.89 35.68 39.68
N HIS A 50 -14.07 36.44 38.95
CA HIS A 50 -14.59 37.54 38.17
C HIS A 50 -14.87 37.11 36.74
N HIS A 51 -15.61 37.94 36.01
CA HIS A 51 -15.81 37.72 34.60
C HIS A 51 -14.53 38.06 33.83
N GLN A 52 -14.48 37.63 32.58
CA GLN A 52 -13.28 37.83 31.79
C GLN A 52 -13.14 39.29 31.38
N PRO A 53 -11.91 39.79 31.32
CA PRO A 53 -11.70 41.17 30.86
C PRO A 53 -11.95 41.29 29.36
N THR A 54 -12.15 42.53 28.92
CA THR A 54 -12.42 42.82 27.52
C THR A 54 -11.09 42.95 26.78
N VAL A 55 -11.16 43.39 25.52
CA VAL A 55 -9.95 43.55 24.71
C VAL A 55 -9.15 44.76 25.16
N ASP A 56 -9.78 45.74 25.81
CA ASP A 56 -9.08 46.91 26.31
C ASP A 56 -8.54 46.72 27.72
N LYS A 57 -8.72 45.54 28.31
CA LYS A 57 -8.25 45.26 29.66
C LYS A 57 -7.29 44.08 29.71
N VAL A 58 -6.73 43.68 28.56
CA VAL A 58 -5.77 42.59 28.55
C VAL A 58 -4.42 43.07 29.06
N HIS A 59 -4.15 44.37 28.99
CA HIS A 59 -2.90 44.92 29.50
C HIS A 59 -3.06 45.56 30.86
N GLU A 60 -4.26 46.03 31.20
CA GLU A 60 -4.53 46.62 32.50
C GLU A 60 -5.03 45.62 33.52
N ARG A 61 -5.39 44.41 33.06
CA ARG A 61 -5.89 43.31 33.90
C ARG A 61 -7.12 43.71 34.71
N LYS A 62 -8.01 44.48 34.08
CA LYS A 62 -9.26 44.90 34.71
C LYS A 62 -10.30 43.81 34.47
N CYS A 63 -10.44 42.92 35.45
CA CYS A 63 -11.36 41.79 35.33
C CYS A 63 -12.80 42.27 35.40
N GLY A 64 -13.71 41.40 34.96
CA GLY A 64 -15.12 41.72 34.87
C GLY A 64 -15.83 41.57 36.20
N ALA A 65 -17.16 41.47 36.12
CA ALA A 65 -17.99 41.36 37.31
C ALA A 65 -17.83 39.99 37.95
N VAL A 66 -18.19 39.92 39.24
CA VAL A 66 -17.99 38.71 40.03
C VAL A 66 -18.97 37.63 39.57
N ARG A 67 -18.44 36.48 39.16
CA ARG A 67 -19.26 35.35 38.76
C ARG A 67 -19.65 34.56 40.01
N GLU A 68 -20.95 34.36 40.19
CA GLU A 68 -21.45 33.79 41.44
C GLU A 68 -21.27 32.28 41.47
N GLN A 69 -21.74 31.58 40.43
CA GLN A 69 -21.82 30.13 40.48
C GLN A 69 -20.45 29.49 40.31
N TYR A 70 -19.71 29.89 39.28
CA TYR A 70 -18.39 29.31 39.05
C TYR A 70 -17.34 29.87 39.99
N GLY A 71 -17.63 30.97 40.68
CA GLY A 71 -16.63 31.69 41.44
C GLY A 71 -16.67 31.44 42.93
N ILE A 72 -17.34 32.36 43.65
CA ILE A 72 -17.27 32.42 45.11
C ILE A 72 -17.88 31.18 45.76
N GLN A 73 -18.79 30.51 45.06
CA GLN A 73 -19.34 29.25 45.56
C GLN A 73 -18.27 28.17 45.63
N ARG A 74 -17.44 28.07 44.60
CA ARG A 74 -16.32 27.13 44.62
C ARG A 74 -15.28 27.51 45.67
N VAL A 75 -15.10 28.82 45.90
CA VAL A 75 -14.14 29.30 46.88
C VAL A 75 -14.57 28.89 48.28
N GLU A 76 -15.82 29.18 48.64
CA GLU A 76 -16.32 28.79 49.95
C GLU A 76 -16.45 27.29 50.09
N ALA A 77 -16.70 26.59 48.98
CA ALA A 77 -16.72 25.13 48.99
C ALA A 77 -15.35 24.56 49.32
N MET A 78 -14.29 25.12 48.73
CA MET A 78 -12.96 24.63 49.04
C MET A 78 -12.54 25.00 50.46
N LEU A 79 -12.94 26.18 50.94
CA LEU A 79 -12.65 26.58 52.31
C LEU A 79 -13.30 25.65 53.31
N HIS A 80 -14.60 25.40 53.16
CA HIS A 80 -15.28 24.49 54.08
C HIS A 80 -14.88 23.04 53.88
N THR A 81 -14.43 22.66 52.68
CA THR A 81 -14.00 21.29 52.45
C THR A 81 -12.65 21.04 53.13
N LEU A 82 -11.75 22.01 53.09
CA LEU A 82 -10.50 21.87 53.82
C LEU A 82 -10.72 22.03 55.33
N GLU A 83 -11.75 22.77 55.74
CA GLU A 83 -12.11 22.81 57.15
C GLU A 83 -12.64 21.46 57.61
N ARG A 84 -13.37 20.77 56.73
CA ARG A 84 -13.86 19.43 57.04
C ARG A 84 -12.75 18.40 57.04
N ILE A 85 -11.81 18.52 56.09
CA ILE A 85 -10.71 17.56 55.98
C ILE A 85 -9.70 17.76 57.10
N ASN A 86 -9.58 18.99 57.61
CA ASN A 86 -8.77 19.22 58.79
C ASN A 86 -9.45 18.72 60.05
N SER A 87 -10.79 18.59 60.03
CA SER A 87 -11.54 18.09 61.16
C SER A 87 -11.87 16.60 61.05
N ASP A 88 -11.41 15.93 60.00
CA ASP A 88 -11.65 14.50 59.83
C ASP A 88 -10.34 13.74 60.04
N PRO A 89 -10.17 13.05 61.18
CA PRO A 89 -8.91 12.36 61.44
C PRO A 89 -8.72 11.05 60.69
N THR A 90 -9.58 10.72 59.71
CA THR A 90 -9.41 9.49 58.96
C THR A 90 -8.21 9.60 58.02
N LEU A 91 -8.08 10.72 57.31
CA LEU A 91 -6.95 11.00 56.45
C LEU A 91 -6.27 12.29 56.90
N LEU A 92 -4.92 12.26 56.92
CA LEU A 92 -4.03 13.35 57.34
C LEU A 92 -4.36 13.80 58.75
N PRO A 93 -4.02 13.00 59.78
CA PRO A 93 -4.48 13.29 61.15
C PRO A 93 -3.90 14.55 61.79
N ASN A 94 -2.57 14.70 61.75
CA ASN A 94 -1.90 15.82 62.38
C ASN A 94 -1.30 16.74 61.33
N ILE A 95 -2.00 16.90 60.21
CA ILE A 95 -1.59 17.77 59.12
C ILE A 95 -2.75 18.70 58.80
N THR A 96 -2.52 20.00 58.97
CA THR A 96 -3.51 21.01 58.62
C THR A 96 -3.30 21.44 57.18
N LEU A 97 -4.32 21.28 56.36
CA LEU A 97 -4.24 21.56 54.92
C LEU A 97 -4.78 22.96 54.67
N GLY A 98 -3.89 23.94 54.58
CA GLY A 98 -4.28 25.29 54.24
C GLY A 98 -4.41 25.48 52.74
N CYS A 99 -4.74 26.71 52.35
CA CYS A 99 -4.90 27.01 50.94
C CYS A 99 -4.54 28.46 50.68
N GLU A 100 -4.29 28.76 49.41
CA GLU A 100 -4.07 30.12 48.93
C GLU A 100 -4.92 30.28 47.67
N ILE A 101 -6.08 30.90 47.81
CA ILE A 101 -7.05 31.00 46.74
C ILE A 101 -6.80 32.28 45.98
N ARG A 102 -6.49 32.17 44.69
CA ARG A 102 -6.28 33.33 43.85
C ARG A 102 -7.17 33.24 42.62
N ASP A 103 -7.58 34.42 42.13
CA ASP A 103 -8.54 34.50 41.04
C ASP A 103 -7.87 34.10 39.73
N SER A 104 -8.68 33.60 38.80
CA SER A 104 -8.22 33.30 37.46
C SER A 104 -8.85 34.18 36.39
N CYS A 105 -10.03 34.75 36.67
CA CYS A 105 -10.76 35.69 35.80
C CYS A 105 -11.09 35.12 34.42
N TRP A 106 -11.12 33.79 34.27
CA TRP A 106 -11.49 33.05 33.07
C TRP A 106 -10.52 33.28 31.89
N HIS A 107 -9.50 34.11 32.06
CA HIS A 107 -8.58 34.49 31.01
C HIS A 107 -7.23 33.83 31.25
N SER A 108 -6.51 33.56 30.16
CA SER A 108 -5.26 32.81 30.25
C SER A 108 -4.17 33.60 30.95
N ALA A 109 -4.03 34.89 30.61
CA ALA A 109 -2.90 35.68 31.08
C ALA A 109 -2.97 35.94 32.58
N VAL A 110 -4.18 36.18 33.10
CA VAL A 110 -4.32 36.46 34.53
C VAL A 110 -4.04 35.20 35.35
N ALA A 111 -4.49 34.05 34.86
CA ALA A 111 -4.19 32.78 35.51
C ALA A 111 -2.70 32.48 35.46
N LEU A 112 -2.05 32.84 34.36
CA LEU A 112 -0.59 32.69 34.27
C LEU A 112 0.12 33.59 35.28
N GLU A 113 -0.37 34.82 35.46
CA GLU A 113 0.23 35.74 36.44
C GLU A 113 0.10 35.20 37.85
N GLN A 114 -1.07 34.67 38.19
CA GLN A 114 -1.26 34.14 39.53
C GLN A 114 -0.48 32.84 39.72
N SER A 115 -0.24 32.09 38.64
CA SER A 115 0.61 30.92 38.75
C SER A 115 2.07 31.30 38.92
N ILE A 116 2.48 32.43 38.33
CA ILE A 116 3.81 32.98 38.60
C ILE A 116 3.93 33.36 40.08
N GLU A 117 2.86 33.92 40.63
CA GLU A 117 2.84 34.20 42.07
C GLU A 117 2.96 32.93 42.90
N PHE A 118 2.26 31.87 42.47
CA PHE A 118 2.37 30.56 43.12
C PHE A 118 3.79 30.03 43.10
N ILE A 119 4.44 30.07 41.94
CA ILE A 119 5.75 29.46 41.84
C ILE A 119 6.82 30.30 42.52
N ARG A 120 6.68 31.64 42.56
CA ARG A 120 7.66 32.40 43.32
C ARG A 120 7.44 32.25 44.82
N ASP A 121 6.19 32.04 45.25
CA ASP A 121 5.95 31.69 46.65
C ASP A 121 6.61 30.35 47.00
N SER A 122 6.53 29.39 46.08
CA SER A 122 7.23 28.11 46.26
C SER A 122 8.75 28.29 46.31
N LEU A 123 9.28 29.17 45.47
CA LEU A 123 10.73 29.36 45.43
C LEU A 123 11.25 30.13 46.63
N ILE A 124 10.50 31.10 47.15
CA ILE A 124 10.96 31.78 48.36
C ILE A 124 10.76 30.88 49.57
N SER A 125 9.81 29.95 49.54
CA SER A 125 9.74 28.93 50.58
C SER A 125 10.92 27.97 50.50
N SER A 126 11.38 27.66 49.28
CA SER A 126 12.55 26.80 49.11
C SER A 126 13.82 27.51 49.55
N GLU A 127 13.90 28.82 49.32
CA GLU A 127 15.08 29.59 49.70
C GLU A 127 15.13 29.82 51.21
N GLU A 128 14.02 30.30 51.78
CA GLU A 128 13.95 30.56 53.21
C GLU A 128 13.80 29.25 53.98
N SER A 142 9.33 42.39 55.97
CA SER A 142 7.93 42.54 55.56
C SER A 142 7.44 41.29 54.86
N PHE A 143 6.51 40.60 55.52
CA PHE A 143 5.86 39.37 55.03
C PHE A 143 6.89 38.27 54.72
N ARG A 144 7.59 37.85 55.76
CA ARG A 144 8.61 36.81 55.65
C ARG A 144 8.04 35.41 55.81
N SER A 145 6.72 35.24 55.79
CA SER A 145 6.12 33.93 55.95
C SER A 145 6.25 33.13 54.66
N LYS A 146 6.74 31.90 54.77
CA LYS A 146 6.90 31.01 53.63
C LYS A 146 5.64 30.18 53.41
N LYS A 147 5.45 29.77 52.17
CA LYS A 147 4.26 29.00 51.80
C LYS A 147 4.57 28.14 50.59
N PRO A 148 5.00 26.89 50.78
CA PRO A 148 5.34 26.02 49.64
C PRO A 148 4.08 25.50 48.96
N ILE A 149 3.81 25.99 47.76
CA ILE A 149 2.65 25.54 47.01
C ILE A 149 2.93 24.15 46.47
N VAL A 150 2.13 23.18 46.91
CA VAL A 150 2.31 21.78 46.53
C VAL A 150 1.41 21.40 45.37
N GLY A 151 0.10 21.61 45.52
CA GLY A 151 -0.84 21.34 44.45
C GLY A 151 -1.67 22.58 44.15
N VAL A 152 -2.39 22.51 43.04
CA VAL A 152 -3.25 23.61 42.60
C VAL A 152 -4.39 23.00 41.79
N ILE A 153 -5.58 23.60 41.92
CA ILE A 153 -6.81 23.05 41.35
C ILE A 153 -7.40 24.09 40.41
N GLY A 154 -7.73 23.66 39.20
CA GLY A 154 -8.38 24.52 38.24
C GLY A 154 -7.44 24.99 37.15
N PRO A 155 -7.89 25.94 36.32
CA PRO A 155 -9.22 26.56 36.32
C PRO A 155 -10.24 25.77 35.51
N GLY A 156 -11.33 26.43 35.14
CA GLY A 156 -12.42 25.77 34.47
C GLY A 156 -12.20 25.54 32.98
N SER A 157 -11.78 26.58 32.27
CA SER A 157 -11.65 26.48 30.82
C SER A 157 -10.46 25.61 30.44
N SER A 158 -10.70 24.69 29.51
CA SER A 158 -9.63 23.83 29.02
C SER A 158 -8.61 24.61 28.21
N SER A 159 -9.06 25.67 27.53
CA SER A 159 -8.15 26.51 26.76
C SER A 159 -7.23 27.33 27.66
N VAL A 160 -7.57 27.50 28.93
CA VAL A 160 -6.70 28.15 29.89
C VAL A 160 -5.85 27.13 30.63
N ALA A 161 -6.43 25.97 30.96
CA ALA A 161 -5.68 24.92 31.64
C ALA A 161 -4.59 24.34 30.74
N ILE A 162 -4.79 24.35 29.43
CA ILE A 162 -3.74 23.91 28.51
C ILE A 162 -2.58 24.91 28.50
N GLN A 163 -2.82 26.17 28.87
CA GLN A 163 -1.74 27.12 29.00
C GLN A 163 -1.06 26.96 30.37
N VAL A 164 -1.85 26.66 31.40
CA VAL A 164 -1.32 26.53 32.75
C VAL A 164 -0.44 25.28 32.88
N GLN A 165 -0.78 24.22 32.15
CA GLN A 165 0.01 22.99 32.22
C GLN A 165 1.40 23.17 31.65
N ASN A 166 1.53 23.97 30.59
CA ASN A 166 2.85 24.22 30.01
C ASN A 166 3.75 25.01 30.95
N LEU A 167 3.17 25.72 31.91
CA LEU A 167 3.92 26.33 33.00
C LEU A 167 4.19 25.36 34.14
N LEU A 168 3.24 24.48 34.45
CA LEU A 168 3.38 23.64 35.62
C LEU A 168 4.17 22.35 35.40
N GLN A 169 4.41 21.95 34.15
CA GLN A 169 5.26 20.80 33.91
C GLN A 169 6.70 21.07 34.31
N LEU A 170 7.13 22.32 34.18
CA LEU A 170 8.52 22.70 34.37
C LEU A 170 8.94 22.72 35.83
N PHE A 171 7.99 22.58 36.75
CA PHE A 171 8.19 22.90 38.15
C PHE A 171 7.84 21.77 39.09
N ASN A 172 7.48 20.60 38.54
CA ASN A 172 7.12 19.40 39.30
C ASN A 172 5.94 19.66 40.24
N ILE A 173 4.94 20.37 39.74
CA ILE A 173 3.71 20.65 40.47
C ILE A 173 2.55 20.00 39.73
N PRO A 174 1.94 18.96 40.28
CA PRO A 174 0.77 18.37 39.62
C PRO A 174 -0.45 19.24 39.82
N GLN A 175 -1.41 19.08 38.91
CA GLN A 175 -2.60 19.91 38.89
C GLN A 175 -3.78 19.07 38.44
N ILE A 176 -4.90 19.19 39.16
CA ILE A 176 -6.11 18.44 38.88
C ILE A 176 -7.21 19.44 38.57
N ALA A 177 -7.81 19.30 37.39
CA ALA A 177 -8.86 20.19 36.94
C ALA A 177 -10.24 19.61 37.27
N TYR A 178 -11.26 20.43 37.05
CA TYR A 178 -12.63 20.02 37.32
C TYR A 178 -13.61 20.39 36.24
N SER A 179 -13.19 21.08 35.18
CA SER A 179 -14.10 21.39 34.09
C SER A 179 -13.48 21.25 32.71
N ALA A 180 -12.19 20.90 32.61
CA ALA A 180 -11.55 20.74 31.31
C ALA A 180 -11.99 19.41 30.71
N THR A 181 -12.52 19.46 29.49
CA THR A 181 -13.06 18.26 28.84
C THR A 181 -12.34 17.91 27.54
N SER A 182 -11.29 18.63 27.17
CA SER A 182 -10.65 18.40 25.89
C SER A 182 -9.80 17.14 25.94
N MET A 183 -9.95 16.28 24.93
CA MET A 183 -9.32 14.96 24.92
C MET A 183 -7.85 14.99 24.55
N ASP A 184 -7.35 16.10 24.01
CA ASP A 184 -5.91 16.20 23.77
C ASP A 184 -5.13 16.38 25.06
N LEU A 185 -5.81 16.75 26.15
CA LEU A 185 -5.20 16.86 27.46
C LEU A 185 -4.91 15.50 28.09
N SER A 186 -5.44 14.42 27.53
CA SER A 186 -5.13 13.09 28.05
C SER A 186 -3.73 12.62 27.66
N ASP A 187 -3.12 13.25 26.66
CA ASP A 187 -1.81 12.85 26.18
C ASP A 187 -0.75 13.25 27.21
N LYS A 188 -0.40 12.33 28.10
CA LYS A 188 0.61 12.60 29.11
C LYS A 188 2.03 12.51 28.59
N THR A 189 2.21 12.20 27.30
CA THR A 189 3.52 12.42 26.69
C THR A 189 3.85 13.90 26.66
N LEU A 190 2.84 14.73 26.39
CA LEU A 190 3.00 16.18 26.43
C LEU A 190 2.48 16.80 27.72
N PHE A 191 1.51 16.18 28.38
CA PHE A 191 0.74 16.80 29.47
C PHE A 191 0.80 15.91 30.71
N LYS A 192 2.03 15.60 31.13
CA LYS A 192 2.29 14.62 32.18
C LYS A 192 1.64 14.98 33.51
N TYR A 193 1.58 16.26 33.86
CA TYR A 193 1.14 16.68 35.19
C TYR A 193 -0.30 17.20 35.18
N PHE A 194 -1.16 16.59 34.37
CA PHE A 194 -2.55 17.01 34.27
C PHE A 194 -3.46 15.83 34.53
N MET A 195 -4.31 15.95 35.54
CA MET A 195 -5.21 14.88 35.94
C MET A 195 -6.62 15.44 36.01
N ARG A 196 -7.61 14.58 35.79
CA ARG A 196 -9.01 15.02 35.74
C ARG A 196 -9.88 14.13 36.60
N VAL A 197 -10.78 14.76 37.36
CA VAL A 197 -11.83 14.05 38.08
C VAL A 197 -13.11 14.13 37.25
N VAL A 198 -12.99 14.63 36.03
CA VAL A 198 -14.11 14.69 35.09
C VAL A 198 -13.75 13.90 33.84
N PRO A 199 -14.70 13.27 33.18
CA PRO A 199 -14.39 12.55 31.95
C PRO A 199 -14.22 13.49 30.77
N SER A 200 -13.49 13.01 29.78
CA SER A 200 -13.22 13.79 28.58
C SER A 200 -14.41 13.75 27.64
N ASP A 201 -14.29 14.46 26.52
CA ASP A 201 -15.32 14.40 25.49
C ASP A 201 -15.28 13.09 24.72
N ALA A 202 -14.17 12.35 24.81
CA ALA A 202 -14.08 11.05 24.16
C ALA A 202 -15.07 10.07 24.77
N GLN A 203 -15.28 10.16 26.08
CA GLN A 203 -16.30 9.31 26.70
C GLN A 203 -17.71 9.84 26.50
N GLN A 204 -17.87 11.10 26.09
CA GLN A 204 -19.17 11.53 25.58
C GLN A 204 -19.46 10.89 24.23
N ALA A 205 -18.46 10.92 23.35
CA ALA A 205 -18.60 10.28 22.04
C ALA A 205 -18.78 8.78 22.16
N ARG A 206 -18.18 8.17 23.18
CA ARG A 206 -18.34 6.74 23.41
C ARG A 206 -19.79 6.39 23.75
N ALA A 207 -20.41 7.18 24.63
CA ALA A 207 -21.81 6.94 24.96
C ALA A 207 -22.74 7.26 23.80
N MET A 208 -22.38 8.28 23.00
CA MET A 208 -23.18 8.58 21.81
C MET A 208 -23.06 7.49 20.76
N VAL A 209 -21.92 6.79 20.71
CA VAL A 209 -21.81 5.61 19.85
C VAL A 209 -22.62 4.46 20.44
N ASP A 210 -22.58 4.28 21.77
CA ASP A 210 -23.20 3.13 22.39
C ASP A 210 -24.72 3.18 22.34
N ILE A 211 -25.31 4.37 22.42
CA ILE A 211 -26.77 4.43 22.37
C ILE A 211 -27.27 4.16 20.95
N VAL A 212 -26.47 4.51 19.94
CA VAL A 212 -26.82 4.17 18.56
C VAL A 212 -26.62 2.68 18.32
N LYS A 213 -25.57 2.11 18.92
CA LYS A 213 -25.30 0.68 18.84
C LYS A 213 -26.43 -0.13 19.47
N ARG A 214 -27.01 0.38 20.56
CA ARG A 214 -28.12 -0.31 21.20
C ARG A 214 -29.39 -0.23 20.35
N TYR A 215 -29.56 0.84 19.58
CA TYR A 215 -30.77 1.02 18.79
C TYR A 215 -30.67 0.47 17.38
N ASN A 216 -29.51 -0.12 17.01
CA ASN A 216 -29.27 -0.75 15.71
C ASN A 216 -29.47 0.23 14.55
N TRP A 217 -28.77 1.35 14.62
CA TRP A 217 -28.84 2.39 13.60
C TRP A 217 -27.49 2.50 12.92
N THR A 218 -27.49 2.54 11.59
CA THR A 218 -26.24 2.44 10.85
C THR A 218 -25.91 3.70 10.04
N TYR A 219 -26.79 4.12 9.14
CA TYR A 219 -26.51 5.26 8.27
C TYR A 219 -27.15 6.50 8.89
N VAL A 220 -26.38 7.22 9.70
CA VAL A 220 -26.86 8.40 10.38
C VAL A 220 -26.09 9.61 9.87
N SER A 221 -26.61 10.79 10.21
CA SER A 221 -25.94 12.05 9.93
C SER A 221 -25.43 12.64 11.23
N ALA A 222 -24.38 13.43 11.14
CA ALA A 222 -23.79 14.02 12.34
C ALA A 222 -23.12 15.34 11.98
N VAL A 223 -23.42 16.38 12.76
CA VAL A 223 -22.83 17.70 12.58
C VAL A 223 -22.06 18.05 13.85
N HIS A 224 -21.27 19.11 13.74
CA HIS A 224 -20.44 19.54 14.86
C HIS A 224 -20.08 21.01 14.66
N THR A 225 -19.94 21.73 15.76
CA THR A 225 -19.54 23.11 15.69
C THR A 225 -18.02 23.23 15.54
N GLU A 226 -17.58 24.42 15.17
CA GLU A 226 -16.15 24.67 15.06
C GLU A 226 -15.55 24.89 16.44
N GLY A 227 -14.27 24.54 16.56
CA GLY A 227 -13.55 24.68 17.81
C GLY A 227 -13.07 23.34 18.34
N ASN A 228 -12.27 23.42 19.41
CA ASN A 228 -11.67 22.22 19.99
C ASN A 228 -12.70 21.35 20.71
N TYR A 229 -13.82 21.91 21.12
CA TYR A 229 -14.86 21.11 21.74
C TYR A 229 -15.57 20.26 20.69
N GLY A 230 -15.94 20.86 19.58
CA GLY A 230 -16.68 20.15 18.56
C GLY A 230 -15.83 19.23 17.71
N GLU A 231 -14.65 19.71 17.30
CA GLU A 231 -13.84 18.99 16.31
C GLU A 231 -13.26 17.71 16.90
N SER A 232 -12.69 17.80 18.10
CA SER A 232 -12.11 16.61 18.74
C SER A 232 -13.18 15.59 19.09
N GLY A 233 -14.34 16.06 19.57
CA GLY A 233 -15.42 15.15 19.90
C GLY A 233 -15.99 14.46 18.68
N MET A 234 -16.11 15.18 17.57
CA MET A 234 -16.57 14.56 16.33
C MET A 234 -15.53 13.61 15.76
N GLU A 235 -14.25 13.91 15.95
CA GLU A 235 -13.20 12.99 15.51
C GLU A 235 -13.22 11.69 16.31
N ALA A 236 -13.40 11.79 17.63
CA ALA A 236 -13.54 10.59 18.45
C ALA A 236 -14.82 9.83 18.13
N PHE A 237 -15.91 10.55 17.79
CA PHE A 237 -17.16 9.91 17.42
C PHE A 237 -17.04 9.14 16.12
N LYS A 238 -16.42 9.74 15.11
CA LYS A 238 -16.25 9.05 13.84
C LYS A 238 -15.16 8.01 13.90
N ASP A 239 -14.27 8.07 14.88
CA ASP A 239 -13.31 6.98 15.07
C ASP A 239 -13.96 5.78 15.75
N MET A 240 -14.86 6.03 16.70
CA MET A 240 -15.54 4.91 17.37
C MET A 240 -16.73 4.38 16.59
N SER A 241 -17.25 5.15 15.63
CA SER A 241 -18.36 4.65 14.82
C SER A 241 -17.89 3.64 13.80
N ALA A 242 -16.64 3.73 13.35
CA ALA A 242 -16.09 2.76 12.42
C ALA A 242 -15.84 1.41 13.07
N LYS A 243 -15.80 1.35 14.40
CA LYS A 243 -15.70 0.08 15.10
C LYS A 243 -17.02 -0.68 15.11
N GLU A 244 -18.12 -0.05 14.72
CA GLU A 244 -19.41 -0.73 14.63
C GLU A 244 -20.02 -0.62 13.24
N GLY A 245 -19.28 -0.08 12.28
CA GLY A 245 -19.81 0.06 10.93
C GLY A 245 -20.88 1.11 10.78
N ILE A 246 -21.01 2.01 11.74
CA ILE A 246 -22.06 3.03 11.72
C ILE A 246 -21.66 4.10 10.72
N CYS A 247 -22.42 4.21 9.63
CA CYS A 247 -22.09 5.14 8.57
C CYS A 247 -22.39 6.57 8.98
N ILE A 248 -21.64 7.50 8.40
CA ILE A 248 -21.86 8.93 8.55
C ILE A 248 -22.03 9.53 7.17
N ALA A 249 -23.12 10.26 6.95
CA ALA A 249 -23.39 10.88 5.66
C ALA A 249 -22.33 11.93 5.32
N HIS A 250 -22.30 13.02 6.08
CA HIS A 250 -21.29 14.07 5.87
C HIS A 250 -21.28 14.95 7.11
N SER A 251 -20.11 15.12 7.71
CA SER A 251 -19.95 16.03 8.83
C SER A 251 -19.98 17.48 8.33
N TYR A 252 -20.75 18.32 8.99
CA TYR A 252 -20.93 19.71 8.57
C TYR A 252 -20.23 20.61 9.59
N LYS A 253 -19.00 21.01 9.27
CA LYS A 253 -18.21 21.87 10.15
C LYS A 253 -18.76 23.28 10.05
N ILE A 254 -19.80 23.56 10.82
CA ILE A 254 -20.39 24.89 10.86
C ILE A 254 -19.68 25.72 11.91
N TYR A 255 -19.88 27.03 11.87
CA TYR A 255 -19.29 27.95 12.84
C TYR A 255 -20.25 28.22 13.98
N SER A 256 -19.71 28.83 15.04
CA SER A 256 -20.53 29.13 16.21
C SER A 256 -21.49 30.27 15.96
N ASN A 257 -21.19 31.14 15.02
CA ASN A 257 -22.02 32.30 14.68
C ASN A 257 -22.27 32.36 13.18
N ALA A 258 -22.65 31.23 12.61
CA ALA A 258 -22.98 31.17 11.20
C ALA A 258 -24.29 31.90 10.91
N GLY A 259 -24.45 32.31 9.66
CA GLY A 259 -25.63 33.05 9.28
C GLY A 259 -26.87 32.18 9.21
N GLU A 260 -28.02 32.85 9.20
CA GLU A 260 -29.29 32.15 9.06
C GLU A 260 -29.43 31.51 7.69
N GLN A 261 -28.87 32.16 6.65
CA GLN A 261 -28.82 31.53 5.34
C GLN A 261 -27.85 30.35 5.34
N SER A 262 -26.75 30.46 6.08
CA SER A 262 -25.82 29.35 6.20
C SER A 262 -26.43 28.19 6.97
N PHE A 263 -27.20 28.50 8.02
CA PHE A 263 -27.90 27.46 8.76
C PHE A 263 -29.01 26.81 7.92
N ASP A 264 -29.67 27.60 7.07
CA ASP A 264 -30.67 27.05 6.17
C ASP A 264 -30.03 26.17 5.11
N LYS A 265 -28.84 26.55 4.64
CA LYS A 265 -28.12 25.71 3.68
C LYS A 265 -27.66 24.41 4.33
N LEU A 266 -27.24 24.47 5.60
CA LEU A 266 -26.87 23.26 6.32
C LEU A 266 -28.09 22.37 6.57
N LEU A 267 -29.24 22.98 6.83
CA LEU A 267 -30.46 22.21 7.02
C LEU A 267 -30.91 21.56 5.72
N LYS A 268 -30.75 22.26 4.60
CA LYS A 268 -31.08 21.67 3.30
C LYS A 268 -30.12 20.55 2.93
N LYS A 269 -28.84 20.72 3.27
CA LYS A 269 -27.86 19.65 3.03
C LYS A 269 -28.11 18.46 3.93
N LEU A 270 -28.65 18.68 5.13
CA LEU A 270 -29.01 17.57 6.00
C LEU A 270 -30.28 16.87 5.49
N THR A 271 -31.22 17.65 4.97
CA THR A 271 -32.43 17.08 4.39
C THR A 271 -32.15 16.35 3.08
N SER A 272 -31.05 16.67 2.41
CA SER A 272 -30.63 15.95 1.22
C SER A 272 -30.26 14.50 1.52
N HIS A 273 -29.84 14.20 2.74
CA HIS A 273 -29.59 12.82 3.15
C HIS A 273 -30.86 12.12 3.66
N LEU A 274 -31.89 12.89 4.01
CA LEU A 274 -33.14 12.31 4.44
C LEU A 274 -33.88 11.69 3.24
N PRO A 275 -34.69 10.65 3.47
CA PRO A 275 -35.01 9.91 4.71
C PRO A 275 -34.07 8.76 5.00
N LYS A 276 -32.93 8.71 4.30
CA LYS A 276 -31.98 7.62 4.53
C LYS A 276 -31.28 7.76 5.89
N ALA A 277 -31.13 9.00 6.36
CA ALA A 277 -30.57 9.28 7.68
C ALA A 277 -31.52 10.21 8.41
N ARG A 278 -31.95 9.80 9.60
CA ARG A 278 -32.89 10.57 10.41
C ARG A 278 -32.28 11.13 11.69
N VAL A 279 -31.42 10.37 12.35
CA VAL A 279 -30.82 10.81 13.60
C VAL A 279 -29.63 11.72 13.28
N VAL A 280 -29.63 12.90 13.90
CA VAL A 280 -28.56 13.89 13.73
C VAL A 280 -27.84 14.04 15.05
N ALA A 281 -26.56 13.67 15.08
CA ALA A 281 -25.74 13.71 16.29
C ALA A 281 -24.91 14.97 16.28
N CYS A 282 -25.18 15.88 17.20
CA CYS A 282 -24.50 17.17 17.25
C CYS A 282 -23.66 17.23 18.53
N PHE A 283 -22.40 16.85 18.42
CA PHE A 283 -21.43 17.07 19.49
C PHE A 283 -21.02 18.53 19.39
N CYS A 284 -21.80 19.40 20.04
CA CYS A 284 -21.72 20.83 19.76
C CYS A 284 -22.20 21.61 20.99
N GLU A 285 -22.31 22.92 20.82
CA GLU A 285 -22.72 23.82 21.88
C GLU A 285 -24.22 24.08 21.81
N GLY A 286 -24.71 24.85 22.79
CA GLY A 286 -26.14 25.11 22.88
C GLY A 286 -26.62 26.11 21.85
N MET A 287 -25.78 27.09 21.52
CA MET A 287 -26.14 28.06 20.49
C MET A 287 -26.19 27.41 19.11
N THR A 288 -25.40 26.36 18.90
CA THR A 288 -25.48 25.58 17.67
C THR A 288 -26.84 24.91 17.52
N VAL A 289 -27.31 24.27 18.59
CA VAL A 289 -28.60 23.60 18.56
C VAL A 289 -29.73 24.62 18.44
N ARG A 290 -29.56 25.79 19.06
CA ARG A 290 -30.56 26.85 18.96
C ARG A 290 -30.63 27.39 17.53
N GLY A 291 -29.48 27.52 16.87
CA GLY A 291 -29.48 27.95 15.48
C GLY A 291 -30.06 26.92 14.55
N LEU A 292 -29.83 25.63 14.84
CA LEU A 292 -30.44 24.57 14.05
C LEU A 292 -31.95 24.53 14.24
N LEU A 293 -32.43 24.81 15.44
CA LEU A 293 -33.88 24.88 15.66
C LEU A 293 -34.49 26.12 15.03
N MET A 294 -33.74 27.23 14.98
CA MET A 294 -34.18 28.39 14.21
C MET A 294 -34.30 28.05 12.72
N ALA A 295 -33.33 27.28 12.21
CA ALA A 295 -33.40 26.84 10.82
C ALA A 295 -34.55 25.87 10.59
N MET A 296 -34.88 25.03 11.59
CA MET A 296 -36.00 24.11 11.45
C MET A 296 -37.33 24.84 11.48
N ARG A 297 -37.44 25.91 12.26
CA ARG A 297 -38.66 26.70 12.23
C ARG A 297 -38.77 27.50 10.95
N ARG A 298 -37.67 28.12 10.51
CA ARG A 298 -37.68 28.91 9.28
C ARG A 298 -37.86 28.05 8.03
N LEU A 299 -37.50 26.77 8.09
CA LEU A 299 -37.74 25.85 7.00
C LEU A 299 -39.02 25.04 7.18
N GLY A 300 -39.57 24.97 8.39
CA GLY A 300 -40.79 24.22 8.62
C GLY A 300 -40.65 22.72 8.54
N LEU A 301 -39.43 22.20 8.70
CA LEU A 301 -39.19 20.77 8.62
C LEU A 301 -39.19 20.09 9.98
N ALA A 302 -39.97 20.61 10.92
CA ALA A 302 -39.99 20.08 12.27
C ALA A 302 -40.75 18.77 12.32
N GLY A 303 -40.54 18.02 13.41
CA GLY A 303 -41.23 16.77 13.62
C GLY A 303 -40.71 15.60 12.82
N GLU A 304 -39.59 15.76 12.12
CA GLU A 304 -39.01 14.70 11.31
C GLU A 304 -37.62 14.31 11.75
N PHE A 305 -36.74 15.28 11.96
CA PHE A 305 -35.34 15.01 12.26
C PHE A 305 -35.15 14.67 13.73
N LEU A 306 -34.44 13.59 13.99
CA LEU A 306 -34.04 13.23 15.34
C LEU A 306 -32.71 13.89 15.66
N LEU A 307 -32.65 14.58 16.79
CA LEU A 307 -31.49 15.40 17.14
C LEU A 307 -30.83 14.78 18.37
N LEU A 308 -29.72 14.07 18.15
CA LEU A 308 -28.86 13.63 19.22
C LEU A 308 -27.83 14.73 19.52
N GLY A 309 -27.50 14.90 20.79
CA GLY A 309 -26.58 15.97 21.15
C GLY A 309 -25.72 15.63 22.35
N SER A 310 -24.70 16.46 22.54
CA SER A 310 -23.84 16.41 23.71
C SER A 310 -24.44 17.27 24.80
N ASP A 311 -23.64 17.62 25.81
CA ASP A 311 -24.12 18.37 26.96
C ASP A 311 -24.19 19.88 26.72
N GLY A 312 -24.20 20.33 25.45
CA GLY A 312 -24.45 21.73 25.19
C GLY A 312 -25.87 22.15 25.49
N TRP A 313 -26.81 21.20 25.45
CA TRP A 313 -28.20 21.42 25.81
C TRP A 313 -28.64 20.36 26.82
N ALA A 314 -27.79 20.16 27.83
CA ALA A 314 -28.04 19.13 28.84
C ALA A 314 -29.23 19.49 29.72
N ASP A 315 -29.14 20.62 30.43
CA ASP A 315 -30.30 21.20 31.11
C ASP A 315 -30.68 22.54 30.50
N ARG A 316 -30.10 22.87 29.34
CA ARG A 316 -30.29 24.17 28.72
C ARG A 316 -31.63 24.19 27.99
N TYR A 317 -32.69 24.50 28.74
CA TYR A 317 -33.99 24.70 28.14
C TYR A 317 -34.10 26.04 27.42
N ASP A 318 -33.14 26.95 27.64
CA ASP A 318 -33.09 28.19 26.88
C ASP A 318 -32.75 27.94 25.41
N VAL A 319 -32.12 26.81 25.11
CA VAL A 319 -31.92 26.42 23.71
C VAL A 319 -33.26 26.09 23.06
N THR A 320 -34.08 25.30 23.74
CA THR A 320 -35.41 24.96 23.27
C THR A 320 -36.48 25.91 23.79
N ASP A 321 -36.11 27.16 24.09
CA ASP A 321 -37.05 28.12 24.63
C ASP A 321 -37.97 28.61 23.51
N GLY A 322 -39.26 28.31 23.63
CA GLY A 322 -40.23 28.63 22.61
C GLY A 322 -40.18 27.73 21.40
N TYR A 323 -39.37 26.68 21.42
CA TYR A 323 -39.18 25.78 20.28
C TYR A 323 -39.61 24.36 20.65
N GLN A 324 -40.56 24.23 21.58
CA GLN A 324 -40.91 22.94 22.14
C GLN A 324 -41.66 22.05 21.15
N ARG A 325 -42.30 22.63 20.14
CA ARG A 325 -42.95 21.81 19.13
C ARG A 325 -41.93 21.21 18.18
N GLU A 326 -40.78 21.85 18.01
CA GLU A 326 -39.75 21.35 17.09
C GLU A 326 -38.70 20.51 17.78
N ALA A 327 -38.46 20.74 19.07
CA ALA A 327 -37.37 20.07 19.78
C ALA A 327 -37.75 18.72 20.35
N VAL A 328 -38.97 18.23 20.09
CA VAL A 328 -39.47 17.05 20.78
C VAL A 328 -38.76 15.80 20.28
N GLY A 329 -38.43 14.89 21.20
CA GLY A 329 -37.80 13.65 20.87
C GLY A 329 -36.29 13.63 20.98
N GLY A 330 -35.65 14.78 21.17
CA GLY A 330 -34.21 14.84 21.17
C GLY A 330 -33.60 14.23 22.43
N ILE A 331 -32.43 13.63 22.27
CA ILE A 331 -31.73 12.95 23.36
C ILE A 331 -30.38 13.62 23.56
N THR A 332 -30.10 14.01 24.80
CA THR A 332 -28.83 14.64 25.17
C THR A 332 -28.19 13.83 26.29
N ILE A 333 -27.00 14.28 26.71
CA ILE A 333 -26.27 13.66 27.80
C ILE A 333 -25.91 14.72 28.82
N LYS A 334 -25.70 14.28 30.07
CA LYS A 334 -25.35 15.19 31.14
C LYS A 334 -24.62 14.43 32.23
N LEU A 335 -23.58 15.03 32.78
CA LEU A 335 -22.91 14.52 33.96
C LEU A 335 -23.86 14.43 35.15
N GLN A 336 -23.65 13.44 36.00
CA GLN A 336 -24.41 13.34 37.24
C GLN A 336 -24.01 14.47 38.18
N SER A 337 -24.98 15.31 38.53
CA SER A 337 -24.75 16.47 39.38
C SER A 337 -25.63 16.36 40.63
N PRO A 338 -25.19 15.62 41.64
CA PRO A 338 -25.95 15.58 42.89
C PRO A 338 -25.70 16.84 43.70
N ASP A 339 -26.72 17.26 44.44
CA ASP A 339 -26.61 18.41 45.30
C ASP A 339 -26.09 17.99 46.67
N VAL A 340 -25.02 18.65 47.11
CA VAL A 340 -24.33 18.29 48.34
C VAL A 340 -24.85 19.19 49.45
N LYS A 341 -25.38 18.58 50.51
CA LYS A 341 -25.95 19.34 51.62
C LYS A 341 -24.88 19.97 52.50
N TRP A 342 -23.62 19.52 52.37
CA TRP A 342 -22.51 20.10 53.14
C TRP A 342 -22.33 21.57 52.80
N PHE A 343 -22.14 21.86 51.51
CA PHE A 343 -21.96 23.24 51.07
C PHE A 343 -23.23 24.06 51.26
N ASP A 344 -24.40 23.41 51.21
CA ASP A 344 -25.66 24.13 51.45
C ASP A 344 -25.73 24.62 52.88
N ASP A 345 -25.47 23.74 53.85
CA ASP A 345 -25.48 24.15 55.25
C ASP A 345 -24.31 25.06 55.60
N TYR A 346 -23.19 24.93 54.89
CA TYR A 346 -22.03 25.77 55.17
C TYR A 346 -22.10 27.10 54.46
N TYR A 347 -23.00 27.25 53.49
CA TYR A 347 -23.10 28.45 52.68
C TYR A 347 -24.31 29.31 53.01
N LEU A 348 -25.43 28.70 53.41
CA LEU A 348 -26.59 29.50 53.79
C LEU A 348 -26.41 30.20 55.13
N LYS A 349 -25.47 29.74 55.95
CA LYS A 349 -25.21 30.34 57.25
C LYS A 349 -24.09 31.37 57.21
N LEU A 350 -23.79 31.94 56.05
CA LEU A 350 -22.70 32.90 55.91
C LEU A 350 -23.22 34.32 55.99
N ARG A 351 -22.47 35.18 56.67
CA ARG A 351 -22.77 36.59 56.80
C ARG A 351 -21.53 37.42 56.51
N PRO A 352 -21.71 38.62 55.93
CA PRO A 352 -20.54 39.48 55.68
C PRO A 352 -19.88 39.99 56.94
N GLU A 353 -20.62 40.11 58.05
CA GLU A 353 -20.01 40.47 59.32
C GLU A 353 -19.22 39.33 59.93
N THR A 354 -19.44 38.10 59.47
CA THR A 354 -18.71 36.93 59.94
C THR A 354 -17.63 36.48 58.97
N ASN A 355 -17.97 36.38 57.68
CA ASN A 355 -17.05 35.87 56.66
C ASN A 355 -16.06 36.97 56.29
N HIS A 356 -15.07 37.16 57.16
CA HIS A 356 -13.96 38.04 56.88
C HIS A 356 -12.77 37.30 56.28
N ARG A 357 -12.88 35.98 56.13
CA ARG A 357 -11.80 35.19 55.54
C ARG A 357 -11.72 35.40 54.04
N ASN A 358 -12.86 35.52 53.38
CA ASN A 358 -12.90 35.79 51.95
C ASN A 358 -12.81 37.30 51.72
N PRO A 359 -11.76 37.78 51.06
CA PRO A 359 -11.61 39.23 50.85
C PRO A 359 -12.51 39.83 49.77
N TRP A 360 -13.31 39.03 49.07
CA TRP A 360 -14.26 39.58 48.13
C TRP A 360 -15.69 39.11 48.39
N PHE A 361 -15.94 38.52 49.56
CA PHE A 361 -17.30 38.17 49.93
C PHE A 361 -18.13 39.41 50.20
N GLN A 362 -17.51 40.44 50.78
CA GLN A 362 -18.20 41.70 51.03
C GLN A 362 -18.51 42.44 49.74
N GLU A 363 -17.60 42.34 48.76
CA GLU A 363 -17.89 42.90 47.43
C GLU A 363 -18.97 42.11 46.72
N PHE A 364 -19.06 40.80 46.99
CA PHE A 364 -20.14 40.00 46.43
C PHE A 364 -21.48 40.37 47.05
N TRP A 365 -21.50 40.63 48.35
CA TRP A 365 -22.69 41.15 49.01
C TRP A 365 -23.04 42.55 48.50
N GLN A 366 -22.03 43.35 48.15
CA GLN A 366 -22.24 44.70 47.65
C GLN A 366 -22.88 44.68 46.26
N HIS A 367 -22.33 43.87 45.36
CA HIS A 367 -22.78 43.92 43.97
C HIS A 367 -23.95 43.00 43.70
N ARG A 368 -23.98 41.81 44.31
CA ARG A 368 -24.96 40.80 43.94
C ARG A 368 -26.35 41.13 44.48
N PHE A 369 -26.42 41.75 45.66
CA PHE A 369 -27.69 42.22 46.20
C PHE A 369 -27.93 43.70 45.95
N GLN A 370 -27.01 44.36 45.24
CA GLN A 370 -27.13 45.73 44.73
C GLN A 370 -27.37 46.77 45.83
N CYS A 371 -26.91 46.48 47.05
CA CYS A 371 -27.09 47.38 48.17
C CYS A 371 -25.73 47.84 48.69
N ARG A 372 -25.75 48.93 49.46
CA ARG A 372 -24.54 49.56 49.97
C ARG A 372 -24.43 49.31 51.46
N LEU A 373 -23.65 48.29 51.83
CA LEU A 373 -23.31 48.06 53.22
C LEU A 373 -22.24 49.05 53.66
N GLU A 374 -22.65 50.16 54.26
CA GLU A 374 -21.70 51.22 54.60
C GLU A 374 -20.79 50.82 55.75
N GLY A 375 -21.28 49.97 56.66
CA GLY A 375 -20.45 49.47 57.74
C GLY A 375 -19.39 48.49 57.29
N PHE A 376 -19.58 47.86 56.14
CA PHE A 376 -18.61 46.93 55.61
C PHE A 376 -17.39 47.70 55.08
N PRO A 377 -16.19 47.09 55.15
CA PRO A 377 -15.00 47.76 54.59
C PRO A 377 -14.98 47.81 53.07
N GLN A 378 -15.85 47.06 52.39
CA GLN A 378 -16.01 47.13 50.94
C GLN A 378 -17.20 47.98 50.55
N GLU A 379 -17.43 49.06 51.30
CA GLU A 379 -18.58 49.94 51.08
C GLU A 379 -18.38 50.73 49.80
N ASN A 380 -18.99 50.27 48.71
CA ASN A 380 -18.93 50.96 47.43
C ASN A 380 -20.11 51.89 47.27
N SER A 381 -19.86 53.06 46.68
CA SER A 381 -20.90 54.05 46.46
C SER A 381 -21.68 53.83 45.16
N LYS A 382 -21.43 52.72 44.47
CA LYS A 382 -22.14 52.46 43.21
C LYS A 382 -23.59 52.07 43.46
N TYR A 383 -23.88 51.46 44.60
CA TYR A 383 -25.23 51.05 44.94
C TYR A 383 -25.90 52.15 45.75
N ASN A 384 -27.08 52.59 45.28
CA ASN A 384 -27.79 53.67 45.96
C ASN A 384 -28.53 53.17 47.19
N LYS A 385 -29.15 52.00 47.11
CA LYS A 385 -29.89 51.46 48.23
C LYS A 385 -28.95 50.90 49.29
N THR A 386 -29.46 50.80 50.51
CA THR A 386 -28.70 50.28 51.64
C THR A 386 -29.08 48.83 51.90
N CYS A 387 -28.23 48.15 52.66
CA CYS A 387 -28.41 46.73 52.95
C CYS A 387 -29.23 46.58 54.23
N ASN A 388 -30.37 45.91 54.12
CA ASN A 388 -31.18 45.63 55.30
C ASN A 388 -30.55 44.52 56.12
N SER A 389 -30.84 44.54 57.43
CA SER A 389 -30.34 43.49 58.30
C SER A 389 -31.08 42.18 58.08
N SER A 390 -32.33 42.24 57.65
CA SER A 390 -33.13 41.07 57.35
C SER A 390 -32.96 40.58 55.92
N LEU A 391 -31.99 41.13 55.18
CA LEU A 391 -31.71 40.68 53.82
C LEU A 391 -31.06 39.30 53.87
N THR A 392 -31.81 38.29 53.43
CA THR A 392 -31.39 36.90 53.59
C THR A 392 -30.49 36.47 52.45
N LEU A 393 -30.00 35.23 52.54
CA LEU A 393 -29.14 34.65 51.53
C LEU A 393 -29.77 33.45 50.83
N LYS A 394 -30.80 32.84 51.42
CA LYS A 394 -31.42 31.65 50.85
C LYS A 394 -32.27 31.93 49.63
N THR A 395 -32.53 33.19 49.31
CA THR A 395 -33.30 33.52 48.12
C THR A 395 -32.50 33.22 46.86
N HIS A 396 -33.11 32.42 45.96
CA HIS A 396 -32.53 32.03 44.68
C HIS A 396 -31.20 31.31 44.83
N HIS A 397 -31.12 30.43 45.82
CA HIS A 397 -29.91 29.63 46.02
C HIS A 397 -29.83 28.55 44.96
N VAL A 398 -29.15 28.84 43.86
CA VAL A 398 -28.89 27.87 42.81
C VAL A 398 -27.38 27.72 42.73
N GLN A 399 -26.86 26.64 43.31
CA GLN A 399 -25.42 26.44 43.36
C GLN A 399 -24.90 25.90 42.03
N ASP A 400 -23.60 25.65 41.99
CA ASP A 400 -22.97 25.18 40.76
C ASP A 400 -23.35 23.73 40.49
N SER A 401 -23.54 23.41 39.21
CA SER A 401 -23.79 22.03 38.83
C SER A 401 -22.55 21.17 38.99
N LYS A 402 -21.36 21.76 38.85
CA LYS A 402 -20.10 21.06 39.00
C LYS A 402 -19.53 21.20 40.41
N MET A 403 -20.40 21.32 41.41
CA MET A 403 -19.96 21.56 42.77
C MET A 403 -19.30 20.33 43.38
N GLY A 404 -19.83 19.15 43.08
CA GLY A 404 -19.26 17.93 43.64
C GLY A 404 -17.90 17.58 43.07
N PHE A 405 -17.63 18.02 41.84
CA PHE A 405 -16.37 17.70 41.18
C PHE A 405 -15.20 18.42 41.83
N VAL A 406 -15.43 19.64 42.32
CA VAL A 406 -14.40 20.38 43.05
C VAL A 406 -14.02 19.63 44.33
N ILE A 407 -15.02 19.16 45.07
CA ILE A 407 -14.79 18.42 46.31
C ILE A 407 -14.15 17.07 45.99
N ASN A 408 -14.47 16.49 44.83
CA ASN A 408 -13.82 15.25 44.40
C ASN A 408 -12.35 15.46 44.13
N ALA A 409 -11.99 16.60 43.51
CA ALA A 409 -10.58 16.89 43.26
C ALA A 409 -9.83 17.19 44.56
N ILE A 410 -10.48 17.90 45.48
CA ILE A 410 -9.88 18.20 46.77
C ILE A 410 -9.62 16.92 47.55
N TYR A 411 -10.61 16.03 47.60
CA TYR A 411 -10.41 14.73 48.26
C TYR A 411 -9.43 13.85 47.51
N SER A 412 -9.30 14.03 46.19
CA SER A 412 -8.29 13.28 45.44
C SER A 412 -6.89 13.67 45.89
N MET A 413 -6.63 14.97 45.99
CA MET A 413 -5.34 15.42 46.51
C MET A 413 -5.17 15.07 47.99
N ALA A 414 -6.26 15.04 48.76
CA ALA A 414 -6.19 14.69 50.17
C ALA A 414 -5.79 13.23 50.37
N TYR A 415 -6.45 12.32 49.65
CA TYR A 415 -6.07 10.92 49.75
C TYR A 415 -4.74 10.62 49.07
N GLY A 416 -4.32 11.43 48.10
CA GLY A 416 -2.97 11.28 47.56
C GLY A 416 -1.91 11.63 48.57
N LEU A 417 -2.11 12.74 49.30
CA LEU A 417 -1.19 13.09 50.37
C LEU A 417 -1.26 12.10 51.52
N HIS A 418 -2.44 11.50 51.76
CA HIS A 418 -2.54 10.47 52.79
C HIS A 418 -1.81 9.19 52.38
N ASN A 419 -1.85 8.86 51.09
CA ASN A 419 -1.09 7.72 50.60
C ASN A 419 0.41 8.00 50.66
N MET A 420 0.82 9.23 50.40
CA MET A 420 2.22 9.62 50.59
C MET A 420 2.64 9.51 52.04
N GLN A 421 1.77 9.95 52.97
CA GLN A 421 2.09 9.86 54.39
C GLN A 421 2.16 8.41 54.85
N MET A 422 1.26 7.55 54.35
CA MET A 422 1.29 6.14 54.71
C MET A 422 2.46 5.40 54.05
N SER A 423 2.95 5.88 52.92
CA SER A 423 4.04 5.20 52.22
C SER A 423 5.41 5.64 52.72
N LEU A 424 5.57 6.92 53.07
CA LEU A 424 6.88 7.44 53.42
C LEU A 424 7.09 7.63 54.92
N CYS A 425 6.03 7.92 55.67
CA CYS A 425 6.11 8.18 57.10
C CYS A 425 5.22 7.18 57.83
N PRO A 426 5.67 5.94 58.00
CA PRO A 426 4.77 4.89 58.51
C PRO A 426 4.51 5.03 59.99
N GLY A 427 3.23 5.01 60.35
CA GLY A 427 2.82 5.09 61.75
C GLY A 427 3.08 6.44 62.40
N TYR A 428 3.13 7.50 61.61
CA TYR A 428 3.43 8.83 62.12
C TYR A 428 2.21 9.72 62.01
N ALA A 429 2.06 10.62 62.99
CA ALA A 429 0.90 11.51 63.00
C ALA A 429 1.04 12.61 61.97
N GLY A 430 2.23 13.20 61.87
CA GLY A 430 2.48 14.27 60.92
C GLY A 430 3.28 13.84 59.72
N LEU A 431 4.43 14.48 59.51
CA LEU A 431 5.28 14.19 58.37
C LEU A 431 6.72 14.01 58.84
N CYS A 432 7.38 12.99 58.31
CA CYS A 432 8.76 12.69 58.64
C CYS A 432 9.69 13.41 57.67
N ASP A 433 10.98 13.06 57.68
CA ASP A 433 11.96 13.72 56.85
C ASP A 433 11.84 13.34 55.37
N ALA A 434 11.15 12.24 55.06
CA ALA A 434 10.93 11.87 53.66
C ALA A 434 9.94 12.78 52.97
N MET A 435 9.11 13.51 53.72
CA MET A 435 8.17 14.46 53.17
C MET A 435 8.59 15.90 53.45
N LYS A 436 9.89 16.13 53.59
CA LYS A 436 10.43 17.46 53.90
C LYS A 436 11.63 17.72 52.99
N PRO A 437 11.42 18.41 51.86
CA PRO A 437 10.14 18.89 51.32
C PRO A 437 9.44 17.82 50.48
N ILE A 438 8.48 18.26 49.66
CA ILE A 438 7.68 17.37 48.82
C ILE A 438 7.71 17.89 47.39
N ASP A 439 8.23 17.08 46.47
CA ASP A 439 8.12 17.39 45.05
C ASP A 439 6.98 16.57 44.45
N GLY A 440 6.82 16.68 43.13
CA GLY A 440 5.65 16.14 42.48
C GLY A 440 5.82 14.84 41.74
N ARG A 441 7.01 14.24 41.74
CA ARG A 441 7.20 12.98 41.04
C ARG A 441 6.50 11.84 41.77
N LYS A 442 6.90 11.57 43.02
CA LYS A 442 6.21 10.55 43.79
C LYS A 442 4.80 10.99 44.19
N LEU A 443 4.53 12.30 44.19
CA LEU A 443 3.17 12.75 44.39
C LEU A 443 2.28 12.39 43.21
N LEU A 444 2.82 12.49 41.98
CA LEU A 444 2.09 12.02 40.81
C LEU A 444 1.93 10.51 40.84
N GLU A 445 2.97 9.81 41.33
CA GLU A 445 2.88 8.35 41.47
C GLU A 445 1.81 7.95 42.48
N SER A 446 1.63 8.76 43.53
CA SER A 446 0.59 8.46 44.51
C SER A 446 -0.79 8.81 43.98
N LEU A 447 -0.92 9.96 43.30
CA LEU A 447 -2.21 10.37 42.76
C LEU A 447 -2.67 9.50 41.60
N MET A 448 -1.74 8.87 40.88
CA MET A 448 -2.12 8.04 39.75
C MET A 448 -2.82 6.75 40.19
N LYS A 449 -2.52 6.26 41.39
CA LYS A 449 -3.03 4.98 41.87
C LYS A 449 -3.92 5.17 43.10
N THR A 450 -4.80 6.18 43.07
CA THR A 450 -5.71 6.42 44.17
C THR A 450 -7.10 5.88 43.85
N ASN A 451 -7.87 5.62 44.91
CA ASN A 451 -9.23 5.14 44.79
C ASN A 451 -9.97 5.45 46.08
N PHE A 452 -11.14 6.06 45.97
CA PHE A 452 -12.01 6.32 47.11
C PHE A 452 -13.42 6.55 46.59
N THR A 453 -14.33 6.87 47.51
CA THR A 453 -15.70 7.21 47.18
C THR A 453 -15.91 8.70 47.40
N GLY A 454 -16.46 9.37 46.39
CA GLY A 454 -16.62 10.81 46.43
C GLY A 454 -17.81 11.26 47.25
N VAL A 455 -18.24 12.50 46.99
CA VAL A 455 -19.42 13.03 47.67
C VAL A 455 -20.68 12.35 47.18
N SER A 456 -20.69 11.89 45.92
CA SER A 456 -21.77 11.09 45.39
C SER A 456 -21.59 9.60 45.65
N GLY A 457 -20.52 9.22 46.33
CA GLY A 457 -20.20 7.82 46.51
C GLY A 457 -19.61 7.15 45.30
N ASP A 458 -19.20 7.91 44.30
CA ASP A 458 -18.64 7.35 43.07
C ASP A 458 -17.22 6.85 43.32
N THR A 459 -16.94 5.66 42.82
CA THR A 459 -15.61 5.08 42.94
C THR A 459 -14.68 5.80 41.98
N ILE A 460 -13.98 6.82 42.48
CA ILE A 460 -13.10 7.62 41.65
C ILE A 460 -11.82 6.84 41.40
N LEU A 461 -11.60 6.45 40.15
CA LEU A 461 -10.43 5.66 39.78
C LEU A 461 -9.80 6.27 38.54
N PHE A 462 -8.48 6.34 38.53
CA PHE A 462 -7.73 7.01 37.47
C PHE A 462 -7.04 5.98 36.60
N ASP A 463 -7.17 6.13 35.28
CA ASP A 463 -6.59 5.20 34.33
C ASP A 463 -5.13 5.57 34.05
N GLU A 464 -4.56 4.98 33.01
CA GLU A 464 -3.20 5.31 32.61
C GLU A 464 -3.10 6.71 32.00
N ASN A 465 -4.20 7.23 31.47
CA ASN A 465 -4.25 8.59 30.95
C ASN A 465 -4.67 9.59 32.01
N GLY A 466 -4.89 9.15 33.25
CA GLY A 466 -5.24 10.05 34.33
C GLY A 466 -6.61 10.68 34.20
N ASP A 467 -7.61 9.89 33.83
CA ASP A 467 -8.95 10.40 33.59
C ASP A 467 -9.97 9.55 34.33
N SER A 468 -10.94 10.20 34.96
CA SER A 468 -12.04 9.50 35.59
C SER A 468 -12.98 8.95 34.52
N PRO A 469 -13.59 7.79 34.76
CA PRO A 469 -14.54 7.25 33.79
C PRO A 469 -15.84 8.03 33.80
N GLY A 470 -16.57 7.94 32.70
CA GLY A 470 -17.79 8.70 32.55
C GLY A 470 -18.96 8.08 33.28
N ARG A 471 -19.73 8.94 33.95
CA ARG A 471 -20.94 8.52 34.64
C ARG A 471 -22.01 9.58 34.33
N TYR A 472 -22.76 9.34 33.27
CA TYR A 472 -23.59 10.38 32.68
C TYR A 472 -25.05 10.20 33.09
N GLU A 473 -25.91 11.02 32.50
CA GLU A 473 -27.35 10.89 32.59
C GLU A 473 -27.95 11.08 31.20
N ILE A 474 -28.96 10.28 30.87
CA ILE A 474 -29.58 10.32 29.56
C ILE A 474 -30.97 10.91 29.73
N MET A 475 -31.29 11.94 28.95
CA MET A 475 -32.60 12.56 29.03
C MET A 475 -33.23 12.67 27.65
N ASN A 476 -34.53 12.95 27.66
CA ASN A 476 -35.33 13.18 26.47
C ASN A 476 -36.17 14.43 26.66
N PHE A 477 -36.43 15.12 25.56
CA PHE A 477 -37.37 16.23 25.57
C PHE A 477 -38.72 15.73 25.08
N LYS A 478 -39.31 14.87 25.90
CA LYS A 478 -40.60 14.27 25.57
C LYS A 478 -41.73 15.18 25.99
N GLU A 479 -42.80 15.18 25.20
CA GLU A 479 -43.93 16.05 25.46
C GLU A 479 -44.74 15.57 26.65
N MET A 480 -45.20 16.52 27.45
CA MET A 480 -46.08 16.23 28.58
C MET A 480 -47.52 16.17 28.08
N GLY A 481 -48.47 16.18 29.02
CA GLY A 481 -49.87 16.16 28.64
C GLY A 481 -50.32 17.46 27.99
N LYS A 482 -49.84 18.59 28.52
CA LYS A 482 -50.12 19.89 27.91
C LYS A 482 -49.02 20.19 26.90
N ASP A 483 -48.99 21.43 26.40
CA ASP A 483 -47.97 21.86 25.45
C ASP A 483 -46.76 22.44 26.18
N TYR A 484 -46.20 21.68 27.12
CA TYR A 484 -45.05 22.13 27.89
C TYR A 484 -44.19 20.90 28.19
N PHE A 485 -43.20 20.66 27.34
CA PHE A 485 -42.29 19.54 27.48
C PHE A 485 -41.08 19.94 28.33
N ASP A 486 -40.37 18.93 28.80
CA ASP A 486 -39.22 19.15 29.67
C ASP A 486 -38.18 18.06 29.43
N TYR A 487 -36.98 18.29 29.95
CA TYR A 487 -35.88 17.34 29.87
C TYR A 487 -36.11 16.23 30.88
N ILE A 488 -36.91 15.26 30.48
CA ILE A 488 -37.28 14.18 31.40
C ILE A 488 -36.24 13.06 31.32
N ASN A 489 -35.99 12.42 32.47
CA ASN A 489 -34.96 11.40 32.56
C ASN A 489 -35.42 10.12 31.89
N VAL A 490 -34.53 9.49 31.12
CA VAL A 490 -34.81 8.21 30.49
C VAL A 490 -33.72 7.21 30.81
N GLY A 491 -32.88 7.53 31.79
CA GLY A 491 -31.85 6.60 32.22
C GLY A 491 -30.50 7.26 32.30
N SER A 492 -29.46 6.44 32.42
CA SER A 492 -28.11 6.93 32.61
C SER A 492 -27.12 5.99 31.94
N TRP A 493 -25.85 6.37 32.01
CA TRP A 493 -24.74 5.59 31.46
C TRP A 493 -23.57 5.65 32.43
N ASP A 494 -22.90 4.51 32.61
CA ASP A 494 -21.73 4.47 33.50
C ASP A 494 -20.78 3.41 32.96
N ASN A 495 -19.82 3.85 32.13
CA ASN A 495 -18.67 3.07 31.67
C ASN A 495 -19.09 1.79 30.94
N GLY A 496 -20.16 1.87 30.14
CA GLY A 496 -20.70 0.73 29.44
C GLY A 496 -22.07 0.32 29.94
N GLU A 497 -22.34 0.55 31.22
CA GLU A 497 -23.64 0.20 31.81
C GLU A 497 -24.70 1.17 31.33
N LEU A 498 -25.38 0.82 30.25
CA LEU A 498 -26.34 1.71 29.60
C LEU A 498 -27.74 1.29 30.01
N LYS A 499 -28.21 1.84 31.13
CA LYS A 499 -29.55 1.57 31.64
C LYS A 499 -30.52 2.52 30.95
N MET A 500 -31.40 1.98 30.11
CA MET A 500 -32.34 2.77 29.34
C MET A 500 -33.74 2.24 29.50
N ASP A 501 -34.71 3.11 29.26
CA ASP A 501 -36.14 2.77 29.29
C ASP A 501 -36.67 2.98 27.87
N ASP A 502 -36.70 1.89 27.10
CA ASP A 502 -37.20 1.96 25.73
C ASP A 502 -38.71 2.16 25.70
N ASP A 503 -39.41 1.67 26.72
CA ASP A 503 -40.85 1.87 26.81
C ASP A 503 -41.22 3.29 27.18
N GLU A 504 -40.27 4.07 27.70
CA GLU A 504 -40.55 5.47 28.02
C GLU A 504 -40.70 6.31 26.76
N VAL A 505 -39.82 6.11 25.80
CA VAL A 505 -39.83 6.92 24.58
C VAL A 505 -40.67 6.19 23.53
N TRP A 506 -41.53 6.95 22.86
CA TRP A 506 -42.52 6.60 21.81
C TRP A 506 -43.72 5.83 22.36
N SER A 507 -43.67 5.41 23.63
CA SER A 507 -44.73 4.70 24.35
C SER A 507 -45.14 3.36 23.70
N LYS A 508 -44.33 2.85 22.77
CA LYS A 508 -44.63 1.65 22.00
C LYS A 508 -43.36 1.24 21.27
N LYS A 509 -43.49 0.23 20.41
CA LYS A 509 -42.39 -0.16 19.53
C LYS A 509 -42.30 0.69 18.28
N SER A 510 -43.30 1.52 18.01
CA SER A 510 -43.32 2.38 16.83
C SER A 510 -42.38 3.56 17.08
N ASN A 511 -41.10 3.31 16.86
CA ASN A 511 -40.07 4.32 17.07
C ASN A 511 -39.79 5.07 15.78
N ILE A 512 -38.76 5.90 15.80
CA ILE A 512 -38.17 6.41 14.56
C ILE A 512 -37.55 5.23 13.82
N ILE A 513 -37.73 5.21 12.50
CA ILE A 513 -37.24 4.10 11.69
C ILE A 513 -35.72 4.05 11.73
N ARG A 514 -35.18 2.84 11.59
CA ARG A 514 -33.74 2.62 11.67
C ARG A 514 -33.02 3.35 10.56
N SER A 515 -32.17 4.30 10.95
CA SER A 515 -31.45 5.12 9.98
C SER A 515 -30.38 4.27 9.30
N VAL A 516 -30.75 3.68 8.16
CA VAL A 516 -29.90 2.74 7.45
C VAL A 516 -30.02 3.04 5.95
N CYS A 517 -28.95 2.77 5.21
CA CYS A 517 -28.93 3.02 3.77
C CYS A 517 -29.56 1.86 3.00
N SER A 518 -29.11 0.64 3.26
CA SER A 518 -29.60 -0.55 2.59
C SER A 518 -30.33 -1.44 3.57
N GLU A 519 -31.49 -1.94 3.15
CA GLU A 519 -32.20 -2.95 3.91
C GLU A 519 -31.44 -4.29 3.80
N PRO A 520 -31.65 -5.20 4.75
CA PRO A 520 -31.08 -6.55 4.60
C PRO A 520 -31.70 -7.28 3.42
N CYS A 521 -30.83 -7.83 2.57
CA CYS A 521 -31.26 -8.42 1.32
C CYS A 521 -31.90 -9.79 1.54
N GLU A 522 -32.57 -10.28 0.50
CA GLU A 522 -33.16 -11.62 0.54
C GLU A 522 -32.06 -12.66 0.44
N LYS A 523 -31.62 -13.18 1.58
CA LYS A 523 -30.41 -14.00 1.67
C LYS A 523 -30.56 -15.40 1.07
N GLY A 524 -31.72 -15.76 0.53
CA GLY A 524 -31.85 -17.06 -0.11
C GLY A 524 -31.09 -17.12 -1.43
N GLN A 525 -31.27 -16.11 -2.28
CA GLN A 525 -30.60 -16.09 -3.57
C GLN A 525 -29.90 -14.76 -3.83
N ILE A 526 -30.43 -13.67 -3.28
CA ILE A 526 -29.90 -12.34 -3.53
C ILE A 526 -28.77 -12.06 -2.53
N LYS A 527 -27.69 -11.47 -3.02
CA LYS A 527 -26.55 -11.12 -2.20
C LYS A 527 -26.31 -9.61 -2.23
N VAL A 528 -25.55 -9.13 -1.27
CA VAL A 528 -25.22 -7.71 -1.21
C VAL A 528 -24.02 -7.43 -2.11
N ILE A 529 -23.84 -6.16 -2.45
CA ILE A 529 -22.69 -5.71 -3.21
C ILE A 529 -22.45 -4.24 -2.90
N ARG A 530 -21.21 -3.89 -2.60
CA ARG A 530 -20.89 -2.51 -2.24
C ARG A 530 -20.89 -1.61 -3.47
N LYS A 531 -21.51 -0.44 -3.33
CA LYS A 531 -21.57 0.50 -4.44
C LYS A 531 -20.27 1.26 -4.61
N GLY A 532 -19.63 1.63 -3.49
CA GLY A 532 -18.39 2.38 -3.55
C GLY A 532 -18.47 3.72 -2.85
N GLU A 533 -19.49 3.91 -2.02
CA GLU A 533 -19.69 5.16 -1.30
C GLU A 533 -19.51 5.01 0.20
N VAL A 534 -20.21 4.07 0.82
CA VAL A 534 -20.12 3.83 2.25
C VAL A 534 -20.04 2.32 2.48
N SER A 535 -19.97 1.94 3.76
CA SER A 535 -19.92 0.54 4.15
C SER A 535 -21.30 -0.04 4.44
N CYS A 536 -22.35 0.70 4.12
CA CYS A 536 -23.72 0.24 4.39
C CYS A 536 -24.69 0.52 3.26
N CYS A 537 -24.25 1.08 2.14
CA CYS A 537 -25.10 1.26 0.97
C CYS A 537 -24.90 0.09 0.01
N TRP A 538 -25.26 -1.09 0.50
CA TRP A 538 -25.15 -2.31 -0.27
C TRP A 538 -26.27 -2.40 -1.29
N THR A 539 -26.03 -3.15 -2.35
CA THR A 539 -27.02 -3.37 -3.40
C THR A 539 -27.40 -4.84 -3.43
N CYS A 540 -28.70 -5.11 -3.31
CA CYS A 540 -29.22 -6.47 -3.30
C CYS A 540 -29.13 -7.04 -4.72
N THR A 541 -28.09 -7.85 -4.96
CA THR A 541 -27.85 -8.41 -6.27
C THR A 541 -28.05 -9.91 -6.25
N PRO A 542 -28.90 -10.46 -7.10
CA PRO A 542 -29.05 -11.91 -7.19
C PRO A 542 -27.85 -12.53 -7.89
N CYS A 543 -27.65 -13.81 -7.63
CA CYS A 543 -26.53 -14.56 -8.20
C CYS A 543 -27.08 -15.65 -9.11
N LYS A 544 -26.17 -16.34 -9.80
CA LYS A 544 -26.55 -17.29 -10.83
C LYS A 544 -27.14 -18.56 -10.23
N GLU A 545 -27.74 -19.37 -11.11
CA GLU A 545 -28.36 -20.62 -10.68
C GLU A 545 -27.34 -21.66 -10.27
N ASN A 546 -26.09 -21.54 -10.72
CA ASN A 546 -25.00 -22.41 -10.31
C ASN A 546 -24.07 -21.74 -9.32
N GLU A 547 -24.48 -20.61 -8.74
CA GLU A 547 -23.66 -19.85 -7.81
C GLU A 547 -24.35 -19.79 -6.46
N TYR A 548 -23.67 -20.24 -5.41
CA TYR A 548 -24.19 -20.20 -4.06
C TYR A 548 -23.64 -19.00 -3.31
N VAL A 549 -24.36 -18.58 -2.27
CA VAL A 549 -23.95 -17.45 -1.45
C VAL A 549 -22.83 -17.92 -0.53
N PHE A 550 -21.62 -17.40 -0.75
CA PHE A 550 -20.46 -17.73 0.08
C PHE A 550 -20.02 -16.56 0.93
N ASP A 551 -19.78 -15.40 0.32
CA ASP A 551 -19.40 -14.20 1.05
C ASP A 551 -20.60 -13.27 1.19
N GLU A 552 -20.44 -12.25 2.04
CA GLU A 552 -21.49 -11.26 2.22
C GLU A 552 -21.59 -10.31 1.03
N TYR A 553 -20.54 -10.22 0.21
CA TYR A 553 -20.55 -9.37 -0.97
C TYR A 553 -20.12 -10.15 -2.22
N THR A 554 -20.13 -11.48 -2.16
CA THR A 554 -19.68 -12.29 -3.30
C THR A 554 -20.35 -13.65 -3.23
N CYS A 555 -20.62 -14.22 -4.41
CA CYS A 555 -21.16 -15.56 -4.54
C CYS A 555 -20.13 -16.45 -5.21
N LYS A 556 -19.86 -17.60 -4.60
CA LYS A 556 -19.02 -18.61 -5.23
C LYS A 556 -19.86 -19.50 -6.11
N ALA A 557 -19.32 -19.87 -7.27
CA ALA A 557 -20.04 -20.67 -8.25
C ALA A 557 -19.67 -22.14 -8.11
N CYS A 558 -20.67 -23.01 -8.27
CA CYS A 558 -20.42 -24.43 -8.26
C CYS A 558 -19.73 -24.87 -9.54
N GLN A 559 -19.08 -26.03 -9.48
CA GLN A 559 -18.36 -26.55 -10.63
C GLN A 559 -19.33 -27.19 -11.62
N LEU A 560 -18.75 -27.70 -12.72
CA LEU A 560 -19.54 -28.40 -13.73
C LEU A 560 -20.03 -29.73 -13.17
N GLY A 561 -21.34 -29.93 -13.21
CA GLY A 561 -21.95 -31.07 -12.57
C GLY A 561 -22.40 -30.82 -11.14
N SER A 562 -22.23 -29.60 -10.64
CA SER A 562 -22.65 -29.24 -9.30
C SER A 562 -23.55 -28.01 -9.37
N TRP A 563 -24.50 -27.93 -8.44
CA TRP A 563 -25.43 -26.82 -8.37
C TRP A 563 -25.91 -26.71 -6.93
N PRO A 564 -26.16 -25.47 -6.43
CA PRO A 564 -26.32 -25.27 -4.98
C PRO A 564 -27.57 -25.89 -4.36
N THR A 565 -27.70 -25.77 -3.04
CA THR A 565 -28.85 -26.27 -2.33
C THR A 565 -29.96 -25.22 -2.33
N ASP A 566 -31.00 -25.45 -1.54
CA ASP A 566 -32.12 -24.52 -1.49
C ASP A 566 -31.78 -23.24 -0.71
N ASP A 567 -30.77 -23.29 0.15
CA ASP A 567 -30.36 -22.13 0.93
C ASP A 567 -29.09 -21.49 0.38
N LEU A 568 -28.62 -21.94 -0.79
CA LEU A 568 -27.37 -21.49 -1.43
C LEU A 568 -26.17 -21.64 -0.49
N THR A 569 -26.12 -22.77 0.20
CA THR A 569 -25.06 -23.04 1.18
C THR A 569 -23.83 -23.63 0.52
N GLY A 570 -24.00 -24.76 -0.18
CA GLY A 570 -22.89 -25.41 -0.84
C GLY A 570 -23.20 -25.77 -2.28
N CYS A 571 -22.98 -27.04 -2.64
CA CYS A 571 -23.27 -27.53 -3.98
C CYS A 571 -23.87 -28.92 -3.86
N ASP A 572 -24.53 -29.36 -4.94
CA ASP A 572 -25.12 -30.68 -5.00
C ASP A 572 -24.88 -31.27 -6.38
N LEU A 573 -24.52 -32.56 -6.42
CA LEU A 573 -24.26 -33.22 -7.69
C LEU A 573 -25.54 -33.78 -8.27
N ILE A 574 -25.69 -33.62 -9.59
CA ILE A 574 -26.87 -34.11 -10.30
C ILE A 574 -26.73 -35.61 -10.50
N PRO A 575 -27.80 -36.39 -10.35
CA PRO A 575 -27.70 -37.84 -10.53
C PRO A 575 -27.61 -38.22 -12.01
N VAL A 576 -27.13 -39.45 -12.23
CA VAL A 576 -26.95 -39.97 -13.56
C VAL A 576 -28.04 -41.00 -13.86
N GLN A 577 -28.09 -41.45 -15.11
CA GLN A 577 -29.15 -42.34 -15.58
C GLN A 577 -28.67 -43.79 -15.58
N TYR A 578 -29.55 -44.69 -15.14
CA TYR A 578 -29.27 -46.12 -15.20
C TYR A 578 -29.65 -46.71 -16.56
N LEU A 579 -30.59 -46.05 -17.26
CA LEU A 579 -30.99 -46.34 -18.64
C LEU A 579 -31.55 -47.75 -18.81
N ARG A 580 -32.27 -48.25 -17.80
CA ARG A 580 -32.96 -49.53 -17.93
C ARG A 580 -34.20 -49.47 -17.03
N TRP A 581 -35.35 -49.18 -17.63
CA TRP A 581 -36.63 -49.16 -16.93
C TRP A 581 -37.71 -49.61 -17.90
N GLY A 582 -38.96 -49.30 -17.57
CA GLY A 582 -40.07 -49.45 -18.50
C GLY A 582 -40.29 -48.21 -19.33
N ASP A 583 -39.20 -47.53 -19.68
CA ASP A 583 -39.18 -46.35 -20.53
C ASP A 583 -39.67 -46.74 -21.92
N PRO A 584 -40.71 -46.08 -22.47
CA PRO A 584 -41.30 -46.55 -23.74
C PRO A 584 -40.40 -46.41 -24.96
N GLU A 585 -39.35 -45.60 -24.92
CA GLU A 585 -38.49 -45.48 -26.10
C GLU A 585 -37.46 -46.63 -26.22
N PRO A 586 -36.72 -47.05 -25.19
CA PRO A 586 -35.85 -48.23 -25.40
C PRO A 586 -36.56 -49.56 -25.28
N ILE A 587 -37.81 -49.61 -24.80
CA ILE A 587 -38.49 -50.89 -24.68
C ILE A 587 -38.88 -51.42 -26.07
N ALA A 588 -39.01 -50.54 -27.06
CA ALA A 588 -39.21 -50.98 -28.44
C ALA A 588 -37.95 -51.69 -28.96
N ALA A 589 -36.77 -51.17 -28.61
CA ALA A 589 -35.52 -51.83 -28.97
C ALA A 589 -35.35 -53.15 -28.23
N VAL A 590 -35.80 -53.22 -26.97
CA VAL A 590 -35.72 -54.46 -26.21
C VAL A 590 -36.63 -55.53 -26.81
N VAL A 591 -37.88 -55.16 -27.14
CA VAL A 591 -38.82 -56.10 -27.76
C VAL A 591 -38.33 -56.49 -29.15
N PHE A 592 -37.69 -55.57 -29.87
CA PHE A 592 -37.18 -55.87 -31.20
C PHE A 592 -35.99 -56.82 -31.12
N ALA A 593 -35.14 -56.66 -30.11
CA ALA A 593 -34.03 -57.60 -29.91
C ALA A 593 -34.54 -58.97 -29.48
N CYS A 594 -35.61 -59.00 -28.68
CA CYS A 594 -36.21 -60.29 -28.31
C CYS A 594 -36.83 -60.98 -29.52
N LEU A 595 -37.46 -60.21 -30.41
CA LEU A 595 -38.00 -60.78 -31.64
C LEU A 595 -36.89 -61.29 -32.56
N GLY A 596 -35.76 -60.58 -32.59
CA GLY A 596 -34.62 -61.07 -33.36
C GLY A 596 -34.03 -62.35 -32.80
N LEU A 597 -33.89 -62.42 -31.46
CA LEU A 597 -33.37 -63.64 -30.84
C LEU A 597 -34.36 -64.79 -30.93
N LEU A 598 -35.65 -64.50 -31.06
CA LEU A 598 -36.63 -65.56 -31.30
C LEU A 598 -36.59 -66.03 -32.75
N ALA A 599 -36.45 -65.10 -33.71
CA ALA A 599 -36.36 -65.47 -35.11
C ALA A 599 -35.07 -66.20 -35.44
N THR A 600 -34.01 -65.96 -34.66
CA THR A 600 -32.76 -66.73 -34.83
C THR A 600 -32.99 -68.22 -34.58
N LEU A 601 -33.64 -68.56 -33.47
CA LEU A 601 -33.98 -69.95 -33.20
C LEU A 601 -35.15 -70.45 -34.03
N PHE A 602 -35.95 -69.55 -34.62
CA PHE A 602 -36.94 -69.97 -35.61
C PHE A 602 -36.25 -70.49 -36.87
N VAL A 603 -35.22 -69.77 -37.34
CA VAL A 603 -34.47 -70.23 -38.50
C VAL A 603 -33.58 -71.43 -38.16
N THR A 604 -33.06 -71.50 -36.94
CA THR A 604 -32.07 -72.51 -36.55
C THR A 604 -32.61 -73.93 -36.46
N VAL A 605 -33.90 -74.15 -36.72
CA VAL A 605 -34.44 -75.51 -36.70
C VAL A 605 -34.29 -76.18 -38.06
N VAL A 606 -34.54 -75.44 -39.13
CA VAL A 606 -34.76 -76.04 -40.45
C VAL A 606 -33.48 -76.17 -41.26
N PHE A 607 -32.32 -75.97 -40.63
CA PHE A 607 -31.07 -76.37 -41.28
C PHE A 607 -30.09 -77.12 -40.39
N ILE A 608 -30.16 -76.98 -39.06
CA ILE A 608 -29.30 -77.78 -38.21
C ILE A 608 -29.82 -79.21 -38.12
N ILE A 609 -31.12 -79.36 -37.84
CA ILE A 609 -31.74 -80.68 -37.91
C ILE A 609 -31.83 -81.15 -39.36
N TYR A 610 -32.17 -80.24 -40.27
CA TYR A 610 -32.22 -80.55 -41.70
C TYR A 610 -30.87 -80.32 -42.36
N ARG A 611 -29.84 -80.96 -41.82
CA ARG A 611 -28.48 -80.78 -42.31
C ARG A 611 -28.14 -81.69 -43.50
N ASP A 612 -29.10 -82.48 -43.99
CA ASP A 612 -28.87 -83.39 -45.10
C ASP A 612 -29.79 -83.11 -46.29
N THR A 613 -30.66 -82.11 -46.20
CA THR A 613 -31.52 -81.76 -47.32
C THR A 613 -30.70 -81.08 -48.41
N PRO A 614 -30.80 -81.53 -49.67
CA PRO A 614 -29.95 -80.95 -50.74
C PRO A 614 -30.24 -79.49 -51.09
N VAL A 615 -31.28 -78.88 -50.52
CA VAL A 615 -31.46 -77.44 -50.65
C VAL A 615 -30.34 -76.71 -49.91
N VAL A 616 -29.92 -77.23 -48.76
CA VAL A 616 -28.89 -76.60 -47.95
C VAL A 616 -27.52 -77.27 -48.11
N LYS A 617 -27.48 -78.47 -48.70
CA LYS A 617 -26.20 -79.13 -48.96
C LYS A 617 -25.39 -78.38 -50.02
N SER A 618 -26.07 -77.90 -51.07
CA SER A 618 -25.40 -77.07 -52.07
C SER A 618 -25.08 -75.68 -51.54
N SER A 619 -25.86 -75.18 -50.57
CA SER A 619 -25.59 -73.89 -49.97
C SER A 619 -24.42 -74.00 -48.99
N SER A 620 -23.86 -72.85 -48.64
CA SER A 620 -22.73 -72.80 -47.72
C SER A 620 -23.20 -73.11 -46.31
N ARG A 621 -22.77 -74.24 -45.77
CA ARG A 621 -23.23 -74.68 -44.46
C ARG A 621 -22.37 -74.15 -43.31
N GLU A 622 -21.18 -73.64 -43.60
CA GLU A 622 -20.37 -72.97 -42.58
C GLU A 622 -20.43 -71.46 -42.70
N LEU A 623 -20.47 -70.92 -43.93
CA LEU A 623 -20.45 -69.48 -44.11
C LEU A 623 -21.76 -68.84 -43.65
N CYS A 624 -22.89 -69.48 -43.97
CA CYS A 624 -24.17 -68.98 -43.46
C CYS A 624 -24.28 -69.16 -41.95
N TYR A 625 -23.59 -70.16 -41.39
CA TYR A 625 -23.53 -70.31 -39.94
C TYR A 625 -22.74 -69.17 -39.30
N ILE A 626 -21.64 -68.76 -39.92
CA ILE A 626 -20.85 -67.63 -39.43
C ILE A 626 -21.64 -66.33 -39.57
N ILE A 627 -22.40 -66.19 -40.66
CA ILE A 627 -23.25 -65.01 -40.85
C ILE A 627 -24.36 -64.97 -39.80
N LEU A 628 -24.97 -66.12 -39.50
CA LEU A 628 -25.99 -66.20 -38.46
C LEU A 628 -25.43 -65.92 -37.08
N ALA A 629 -24.18 -66.34 -36.82
CA ALA A 629 -23.52 -66.00 -35.58
C ALA A 629 -23.24 -64.50 -35.47
N GLY A 630 -22.87 -63.88 -36.59
CA GLY A 630 -22.67 -62.43 -36.58
C GLY A 630 -23.96 -61.67 -36.36
N ILE A 631 -25.06 -62.18 -36.92
CA ILE A 631 -26.38 -61.58 -36.68
C ILE A 631 -26.78 -61.77 -35.22
N CYS A 632 -26.43 -62.92 -34.62
CA CYS A 632 -26.73 -63.15 -33.21
C CYS A 632 -25.92 -62.22 -32.31
N LEU A 633 -24.66 -61.97 -32.65
CA LEU A 633 -23.87 -60.99 -31.89
C LEU A 633 -24.37 -59.57 -32.11
N GLY A 634 -24.88 -59.26 -33.30
CA GLY A 634 -25.50 -57.96 -33.52
C GLY A 634 -26.79 -57.78 -32.74
N TYR A 635 -27.51 -58.89 -32.50
CA TYR A 635 -28.67 -58.84 -31.61
C TYR A 635 -28.23 -58.71 -30.16
N LEU A 636 -27.11 -59.33 -29.80
CA LEU A 636 -26.61 -59.24 -28.43
C LEU A 636 -26.01 -57.87 -28.12
N CYS A 637 -25.61 -57.12 -29.15
CA CYS A 637 -25.13 -55.75 -28.94
C CYS A 637 -26.20 -54.82 -28.39
N THR A 638 -27.48 -55.11 -28.64
CA THR A 638 -28.56 -54.32 -28.05
C THR A 638 -28.61 -54.51 -26.54
N PHE A 639 -28.46 -55.75 -26.08
CA PHE A 639 -28.42 -56.01 -24.64
C PHE A 639 -27.12 -55.51 -24.02
N CYS A 640 -26.02 -55.57 -24.77
CA CYS A 640 -24.74 -55.09 -24.23
C CYS A 640 -24.70 -53.57 -24.15
N LEU A 641 -25.40 -52.88 -25.04
CA LEU A 641 -25.37 -51.41 -25.03
C LEU A 641 -26.35 -50.84 -24.01
N ILE A 642 -27.58 -51.35 -23.99
CA ILE A 642 -28.60 -50.85 -23.05
C ILE A 642 -28.45 -51.70 -21.79
N ALA A 643 -27.52 -51.28 -20.93
CA ALA A 643 -27.24 -51.97 -19.69
C ALA A 643 -26.65 -50.96 -18.70
N LYS A 644 -26.10 -51.46 -17.61
CA LYS A 644 -25.45 -50.59 -16.64
C LYS A 644 -24.03 -50.25 -17.11
N PRO A 645 -23.68 -48.97 -17.23
CA PRO A 645 -22.33 -48.62 -17.66
C PRO A 645 -21.27 -48.91 -16.61
N LYS A 646 -20.47 -49.94 -16.85
CA LYS A 646 -19.40 -50.36 -15.95
C LYS A 646 -18.10 -50.47 -16.74
N GLN A 647 -17.04 -50.89 -16.05
CA GLN A 647 -15.74 -51.02 -16.70
C GLN A 647 -15.69 -52.20 -17.66
N ILE A 648 -16.54 -53.20 -17.48
CA ILE A 648 -16.57 -54.34 -18.38
C ILE A 648 -17.70 -54.22 -19.38
N TYR A 649 -18.82 -53.63 -18.98
CA TYR A 649 -20.00 -53.59 -19.84
C TYR A 649 -19.82 -52.62 -21.00
N CYS A 650 -19.08 -51.52 -20.78
CA CYS A 650 -18.80 -50.60 -21.87
C CYS A 650 -17.87 -51.22 -22.91
N TYR A 651 -16.89 -51.99 -22.46
CA TYR A 651 -15.99 -52.68 -23.38
C TYR A 651 -16.73 -53.79 -24.13
N LEU A 652 -17.63 -54.50 -23.46
CA LEU A 652 -18.41 -55.54 -24.13
C LEU A 652 -19.44 -54.93 -25.08
N GLN A 653 -19.88 -53.69 -24.82
CA GLN A 653 -20.76 -53.02 -25.75
C GLN A 653 -19.99 -52.52 -26.97
N ARG A 654 -18.76 -52.05 -26.77
CA ARG A 654 -17.98 -51.46 -27.84
C ARG A 654 -17.18 -52.47 -28.65
N ILE A 655 -17.03 -53.71 -28.17
CA ILE A 655 -16.33 -54.72 -28.96
C ILE A 655 -17.21 -55.26 -30.09
N GLY A 656 -18.53 -55.27 -29.90
CA GLY A 656 -19.39 -55.93 -30.87
C GLY A 656 -19.80 -55.06 -32.04
N ILE A 657 -19.75 -53.73 -31.89
CA ILE A 657 -20.24 -52.82 -32.91
C ILE A 657 -19.37 -52.89 -34.16
N GLY A 658 -18.06 -53.04 -33.99
CA GLY A 658 -17.18 -53.21 -35.13
C GLY A 658 -17.21 -54.60 -35.71
N LEU A 659 -17.44 -55.63 -34.89
CA LEU A 659 -17.24 -57.00 -35.33
C LEU A 659 -18.50 -57.59 -35.96
N SER A 660 -19.67 -57.31 -35.41
CA SER A 660 -20.87 -58.02 -35.83
C SER A 660 -21.38 -57.72 -37.25
N PRO A 661 -21.21 -56.52 -37.86
CA PRO A 661 -21.46 -56.45 -39.31
C PRO A 661 -20.27 -56.95 -40.12
N ALA A 662 -19.08 -56.92 -39.52
CA ALA A 662 -17.87 -57.29 -40.25
C ALA A 662 -17.82 -58.79 -40.52
N MET A 663 -18.06 -59.61 -39.49
CA MET A 663 -18.10 -61.05 -39.69
C MET A 663 -19.35 -61.49 -40.44
N SER A 664 -20.40 -60.66 -40.46
CA SER A 664 -21.56 -60.97 -41.28
C SER A 664 -21.29 -60.70 -42.75
N TYR A 665 -20.51 -59.67 -43.05
CA TYR A 665 -20.23 -59.31 -44.43
C TYR A 665 -19.03 -60.04 -45.01
N SER A 666 -18.13 -60.56 -44.16
CA SER A 666 -16.92 -61.21 -44.65
C SER A 666 -17.24 -62.53 -45.34
N ALA A 667 -18.06 -63.37 -44.71
CA ALA A 667 -18.48 -64.61 -45.36
C ALA A 667 -19.38 -64.35 -46.56
N LEU A 668 -20.13 -63.24 -46.53
CA LEU A 668 -20.96 -62.85 -47.67
C LEU A 668 -20.11 -62.52 -48.89
N VAL A 669 -19.09 -61.67 -48.71
CA VAL A 669 -18.23 -61.32 -49.83
C VAL A 669 -17.31 -62.50 -50.21
N THR A 670 -17.02 -63.39 -49.26
CA THR A 670 -16.23 -64.59 -49.57
C THR A 670 -17.01 -65.55 -50.46
N LYS A 671 -18.29 -65.76 -50.17
CA LYS A 671 -19.13 -66.57 -51.04
C LYS A 671 -19.42 -65.86 -52.36
N THR A 672 -19.49 -64.52 -52.33
CA THR A 672 -19.78 -63.76 -53.53
C THR A 672 -18.59 -63.74 -54.50
N ASN A 673 -17.37 -63.85 -53.98
CA ASN A 673 -16.17 -63.80 -54.81
C ASN A 673 -16.05 -65.01 -55.72
N ARG A 674 -16.60 -66.16 -55.31
CA ARG A 674 -16.50 -67.39 -56.08
C ARG A 674 -17.66 -67.60 -57.04
N ILE A 675 -18.27 -66.51 -57.53
CA ILE A 675 -19.35 -66.63 -58.50
C ILE A 675 -18.80 -66.47 -59.91
N ALA A 696 -9.10 -73.66 -53.73
CA ALA A 696 -10.33 -74.43 -53.54
C ALA A 696 -10.43 -74.94 -52.11
N CYS A 697 -9.49 -74.52 -51.26
CA CYS A 697 -9.45 -74.94 -49.86
C CYS A 697 -9.24 -73.76 -48.92
N ALA A 698 -9.59 -72.55 -49.35
CA ALA A 698 -9.41 -71.35 -48.54
C ALA A 698 -10.75 -70.69 -48.25
N GLN A 699 -11.83 -71.50 -48.30
CA GLN A 699 -13.17 -70.99 -48.06
C GLN A 699 -13.35 -70.54 -46.61
N LEU A 700 -12.79 -71.29 -45.67
CA LEU A 700 -12.80 -70.89 -44.27
C LEU A 700 -11.54 -70.11 -43.89
N VAL A 701 -10.75 -69.69 -44.87
CA VAL A 701 -9.51 -68.97 -44.61
C VAL A 701 -9.62 -67.50 -45.02
N ILE A 702 -10.23 -67.22 -46.17
CA ILE A 702 -10.37 -65.85 -46.64
C ILE A 702 -11.32 -65.06 -45.75
N ALA A 703 -12.47 -65.65 -45.40
CA ALA A 703 -13.40 -65.01 -44.48
C ALA A 703 -12.80 -64.88 -43.08
N PHE A 704 -12.00 -65.85 -42.66
CA PHE A 704 -11.32 -65.76 -41.36
C PHE A 704 -10.30 -64.62 -41.35
N ILE A 705 -9.57 -64.42 -42.44
CA ILE A 705 -8.63 -63.31 -42.52
C ILE A 705 -9.36 -61.97 -42.55
N LEU A 706 -10.50 -61.92 -43.24
CA LEU A 706 -11.28 -60.68 -43.27
C LEU A 706 -11.88 -60.37 -41.90
N ILE A 707 -12.22 -61.39 -41.11
CA ILE A 707 -12.64 -61.16 -39.72
C ILE A 707 -11.46 -60.69 -38.88
N CYS A 708 -10.28 -61.29 -39.09
CA CYS A 708 -9.09 -60.94 -38.30
C CYS A 708 -8.60 -59.53 -38.60
N ILE A 709 -8.90 -59.00 -39.79
CA ILE A 709 -8.58 -57.60 -40.09
C ILE A 709 -9.30 -56.65 -39.13
N GLN A 710 -10.64 -56.79 -39.03
CA GLN A 710 -11.40 -55.97 -38.09
C GLN A 710 -11.06 -56.31 -36.64
N LEU A 711 -10.67 -57.55 -36.36
CA LEU A 711 -10.23 -57.92 -35.02
C LEU A 711 -8.96 -57.17 -34.63
N GLY A 712 -7.98 -57.12 -35.54
CA GLY A 712 -6.79 -56.33 -35.29
C GLY A 712 -7.05 -54.83 -35.21
N ILE A 713 -8.00 -54.34 -36.01
CA ILE A 713 -8.36 -52.92 -35.96
C ILE A 713 -8.98 -52.56 -34.61
N ILE A 714 -9.90 -53.39 -34.12
CA ILE A 714 -10.55 -53.08 -32.84
C ILE A 714 -9.61 -53.32 -31.66
N VAL A 715 -8.64 -54.24 -31.78
CA VAL A 715 -7.64 -54.38 -30.73
C VAL A 715 -6.71 -53.17 -30.70
N ALA A 716 -6.30 -52.67 -31.88
CA ALA A 716 -5.50 -51.46 -31.93
C ALA A 716 -6.25 -50.23 -31.45
N LEU A 717 -7.58 -50.20 -31.62
CA LEU A 717 -8.38 -49.12 -31.06
C LEU A 717 -8.45 -49.22 -29.54
N PHE A 718 -8.70 -50.41 -29.01
CA PHE A 718 -8.85 -50.56 -27.56
C PHE A 718 -7.54 -50.50 -26.80
N ILE A 719 -6.40 -50.67 -27.48
CA ILE A 719 -5.12 -50.37 -26.84
C ILE A 719 -4.99 -48.88 -26.58
N MET A 720 -5.34 -48.05 -27.58
CA MET A 720 -5.25 -46.61 -27.41
C MET A 720 -6.35 -46.07 -26.49
N GLU A 721 -7.52 -46.70 -26.49
CA GLU A 721 -8.63 -46.23 -25.66
C GLU A 721 -8.97 -47.28 -24.61
N PRO A 722 -8.57 -47.08 -23.35
CA PRO A 722 -9.00 -47.98 -22.27
C PRO A 722 -10.48 -47.82 -22.00
N PRO A 723 -11.14 -48.83 -21.42
CA PRO A 723 -12.57 -48.69 -21.09
C PRO A 723 -12.81 -47.71 -19.94
N ASP A 724 -13.46 -46.59 -20.27
CA ASP A 724 -13.73 -45.52 -19.31
C ASP A 724 -15.23 -45.25 -19.28
N ILE A 725 -15.68 -44.70 -18.15
CA ILE A 725 -17.09 -44.37 -17.95
C ILE A 725 -17.14 -42.88 -17.68
N MET A 726 -17.59 -42.11 -18.67
CA MET A 726 -17.62 -40.67 -18.58
C MET A 726 -19.03 -40.18 -18.27
N HIS A 727 -19.16 -38.88 -18.06
CA HIS A 727 -20.45 -38.24 -17.78
C HIS A 727 -20.71 -37.18 -18.85
N ASP A 728 -21.78 -37.36 -19.61
CA ASP A 728 -22.17 -36.37 -20.60
C ASP A 728 -22.76 -35.15 -19.89
N TYR A 729 -22.37 -33.96 -20.37
CA TYR A 729 -22.78 -32.68 -19.79
C TYR A 729 -23.52 -31.87 -20.84
N PRO A 730 -24.83 -32.15 -21.05
CA PRO A 730 -25.58 -31.35 -22.01
C PRO A 730 -25.92 -29.96 -21.51
N SER A 731 -25.96 -29.75 -20.20
CA SER A 731 -26.24 -28.45 -19.61
C SER A 731 -25.57 -28.40 -18.24
N ILE A 732 -25.86 -27.35 -17.48
CA ILE A 732 -25.31 -27.22 -16.13
C ILE A 732 -26.12 -27.97 -15.09
N ARG A 733 -27.28 -28.49 -15.45
CA ARG A 733 -28.17 -29.16 -14.51
C ARG A 733 -28.41 -30.63 -14.85
N GLU A 734 -27.78 -31.15 -15.90
CA GLU A 734 -27.98 -32.53 -16.33
C GLU A 734 -26.64 -33.22 -16.44
N VAL A 735 -26.48 -34.34 -15.73
CA VAL A 735 -25.29 -35.16 -15.80
C VAL A 735 -25.71 -36.58 -16.17
N TYR A 736 -25.24 -37.06 -17.32
CA TYR A 736 -25.60 -38.37 -17.81
C TYR A 736 -24.53 -39.39 -17.43
N LEU A 737 -24.64 -40.60 -17.98
CA LEU A 737 -23.73 -41.70 -17.66
C LEU A 737 -23.40 -42.42 -18.96
N ILE A 738 -22.28 -42.06 -19.57
CA ILE A 738 -21.88 -42.60 -20.87
C ILE A 738 -20.61 -43.43 -20.70
N CYS A 739 -20.20 -44.08 -21.80
CA CYS A 739 -19.00 -44.89 -21.83
C CYS A 739 -17.88 -44.12 -22.54
N ASN A 740 -16.77 -44.79 -22.79
CA ASN A 740 -15.63 -44.19 -23.50
C ASN A 740 -15.89 -44.33 -25.00
N THR A 741 -16.73 -43.43 -25.51
CA THR A 741 -17.12 -43.41 -26.92
C THR A 741 -16.54 -42.16 -27.57
N THR A 742 -15.43 -42.32 -28.26
CA THR A 742 -14.79 -41.22 -28.95
C THR A 742 -15.18 -41.22 -30.43
N ASN A 743 -14.95 -40.08 -31.09
CA ASN A 743 -15.24 -39.96 -32.51
C ASN A 743 -14.35 -40.85 -33.36
N LEU A 744 -13.10 -41.08 -32.93
CA LEU A 744 -12.23 -42.02 -33.62
C LEU A 744 -12.78 -43.45 -33.52
N GLY A 745 -13.18 -43.85 -32.32
CA GLY A 745 -13.79 -45.14 -32.08
C GLY A 745 -15.15 -45.34 -32.70
N VAL A 746 -15.82 -44.26 -33.08
CA VAL A 746 -17.04 -44.33 -33.89
C VAL A 746 -16.72 -44.48 -35.37
N VAL A 747 -15.84 -43.61 -35.89
CA VAL A 747 -15.61 -43.54 -37.34
C VAL A 747 -14.79 -44.73 -37.85
N THR A 748 -13.80 -45.21 -37.07
CA THR A 748 -12.88 -46.27 -37.51
C THR A 748 -13.56 -47.61 -37.86
N PRO A 749 -14.54 -48.15 -37.10
CA PRO A 749 -15.26 -49.31 -37.64
C PRO A 749 -16.24 -48.95 -38.74
N LEU A 750 -16.75 -47.70 -38.76
CA LEU A 750 -17.64 -47.28 -39.84
C LEU A 750 -16.91 -47.22 -41.17
N GLY A 751 -15.62 -46.89 -41.16
CA GLY A 751 -14.84 -46.92 -42.38
C GLY A 751 -14.67 -48.31 -42.95
N TYR A 752 -14.44 -49.30 -42.07
CA TYR A 752 -14.33 -50.68 -42.55
C TYR A 752 -15.69 -51.21 -42.99
N ASN A 753 -16.77 -50.79 -42.33
CA ASN A 753 -18.11 -51.17 -42.78
C ASN A 753 -18.43 -50.57 -44.15
N GLY A 754 -18.04 -49.32 -44.38
CA GLY A 754 -18.23 -48.72 -45.68
C GLY A 754 -17.34 -49.32 -46.76
N LEU A 755 -16.15 -49.79 -46.38
CA LEU A 755 -15.29 -50.48 -47.31
C LEU A 755 -15.87 -51.84 -47.69
N LEU A 756 -16.50 -52.52 -46.73
CA LEU A 756 -17.15 -53.80 -47.03
C LEU A 756 -18.39 -53.62 -47.89
N ILE A 757 -19.25 -52.66 -47.57
CA ILE A 757 -20.56 -52.60 -48.19
C ILE A 757 -20.49 -52.14 -49.65
N LEU A 758 -19.54 -51.28 -50.00
CA LEU A 758 -19.38 -50.85 -51.39
C LEU A 758 -18.84 -51.97 -52.27
N SER A 759 -17.89 -52.75 -51.75
CA SER A 759 -17.37 -53.90 -52.49
C SER A 759 -18.45 -54.98 -52.65
N CYS A 760 -19.27 -55.18 -51.61
CA CYS A 760 -20.35 -56.15 -51.71
C CYS A 760 -21.42 -55.70 -52.70
N THR A 761 -21.72 -54.39 -52.73
CA THR A 761 -22.68 -53.87 -53.70
C THR A 761 -22.16 -53.96 -55.12
N PHE A 762 -20.86 -53.68 -55.33
CA PHE A 762 -20.25 -53.80 -56.64
C PHE A 762 -20.18 -55.24 -57.12
N TYR A 763 -20.01 -56.19 -56.19
CA TYR A 763 -20.02 -57.59 -56.57
C TYR A 763 -21.43 -58.11 -56.82
N ALA A 764 -22.42 -57.61 -56.06
CA ALA A 764 -23.80 -58.06 -56.25
C ALA A 764 -24.39 -57.49 -57.54
N PHE A 765 -24.01 -56.27 -57.91
CA PHE A 765 -24.51 -55.70 -59.16
C PHE A 765 -23.92 -56.43 -60.37
N LYS A 766 -22.74 -57.03 -60.21
CA LYS A 766 -22.19 -57.86 -61.29
C LYS A 766 -22.79 -59.25 -61.29
N THR A 767 -23.00 -59.85 -60.12
CA THR A 767 -23.45 -61.23 -60.01
C THR A 767 -24.94 -61.35 -59.69
N ARG A 768 -25.72 -60.33 -60.04
CA ARG A 768 -27.17 -60.36 -59.86
C ARG A 768 -27.91 -61.28 -60.83
N ASN A 769 -27.22 -61.97 -61.72
CA ASN A 769 -27.84 -62.88 -62.68
C ASN A 769 -27.47 -64.33 -62.38
N VAL A 770 -27.33 -64.67 -61.11
CA VAL A 770 -27.01 -66.03 -60.69
C VAL A 770 -28.26 -66.68 -60.12
N PRO A 771 -28.87 -67.64 -60.81
CA PRO A 771 -30.12 -68.23 -60.31
C PRO A 771 -29.92 -69.32 -59.27
N ALA A 772 -28.66 -69.67 -58.99
CA ALA A 772 -28.33 -70.83 -58.18
C ALA A 772 -28.78 -70.68 -56.73
N ASN A 773 -28.87 -71.83 -56.05
CA ASN A 773 -29.36 -71.97 -54.68
C ASN A 773 -30.74 -71.37 -54.50
N PHE A 774 -31.61 -71.65 -55.49
CA PHE A 774 -33.02 -71.23 -55.53
C PHE A 774 -33.15 -69.71 -55.47
N ASN A 775 -32.56 -69.04 -56.46
CA ASN A 775 -32.48 -67.57 -56.57
C ASN A 775 -31.83 -66.96 -55.32
N GLU A 776 -30.56 -67.31 -55.09
CA GLU A 776 -29.86 -66.78 -53.93
C GLU A 776 -29.37 -65.36 -54.19
N ALA A 777 -28.82 -65.10 -55.38
CA ALA A 777 -28.18 -63.82 -55.67
C ALA A 777 -29.19 -62.69 -55.76
N LYS A 778 -30.43 -62.98 -56.17
CA LYS A 778 -31.47 -61.97 -56.18
C LYS A 778 -31.82 -61.51 -54.77
N TYR A 779 -31.91 -62.46 -53.83
CA TYR A 779 -32.13 -62.11 -52.43
C TYR A 779 -30.93 -61.39 -51.84
N ILE A 780 -29.71 -61.77 -52.25
CA ILE A 780 -28.50 -61.07 -51.81
C ILE A 780 -28.52 -59.61 -52.25
N ALA A 781 -28.85 -59.37 -53.52
CA ALA A 781 -28.92 -58.01 -54.04
C ALA A 781 -30.04 -57.22 -53.38
N PHE A 782 -31.19 -57.85 -53.14
CA PHE A 782 -32.31 -57.18 -52.49
C PHE A 782 -32.01 -56.84 -51.04
N THR A 783 -31.19 -57.66 -50.38
CA THR A 783 -30.70 -57.31 -49.05
C THR A 783 -29.72 -56.14 -49.11
N MET A 784 -28.83 -56.17 -50.11
CA MET A 784 -27.75 -55.17 -50.14
C MET A 784 -28.25 -53.80 -50.56
N TYR A 785 -29.29 -53.71 -51.41
CA TYR A 785 -29.85 -52.40 -51.75
C TYR A 785 -30.52 -51.74 -50.55
N THR A 786 -30.99 -52.54 -49.58
CA THR A 786 -31.56 -51.99 -48.36
C THR A 786 -30.46 -51.61 -47.36
N THR A 787 -29.42 -52.45 -47.25
CA THR A 787 -28.34 -52.15 -46.31
C THR A 787 -27.51 -50.95 -46.76
N CYS A 788 -27.39 -50.71 -48.07
CA CYS A 788 -26.71 -49.51 -48.54
C CYS A 788 -27.47 -48.23 -48.21
N ILE A 789 -28.78 -48.33 -47.99
CA ILE A 789 -29.53 -47.17 -47.51
C ILE A 789 -29.40 -47.05 -46.00
N ILE A 790 -29.46 -48.19 -45.29
CA ILE A 790 -29.46 -48.18 -43.83
C ILE A 790 -28.13 -47.69 -43.28
N TRP A 791 -27.01 -48.27 -43.75
CA TRP A 791 -25.70 -47.90 -43.24
C TRP A 791 -25.23 -46.54 -43.75
N LEU A 792 -25.92 -45.94 -44.71
CA LEU A 792 -25.66 -44.57 -45.12
C LEU A 792 -26.50 -43.57 -44.34
N ALA A 793 -27.75 -43.91 -44.00
CA ALA A 793 -28.57 -43.03 -43.19
C ALA A 793 -28.26 -43.14 -41.70
N PHE A 794 -27.48 -44.14 -41.29
CA PHE A 794 -27.09 -44.25 -39.89
C PHE A 794 -26.21 -43.08 -39.42
N VAL A 795 -25.41 -42.51 -40.32
CA VAL A 795 -24.41 -41.51 -39.95
C VAL A 795 -25.01 -40.16 -39.49
N PRO A 796 -25.94 -39.50 -40.21
CA PRO A 796 -26.41 -38.19 -39.69
C PRO A 796 -27.32 -38.33 -38.47
N ILE A 797 -28.12 -39.39 -38.39
CA ILE A 797 -28.99 -39.58 -37.24
C ILE A 797 -28.17 -39.87 -35.98
N TYR A 798 -27.03 -40.57 -36.12
CA TYR A 798 -26.15 -40.77 -34.99
C TYR A 798 -25.37 -39.51 -34.64
N PHE A 799 -24.97 -38.72 -35.65
CA PHE A 799 -24.21 -37.50 -35.40
C PHE A 799 -25.10 -36.31 -35.07
N GLY A 800 -26.41 -36.50 -35.01
CA GLY A 800 -27.31 -35.43 -34.62
C GLY A 800 -27.61 -35.40 -33.14
N SER A 801 -28.80 -35.86 -32.75
CA SER A 801 -29.28 -35.73 -31.38
C SER A 801 -28.54 -36.69 -30.43
N ASN A 802 -28.90 -36.62 -29.16
CA ASN A 802 -28.25 -37.40 -28.10
C ASN A 802 -28.84 -38.80 -27.97
N TYR A 803 -28.92 -39.52 -29.08
CA TYR A 803 -29.48 -40.87 -29.12
C TYR A 803 -28.39 -41.91 -29.36
N LYS A 804 -27.22 -41.75 -28.75
CA LYS A 804 -26.07 -42.61 -29.04
C LYS A 804 -26.24 -44.03 -28.53
N ILE A 805 -27.19 -44.26 -27.64
CA ILE A 805 -27.57 -45.62 -27.27
C ILE A 805 -28.79 -46.08 -28.05
N ILE A 806 -29.75 -45.17 -28.25
CA ILE A 806 -31.04 -45.53 -28.84
C ILE A 806 -30.91 -45.88 -30.32
N THR A 807 -30.23 -45.02 -31.08
CA THR A 807 -30.00 -45.28 -32.50
C THR A 807 -29.07 -46.47 -32.70
N MET A 808 -28.12 -46.67 -31.79
CA MET A 808 -27.22 -47.82 -31.88
C MET A 808 -27.96 -49.12 -31.63
N CYS A 809 -28.90 -49.13 -30.69
CA CYS A 809 -29.71 -50.32 -30.47
C CYS A 809 -30.75 -50.51 -31.56
N PHE A 810 -31.18 -49.42 -32.20
CA PHE A 810 -32.12 -49.55 -33.30
C PHE A 810 -31.46 -50.11 -34.55
N SER A 811 -30.50 -49.37 -35.12
CA SER A 811 -30.14 -49.54 -36.52
C SER A 811 -29.31 -50.78 -36.78
N VAL A 812 -28.46 -51.19 -35.82
CA VAL A 812 -27.68 -52.41 -36.00
C VAL A 812 -28.59 -53.63 -35.99
N SER A 813 -29.54 -53.67 -35.05
CA SER A 813 -30.55 -54.71 -35.03
C SER A 813 -31.46 -54.65 -36.25
N LEU A 814 -31.73 -53.45 -36.76
CA LEU A 814 -32.51 -53.31 -38.00
C LEU A 814 -31.77 -53.88 -39.20
N SER A 815 -30.45 -53.61 -39.29
CA SER A 815 -29.66 -54.14 -40.39
C SER A 815 -29.55 -55.66 -40.31
N ALA A 816 -29.37 -56.20 -39.10
CA ALA A 816 -29.36 -57.64 -38.92
C ALA A 816 -30.73 -58.27 -39.20
N THR A 817 -31.82 -57.57 -38.88
CA THR A 817 -33.15 -58.08 -39.16
C THR A 817 -33.46 -58.05 -40.65
N VAL A 818 -32.97 -57.05 -41.37
CA VAL A 818 -33.08 -57.03 -42.83
C VAL A 818 -32.26 -58.16 -43.43
N ALA A 819 -31.02 -58.34 -42.96
CA ALA A 819 -30.15 -59.42 -43.44
C ALA A 819 -30.66 -60.80 -43.08
N LEU A 820 -31.53 -60.91 -42.09
CA LEU A 820 -32.31 -62.13 -41.86
C LEU A 820 -33.51 -62.24 -42.79
N GLY A 821 -34.43 -61.28 -42.75
CA GLY A 821 -35.73 -61.40 -43.39
C GLY A 821 -35.72 -61.23 -44.89
N CYS A 822 -34.61 -60.82 -45.49
CA CYS A 822 -34.51 -60.74 -46.93
C CYS A 822 -33.51 -61.72 -47.52
N MET A 823 -32.78 -62.45 -46.69
CA MET A 823 -31.79 -63.42 -47.14
C MET A 823 -32.09 -64.84 -46.69
N PHE A 824 -32.33 -65.05 -45.40
CA PHE A 824 -32.54 -66.38 -44.86
C PHE A 824 -34.00 -66.77 -44.76
N VAL A 825 -34.88 -65.81 -44.51
CA VAL A 825 -36.33 -66.06 -44.46
C VAL A 825 -36.89 -66.34 -45.86
N PRO A 826 -36.48 -65.66 -46.96
CA PRO A 826 -36.81 -66.21 -48.27
C PRO A 826 -36.07 -67.50 -48.60
N LYS A 827 -34.94 -67.79 -47.94
CA LYS A 827 -34.26 -69.05 -48.17
C LYS A 827 -34.99 -70.21 -47.50
N VAL A 828 -35.78 -69.93 -46.47
CA VAL A 828 -36.60 -70.95 -45.81
C VAL A 828 -38.07 -70.79 -46.12
N TYR A 829 -38.43 -69.85 -47.00
CA TYR A 829 -39.80 -69.74 -47.47
C TYR A 829 -40.18 -70.92 -48.36
N ILE A 830 -39.19 -71.52 -49.03
CA ILE A 830 -39.41 -72.70 -49.86
C ILE A 830 -39.08 -73.95 -49.05
N ILE A 831 -39.02 -73.81 -47.73
CA ILE A 831 -38.73 -74.91 -46.83
C ILE A 831 -39.84 -75.10 -45.79
N LEU A 832 -40.15 -74.05 -45.04
CA LEU A 832 -41.16 -74.11 -43.99
C LEU A 832 -42.55 -73.76 -44.51
N ALA A 833 -42.68 -72.62 -45.18
CA ALA A 833 -43.97 -72.25 -45.79
C ALA A 833 -44.29 -73.14 -46.98
N LYS A 834 -43.27 -73.60 -47.71
CA LYS A 834 -43.44 -74.58 -48.78
C LYS A 834 -42.70 -75.84 -48.37
N PRO A 835 -43.39 -76.85 -47.84
CA PRO A 835 -42.71 -78.05 -47.35
C PRO A 835 -42.22 -79.01 -48.44
N GLU A 836 -42.33 -78.63 -49.72
CA GLU A 836 -41.89 -79.51 -50.80
C GLU A 836 -40.37 -79.59 -50.89
N ARG A 837 -39.68 -78.53 -50.49
CA ARG A 837 -38.23 -78.44 -50.55
C ARG A 837 -37.67 -78.06 -49.18
N ASN A 838 -38.12 -78.78 -48.15
CA ASN A 838 -37.72 -78.51 -46.77
C ASN A 838 -36.24 -78.77 -46.48
N ARG B 32 20.68 35.96 45.64
CA ARG B 32 20.87 35.99 44.20
C ARG B 32 21.56 37.26 43.74
N VAL B 33 22.37 37.15 42.69
CA VAL B 33 23.12 38.26 42.16
C VAL B 33 22.60 38.59 40.77
N VAL B 34 22.86 39.82 40.33
CA VAL B 34 22.45 40.28 39.00
C VAL B 34 23.41 41.38 38.56
N ALA B 35 23.85 41.30 37.31
CA ALA B 35 24.58 42.39 36.68
C ALA B 35 23.61 43.22 35.87
N HIS B 36 23.54 44.52 36.15
CA HIS B 36 22.49 45.37 35.63
C HIS B 36 23.07 46.54 34.85
N MET B 37 22.41 46.88 33.74
CA MET B 37 22.65 48.11 33.01
C MET B 37 21.35 48.88 32.96
N PRO B 38 21.33 50.15 33.32
CA PRO B 38 20.12 50.95 33.14
C PRO B 38 19.92 51.33 31.69
N GLY B 39 18.68 51.66 31.35
CA GLY B 39 18.37 52.05 30.00
C GLY B 39 16.88 52.04 29.74
N ASP B 40 16.52 52.37 28.51
CA ASP B 40 15.12 52.44 28.11
C ASP B 40 14.54 51.05 27.94
N ILE B 41 15.09 50.27 27.02
CA ILE B 41 14.65 48.89 26.77
C ILE B 41 15.71 47.96 27.36
N ILE B 42 15.28 47.14 28.31
CA ILE B 42 16.18 46.23 29.03
C ILE B 42 16.03 44.84 28.45
N ILE B 43 17.15 44.24 28.06
CA ILE B 43 17.17 42.90 27.48
C ILE B 43 18.02 42.02 28.39
N GLY B 44 17.40 41.03 29.02
CA GLY B 44 18.10 40.14 29.92
C GLY B 44 18.92 39.10 29.19
N ALA B 45 19.56 38.24 29.97
CA ALA B 45 20.36 37.15 29.43
C ALA B 45 20.50 36.07 30.48
N LEU B 46 20.77 34.86 30.00
CA LEU B 46 21.07 33.71 30.87
C LEU B 46 22.39 33.12 30.38
N PHE B 47 23.45 33.36 31.12
CA PHE B 47 24.78 32.87 30.78
C PHE B 47 25.25 31.87 31.83
N SER B 48 25.96 30.84 31.39
CA SER B 48 26.45 29.80 32.28
C SER B 48 27.69 30.31 33.00
N VAL B 49 27.46 31.15 34.02
CA VAL B 49 28.56 31.74 34.76
C VAL B 49 29.22 30.69 35.65
N HIS B 50 28.44 30.03 36.49
CA HIS B 50 28.98 29.01 37.37
C HIS B 50 28.86 27.63 36.74
N HIS B 51 29.58 26.68 37.32
CA HIS B 51 29.43 25.29 36.92
C HIS B 51 28.11 24.74 37.44
N GLN B 52 27.71 23.59 36.90
CA GLN B 52 26.44 23.01 37.26
C GLN B 52 26.49 22.44 38.68
N PRO B 53 25.39 22.52 39.41
CA PRO B 53 25.35 21.92 40.74
C PRO B 53 25.29 20.40 40.67
N THR B 54 25.64 19.77 41.78
CA THR B 54 25.65 18.31 41.86
C THR B 54 24.24 17.81 42.18
N VAL B 55 24.12 16.51 42.47
CA VAL B 55 22.83 15.92 42.79
C VAL B 55 22.36 16.33 44.19
N ASP B 56 23.29 16.71 45.07
CA ASP B 56 22.95 17.15 46.41
C ASP B 56 22.69 18.65 46.48
N LYS B 57 22.77 19.36 45.36
CA LYS B 57 22.54 20.80 45.33
C LYS B 57 21.41 21.19 44.38
N VAL B 58 20.58 20.24 44.00
CA VAL B 58 19.44 20.57 43.14
C VAL B 58 18.33 21.24 43.94
N HIS B 59 18.30 21.03 45.25
CA HIS B 59 17.31 21.67 46.11
C HIS B 59 17.87 22.89 46.83
N GLU B 60 19.18 22.91 47.07
CA GLU B 60 19.82 24.05 47.73
C GLU B 60 20.32 25.09 46.75
N ARG B 61 20.36 24.75 45.44
CA ARG B 61 20.80 25.64 44.36
C ARG B 61 22.23 26.15 44.57
N LYS B 62 23.09 25.26 45.07
CA LYS B 62 24.50 25.58 45.29
C LYS B 62 25.25 25.31 43.98
N CYS B 63 25.43 26.36 43.19
CA CYS B 63 26.07 26.25 41.90
C CYS B 63 27.57 25.98 42.05
N GLY B 64 28.17 25.50 40.97
CA GLY B 64 29.57 25.12 40.97
C GLY B 64 30.51 26.31 40.82
N ALA B 65 31.74 25.99 40.43
CA ALA B 65 32.77 27.01 40.27
C ALA B 65 32.49 27.86 39.04
N VAL B 66 33.09 29.06 39.03
CA VAL B 66 32.84 30.03 37.98
C VAL B 66 33.49 29.57 36.68
N ARG B 67 32.69 29.43 35.63
CA ARG B 67 33.17 29.05 34.32
C ARG B 67 33.67 30.30 33.59
N GLU B 68 34.92 30.26 33.15
CA GLU B 68 35.55 31.47 32.61
C GLU B 68 35.10 31.75 31.18
N GLN B 69 35.20 30.76 30.30
CA GLN B 69 35.01 30.99 28.88
C GLN B 69 33.55 31.18 28.53
N TYR B 70 32.69 30.25 28.96
CA TYR B 70 31.27 30.35 28.66
C TYR B 70 30.56 31.38 29.52
N GLY B 71 31.20 31.84 30.60
CA GLY B 71 30.53 32.66 31.59
C GLY B 71 30.83 34.14 31.49
N ILE B 72 31.79 34.58 32.32
CA ILE B 72 32.05 36.01 32.54
C ILE B 72 32.54 36.71 31.28
N GLN B 73 33.14 35.96 30.35
CA GLN B 73 33.54 36.53 29.08
C GLN B 73 32.32 36.94 28.26
N ARG B 74 31.29 36.10 28.22
CA ARG B 74 30.05 36.47 27.54
C ARG B 74 29.34 37.62 28.25
N VAL B 75 29.46 37.69 29.58
CA VAL B 75 28.82 38.76 30.35
C VAL B 75 29.45 40.10 30.00
N GLU B 76 30.79 40.18 30.06
CA GLU B 76 31.47 41.42 29.72
C GLU B 76 31.35 41.73 28.24
N ALA B 77 31.21 40.70 27.40
CA ALA B 77 30.97 40.92 25.97
C ALA B 77 29.62 41.58 25.74
N MET B 78 28.59 41.13 26.45
CA MET B 78 27.27 41.74 26.29
C MET B 78 27.23 43.15 26.87
N LEU B 79 27.95 43.36 27.99
CA LEU B 79 28.02 44.69 28.59
C LEU B 79 28.69 45.69 27.65
N HIS B 80 29.85 45.34 27.12
CA HIS B 80 30.54 46.23 26.19
C HIS B 80 29.84 46.32 24.84
N THR B 81 29.10 45.29 24.44
CA THR B 81 28.37 45.35 23.17
C THR B 81 27.17 46.28 23.28
N LEU B 82 26.48 46.27 24.42
CA LEU B 82 25.41 47.24 24.62
C LEU B 82 25.96 48.64 24.87
N GLU B 83 27.17 48.74 25.44
CA GLU B 83 27.82 50.05 25.54
C GLU B 83 28.18 50.59 24.16
N ARG B 84 28.55 49.69 23.24
CA ARG B 84 28.85 50.11 21.87
C ARG B 84 27.58 50.45 21.11
N ILE B 85 26.51 49.68 21.31
CA ILE B 85 25.26 49.92 20.61
C ILE B 85 24.56 51.16 21.13
N ASN B 86 24.77 51.50 22.40
CA ASN B 86 24.29 52.77 22.91
C ASN B 86 25.11 53.94 22.41
N SER B 87 26.36 53.69 22.00
CA SER B 87 27.24 54.72 21.47
C SER B 87 27.24 54.77 19.95
N ASP B 88 26.46 53.93 19.29
CA ASP B 88 26.38 53.92 17.83
C ASP B 88 25.04 54.48 17.39
N PRO B 89 24.98 55.70 16.88
CA PRO B 89 23.70 56.30 16.49
C PRO B 89 23.11 55.80 15.18
N THR B 90 23.68 54.74 14.58
CA THR B 90 23.11 54.20 13.35
C THR B 90 21.80 53.50 13.61
N LEU B 91 21.73 52.67 14.65
CA LEU B 91 20.52 52.00 15.07
C LEU B 91 20.20 52.38 16.51
N LEU B 92 18.90 52.65 16.77
CA LEU B 92 18.35 53.07 18.06
C LEU B 92 19.03 54.32 18.57
N PRO B 93 18.77 55.50 17.97
CA PRO B 93 19.56 56.70 18.30
C PRO B 93 19.36 57.24 19.72
N ASN B 94 18.11 57.44 20.14
CA ASN B 94 17.80 58.01 21.44
C ASN B 94 17.18 56.96 22.35
N ILE B 95 17.65 55.72 22.23
CA ILE B 95 17.19 54.61 23.05
C ILE B 95 18.40 53.96 23.69
N THR B 96 18.46 53.98 25.02
CA THR B 96 19.54 53.32 25.74
C THR B 96 19.11 51.89 26.06
N LEU B 97 19.89 50.92 25.60
CA LEU B 97 19.56 49.50 25.74
C LEU B 97 20.30 48.95 26.97
N GLY B 98 19.60 48.89 28.09
CA GLY B 98 20.15 48.30 29.29
C GLY B 98 20.00 46.79 29.29
N CYS B 99 20.46 46.17 30.38
CA CYS B 99 20.38 44.73 30.50
C CYS B 99 20.25 44.33 31.96
N GLU B 100 19.80 43.10 32.17
CA GLU B 100 19.74 42.48 33.48
C GLU B 100 20.33 41.08 33.33
N ILE B 101 21.58 40.92 33.71
CA ILE B 101 22.31 39.67 33.48
C ILE B 101 22.15 38.80 34.71
N ARG B 102 21.56 37.62 34.53
CA ARG B 102 21.39 36.67 35.61
C ARG B 102 21.99 35.33 35.21
N ASP B 103 22.49 34.62 36.21
CA ASP B 103 23.20 33.36 35.99
C ASP B 103 22.21 32.27 35.60
N SER B 104 22.70 31.29 34.85
CA SER B 104 21.92 30.11 34.52
C SER B 104 22.47 28.83 35.12
N CYS B 105 23.76 28.79 35.46
CA CYS B 105 24.46 27.68 36.13
C CYS B 105 24.38 26.37 35.37
N TRP B 106 24.13 26.40 34.05
CA TRP B 106 24.09 25.27 33.13
C TRP B 106 22.96 24.27 33.44
N HIS B 107 22.17 24.51 34.47
CA HIS B 107 21.14 23.59 34.92
C HIS B 107 19.77 24.17 34.59
N SER B 108 18.80 23.28 34.38
CA SER B 108 17.49 23.70 33.91
C SER B 108 16.73 24.48 34.99
N ALA B 109 16.76 23.99 36.24
CA ALA B 109 15.92 24.54 37.28
C ALA B 109 16.35 25.95 37.68
N VAL B 110 17.66 26.20 37.72
CA VAL B 110 18.16 27.52 38.11
C VAL B 110 17.81 28.55 37.03
N ALA B 111 17.93 28.15 35.76
CA ALA B 111 17.55 29.03 34.66
C ALA B 111 16.05 29.29 34.67
N LEU B 112 15.26 28.29 35.05
CA LEU B 112 13.82 28.51 35.20
C LEU B 112 13.51 29.47 36.33
N GLU B 113 14.25 29.38 37.44
CA GLU B 113 14.04 30.32 38.56
C GLU B 113 14.36 31.74 38.15
N GLN B 114 15.47 31.93 37.43
CA GLN B 114 15.83 33.28 37.02
C GLN B 114 14.88 33.80 35.92
N SER B 115 14.28 32.90 35.15
CA SER B 115 13.27 33.33 34.19
C SER B 115 11.97 33.70 34.89
N ILE B 116 11.66 33.05 36.01
CA ILE B 116 10.54 33.47 36.86
C ILE B 116 10.81 34.87 37.41
N GLU B 117 12.06 35.14 37.78
CA GLU B 117 12.43 36.49 38.21
C GLU B 117 12.26 37.50 37.08
N PHE B 118 12.64 37.12 35.85
CA PHE B 118 12.43 37.95 34.67
C PHE B 118 10.96 38.28 34.45
N ILE B 119 10.11 37.25 34.51
CA ILE B 119 8.71 37.48 34.18
C ILE B 119 7.99 38.22 35.29
N ARG B 120 8.37 38.05 36.56
CA ARG B 120 7.72 38.85 37.58
C ARG B 120 8.23 40.29 37.55
N ASP B 121 9.47 40.51 37.12
CA ASP B 121 9.93 41.88 36.89
C ASP B 121 9.13 42.53 35.76
N SER B 122 8.83 41.76 34.72
CA SER B 122 7.96 42.24 33.64
C SER B 122 6.55 42.55 34.14
N LEU B 123 6.03 41.70 35.02
CA LEU B 123 4.67 41.90 35.50
C LEU B 123 4.55 43.05 36.48
N ILE B 124 5.56 43.28 37.32
CA ILE B 124 5.50 44.44 38.20
C ILE B 124 5.78 45.72 37.42
N SER B 125 6.52 45.64 36.31
CA SER B 125 6.60 46.79 35.41
C SER B 125 5.28 47.06 34.71
N SER B 126 4.52 46.00 34.39
CA SER B 126 3.21 46.20 33.78
C SER B 126 2.21 46.75 34.79
N GLU B 127 2.33 46.34 36.05
CA GLU B 127 1.41 46.83 37.08
C GLU B 127 1.73 48.27 37.47
N GLU B 128 3.00 48.55 37.77
CA GLU B 128 3.42 49.89 38.16
C GLU B 128 3.47 50.80 36.93
N SER B 142 10.62 50.03 48.97
CA SER B 142 11.91 49.35 48.78
C SER B 142 12.01 48.75 47.38
N PHE B 143 12.91 49.32 46.58
CA PHE B 143 13.20 48.91 45.20
C PHE B 143 11.94 48.95 44.32
N ARG B 144 11.42 50.16 44.16
CA ARG B 144 10.22 50.39 43.36
C ARG B 144 10.53 50.63 41.88
N SER B 145 11.77 50.40 41.45
CA SER B 145 12.13 50.63 40.06
C SER B 145 11.59 49.51 39.18
N LYS B 146 10.91 49.90 38.10
CA LYS B 146 10.35 48.94 37.15
C LYS B 146 11.37 48.62 36.06
N LYS B 147 11.22 47.43 35.49
CA LYS B 147 12.13 46.96 34.45
C LYS B 147 11.42 45.96 33.55
N PRO B 148 10.81 46.41 32.45
CA PRO B 148 10.10 45.49 31.56
C PRO B 148 11.07 44.67 30.72
N ILE B 149 11.17 43.37 31.02
CA ILE B 149 12.04 42.50 30.25
C ILE B 149 11.40 42.23 28.90
N VAL B 150 12.08 42.65 27.83
CA VAL B 150 11.57 42.52 26.48
C VAL B 150 12.11 41.27 25.80
N GLY B 151 13.44 41.14 25.74
CA GLY B 151 14.07 39.98 25.18
C GLY B 151 15.04 39.35 26.17
N VAL B 152 15.48 38.15 25.84
CA VAL B 152 16.42 37.41 26.67
C VAL B 152 17.24 36.50 25.76
N ILE B 153 18.51 36.32 26.10
CA ILE B 153 19.47 35.62 25.25
C ILE B 153 20.05 34.45 26.03
N GLY B 154 20.01 33.27 25.42
CA GLY B 154 20.61 32.10 26.02
C GLY B 154 19.56 31.14 26.57
N PRO B 155 20.00 30.12 27.31
CA PRO B 155 21.39 29.78 27.63
C PRO B 155 22.05 28.92 26.56
N GLY B 156 23.14 28.27 26.94
CA GLY B 156 23.92 27.50 25.99
C GLY B 156 23.36 26.13 25.67
N SER B 157 23.01 25.37 26.69
CA SER B 157 22.55 23.99 26.49
C SER B 157 21.18 23.97 25.84
N SER B 158 21.04 23.16 24.79
CA SER B 158 19.75 23.01 24.13
C SER B 158 18.75 22.29 25.02
N SER B 159 19.24 21.39 25.89
CA SER B 159 18.36 20.69 26.83
C SER B 159 17.81 21.62 27.91
N VAL B 160 18.44 22.76 28.14
CA VAL B 160 17.92 23.76 29.05
C VAL B 160 17.06 24.79 28.31
N ALA B 161 17.48 25.17 27.10
CA ALA B 161 16.70 26.11 26.30
C ALA B 161 15.36 25.53 25.88
N ILE B 162 15.28 24.21 25.70
CA ILE B 162 14.01 23.58 25.40
C ILE B 162 13.07 23.63 26.62
N GLN B 163 13.62 23.76 27.83
CA GLN B 163 12.77 23.97 29.00
C GLN B 163 12.39 25.43 29.13
N VAL B 164 13.31 26.33 28.78
CA VAL B 164 13.06 27.76 28.90
C VAL B 164 12.01 28.23 27.89
N GLN B 165 11.98 27.62 26.70
CA GLN B 165 11.01 28.01 25.68
C GLN B 165 9.59 27.67 26.09
N ASN B 166 9.39 26.56 26.79
CA ASN B 166 8.06 26.19 27.26
C ASN B 166 7.53 27.16 28.30
N LEU B 167 8.41 27.89 28.96
CA LEU B 167 8.04 29.00 29.83
C LEU B 167 7.83 30.30 29.07
N LEU B 168 8.65 30.55 28.04
CA LEU B 168 8.61 31.85 27.37
C LEU B 168 7.56 31.96 26.27
N GLN B 169 7.00 30.84 25.80
CA GLN B 169 5.90 30.92 24.83
C GLN B 169 4.67 31.54 25.45
N LEU B 170 4.46 31.32 26.74
CA LEU B 170 3.23 31.70 27.41
C LEU B 170 3.15 33.19 27.68
N PHE B 171 4.22 33.93 27.44
CA PHE B 171 4.37 35.28 27.95
C PHE B 171 4.70 36.29 26.86
N ASN B 172 4.71 35.87 25.59
CA ASN B 172 5.00 36.71 24.42
C ASN B 172 6.37 37.37 24.53
N ILE B 173 7.36 36.59 24.95
CA ILE B 173 8.74 37.05 25.05
C ILE B 173 9.58 36.21 24.09
N PRO B 174 10.09 36.78 23.01
CA PRO B 174 10.96 36.01 22.12
C PRO B 174 12.35 35.84 22.73
N GLN B 175 13.04 34.80 22.27
CA GLN B 175 14.33 34.44 22.83
C GLN B 175 15.21 33.93 21.72
N ILE B 176 16.45 34.40 21.68
CA ILE B 176 17.43 34.01 20.66
C ILE B 176 18.60 33.35 21.36
N ALA B 177 18.90 32.12 20.98
CA ALA B 177 19.99 31.36 21.58
C ALA B 177 21.27 31.51 20.77
N TYR B 178 22.36 30.99 21.32
CA TYR B 178 23.65 31.07 20.66
C TYR B 178 24.45 29.78 20.71
N SER B 179 23.94 28.73 21.35
CA SER B 179 24.64 27.45 21.35
C SER B 179 23.73 26.25 21.20
N ALA B 180 22.42 26.44 21.13
CA ALA B 180 21.51 25.32 20.95
C ALA B 180 21.55 24.84 19.51
N THR B 181 21.80 23.55 19.33
CA THR B 181 21.97 22.99 17.99
C THR B 181 20.94 21.92 17.66
N SER B 182 19.99 21.64 18.55
CA SER B 182 19.06 20.54 18.31
C SER B 182 18.03 20.93 17.27
N MET B 183 17.80 20.04 16.31
CA MET B 183 16.96 20.34 15.17
C MET B 183 15.47 20.23 15.46
N ASP B 184 15.08 19.66 16.60
CA ASP B 184 13.67 19.67 16.97
C ASP B 184 13.21 21.05 17.43
N LEU B 185 14.16 21.93 17.76
CA LEU B 185 13.87 23.30 18.13
C LEU B 185 13.48 24.16 16.95
N SER B 186 13.67 23.67 15.71
CA SER B 186 13.23 24.42 14.55
C SER B 186 11.73 24.36 14.34
N ASP B 187 11.04 23.42 14.98
CA ASP B 187 9.61 23.25 14.82
C ASP B 187 8.88 24.38 15.54
N LYS B 188 8.56 25.45 14.81
CA LYS B 188 7.85 26.57 15.39
C LYS B 188 6.36 26.35 15.54
N THR B 189 5.85 25.17 15.15
CA THR B 189 4.52 24.79 15.57
C THR B 189 4.48 24.61 17.08
N LEU B 190 5.54 24.04 17.65
CA LEU B 190 5.67 23.90 19.09
C LEU B 190 6.54 24.96 19.73
N PHE B 191 7.49 25.52 18.99
CA PHE B 191 8.58 26.35 19.53
C PHE B 191 8.62 27.69 18.81
N LYS B 192 7.46 28.36 18.81
CA LYS B 192 7.25 29.58 18.03
C LYS B 192 8.22 30.71 18.37
N TYR B 193 8.59 30.86 19.64
CA TYR B 193 9.37 32.00 20.10
C TYR B 193 10.85 31.66 20.29
N PHE B 194 11.39 30.80 19.44
CA PHE B 194 12.79 30.37 19.55
C PHE B 194 13.50 30.62 18.24
N MET B 195 14.54 31.45 18.26
CA MET B 195 15.29 31.82 17.08
C MET B 195 16.77 31.55 17.34
N ARG B 196 17.51 31.27 16.27
CA ARG B 196 18.92 30.92 16.41
C ARG B 196 19.77 31.71 15.44
N VAL B 197 20.91 32.19 15.94
CA VAL B 197 21.94 32.81 15.11
C VAL B 197 23.00 31.76 14.82
N VAL B 198 22.73 30.51 15.22
CA VAL B 198 23.62 29.40 14.94
C VAL B 198 22.86 28.36 14.11
N PRO B 199 23.53 27.62 13.23
CA PRO B 199 22.84 26.58 12.46
C PRO B 199 22.59 25.34 13.31
N SER B 200 21.60 24.57 12.88
CA SER B 200 21.23 23.35 13.57
C SER B 200 22.19 22.22 13.20
N ASP B 201 21.95 21.05 13.78
CA ASP B 201 22.72 19.87 13.40
C ASP B 201 22.28 19.31 12.05
N ALA B 202 21.10 19.71 11.58
CA ALA B 202 20.64 19.28 10.27
C ALA B 202 21.53 19.85 9.17
N GLN B 203 22.03 21.06 9.35
CA GLN B 203 22.96 21.60 8.38
C GLN B 203 24.38 21.07 8.57
N GLN B 204 24.69 20.46 9.72
CA GLN B 204 25.91 19.67 9.81
C GLN B 204 25.78 18.39 9.00
N ALA B 205 24.64 17.71 9.14
CA ALA B 205 24.39 16.50 8.36
C ALA B 205 24.29 16.80 6.87
N ARG B 206 23.83 17.99 6.51
CA ARG B 206 23.76 18.39 5.11
C ARG B 206 25.15 18.51 4.51
N ALA B 207 26.09 19.13 5.23
CA ALA B 207 27.46 19.24 4.73
C ALA B 207 28.17 17.89 4.73
N MET B 208 27.85 17.03 5.71
CA MET B 208 28.42 15.69 5.70
C MET B 208 27.88 14.84 4.56
N VAL B 209 26.65 15.10 4.12
CA VAL B 209 26.15 14.46 2.91
C VAL B 209 26.83 15.03 1.68
N ASP B 210 27.02 16.36 1.66
CA ASP B 210 27.54 17.03 0.46
C ASP B 210 29.00 16.69 0.19
N ILE B 211 29.81 16.49 1.23
CA ILE B 211 31.21 16.16 0.97
C ILE B 211 31.34 14.72 0.47
N VAL B 212 30.44 13.84 0.86
CA VAL B 212 30.41 12.49 0.32
C VAL B 212 29.89 12.50 -1.11
N LYS B 213 28.91 13.36 -1.37
CA LYS B 213 28.37 13.54 -2.72
C LYS B 213 29.43 14.06 -3.68
N ARG B 214 30.31 14.94 -3.19
CA ARG B 214 31.39 15.45 -4.04
C ARG B 214 32.44 14.38 -4.32
N TYR B 215 32.63 13.45 -3.38
CA TYR B 215 33.66 12.44 -3.54
C TYR B 215 33.17 11.16 -4.20
N ASN B 216 31.88 11.11 -4.57
CA ASN B 216 31.26 9.97 -5.28
C ASN B 216 31.39 8.67 -4.48
N TRP B 217 30.94 8.70 -3.24
CA TRP B 217 30.98 7.55 -2.35
C TRP B 217 29.56 7.12 -2.03
N THR B 218 29.30 5.81 -2.12
CA THR B 218 27.93 5.34 -2.03
C THR B 218 27.68 4.44 -0.83
N TYR B 219 28.41 3.33 -0.70
CA TYR B 219 28.17 2.38 0.38
C TYR B 219 29.14 2.68 1.51
N VAL B 220 28.71 3.51 2.46
CA VAL B 220 29.53 3.92 3.58
C VAL B 220 28.91 3.39 4.87
N SER B 221 29.69 3.45 5.94
CA SER B 221 29.22 3.12 7.28
C SER B 221 29.12 4.41 8.08
N ALA B 222 28.24 4.40 9.08
CA ALA B 222 28.03 5.58 9.89
C ALA B 222 27.57 5.16 11.28
N VAL B 223 28.21 5.72 12.30
CA VAL B 223 27.85 5.46 13.69
C VAL B 223 27.44 6.78 14.33
N HIS B 224 26.86 6.68 15.53
CA HIS B 224 26.37 7.85 16.23
C HIS B 224 26.26 7.52 17.70
N THR B 225 26.49 8.52 18.55
CA THR B 225 26.36 8.32 19.98
C THR B 225 24.88 8.44 20.39
N GLU B 226 24.60 7.98 21.61
CA GLU B 226 23.26 8.10 22.15
C GLU B 226 23.00 9.53 22.63
N GLY B 227 21.74 9.93 22.57
CA GLY B 227 21.33 11.26 22.98
C GLY B 227 20.73 12.04 21.82
N ASN B 228 20.20 13.22 22.19
CA ASN B 228 19.53 14.07 21.21
C ASN B 228 20.49 14.71 20.22
N TYR B 229 21.77 14.83 20.58
CA TYR B 229 22.75 15.35 19.63
C TYR B 229 23.05 14.33 18.55
N GLY B 230 23.29 13.08 18.94
CA GLY B 230 23.65 12.05 17.99
C GLY B 230 22.49 11.51 17.19
N GLU B 231 21.36 11.27 17.86
CA GLU B 231 20.24 10.56 17.23
C GLU B 231 19.57 11.42 16.17
N SER B 232 19.29 12.69 16.50
CA SER B 232 18.64 13.58 15.54
C SER B 232 19.56 13.87 14.35
N GLY B 233 20.85 14.06 14.62
CA GLY B 233 21.80 14.31 13.54
C GLY B 233 21.96 13.12 12.61
N MET B 234 21.98 11.91 13.18
CA MET B 234 22.04 10.71 12.36
C MET B 234 20.75 10.49 11.59
N GLU B 235 19.60 10.86 12.17
CA GLU B 235 18.33 10.76 11.45
C GLU B 235 18.28 11.72 10.27
N ALA B 236 18.77 12.95 10.46
CA ALA B 236 18.84 13.90 9.35
C ALA B 236 19.86 13.45 8.30
N PHE B 237 20.95 12.83 8.74
CA PHE B 237 21.97 12.34 7.81
C PHE B 237 21.43 11.20 6.97
N LYS B 238 20.75 10.24 7.57
CA LYS B 238 20.19 9.14 6.81
C LYS B 238 18.96 9.54 6.02
N ASP B 239 18.32 10.66 6.38
CA ASP B 239 17.24 11.17 5.54
C ASP B 239 17.78 11.88 4.31
N MET B 240 18.89 12.61 4.46
CA MET B 240 19.47 13.29 3.31
C MET B 240 20.36 12.39 2.46
N SER B 241 20.80 11.25 2.99
CA SER B 241 21.60 10.33 2.19
C SER B 241 20.75 9.56 1.19
N ALA B 242 19.47 9.36 1.51
CA ALA B 242 18.56 8.69 0.58
C ALA B 242 18.22 9.56 -0.62
N LYS B 243 18.44 10.87 -0.52
CA LYS B 243 18.26 11.75 -1.67
C LYS B 243 19.38 11.63 -2.69
N GLU B 244 20.47 10.96 -2.35
CA GLU B 244 21.57 10.73 -3.28
C GLU B 244 21.88 9.25 -3.45
N GLY B 245 21.08 8.37 -2.87
CA GLY B 245 21.32 6.94 -2.98
C GLY B 245 22.52 6.44 -2.21
N ILE B 246 23.01 7.24 -1.26
CA ILE B 246 24.20 6.87 -0.49
C ILE B 246 23.82 5.82 0.54
N CYS B 247 24.33 4.61 0.37
CA CYS B 247 23.96 3.50 1.23
C CYS B 247 24.61 3.64 2.61
N ILE B 248 23.94 3.08 3.60
CA ILE B 248 24.45 2.98 4.96
C ILE B 248 24.42 1.52 5.36
N ALA B 249 25.57 1.01 5.83
CA ALA B 249 25.68 -0.39 6.24
C ALA B 249 24.78 -0.68 7.44
N HIS B 250 25.11 -0.09 8.59
CA HIS B 250 24.30 -0.26 9.79
C HIS B 250 24.71 0.82 10.78
N SER B 251 23.74 1.59 11.26
CA SER B 251 23.99 2.59 12.30
C SER B 251 24.18 1.88 13.64
N TYR B 252 25.21 2.27 14.37
CA TYR B 252 25.56 1.62 15.64
C TYR B 252 25.27 2.61 16.76
N LYS B 253 24.11 2.47 17.38
CA LYS B 253 23.69 3.35 18.47
C LYS B 253 24.46 2.95 19.71
N ILE B 254 25.67 3.47 19.84
CA ILE B 254 26.49 3.20 21.03
C ILE B 254 26.17 4.24 22.10
N TYR B 255 26.62 3.98 23.32
CA TYR B 255 26.40 4.90 24.43
C TYR B 255 27.62 5.79 24.62
N SER B 256 27.44 6.83 25.43
CA SER B 256 28.52 7.78 25.67
C SER B 256 29.62 7.20 26.54
N ASN B 257 29.28 6.20 27.36
CA ASN B 257 30.22 5.57 28.28
C ASN B 257 30.16 4.06 28.13
N ALA B 258 30.20 3.58 26.88
CA ALA B 258 30.20 2.16 26.61
C ALA B 258 31.54 1.54 27.02
N GLY B 259 31.51 0.23 27.25
CA GLY B 259 32.71 -0.46 27.69
C GLY B 259 33.72 -0.63 26.57
N GLU B 260 34.95 -0.95 26.98
CA GLU B 260 36.01 -1.22 26.02
C GLU B 260 35.73 -2.49 25.23
N GLN B 261 35.10 -3.49 25.86
CA GLN B 261 34.66 -4.67 25.13
C GLN B 261 33.51 -4.31 24.19
N SER B 262 32.63 -3.40 24.60
CA SER B 262 31.55 -2.96 23.72
C SER B 262 32.09 -2.15 22.55
N PHE B 263 33.10 -1.32 22.80
CA PHE B 263 33.74 -0.58 21.71
C PHE B 263 34.50 -1.51 20.77
N ASP B 264 35.10 -2.57 21.31
CA ASP B 264 35.78 -3.55 20.47
C ASP B 264 34.78 -4.34 19.63
N LYS B 265 33.60 -4.63 20.21
CA LYS B 265 32.56 -5.31 19.44
C LYS B 265 32.00 -4.41 18.35
N LEU B 266 31.88 -3.11 18.63
CA LEU B 266 31.46 -2.16 17.60
C LEU B 266 32.51 -2.02 16.51
N LEU B 267 33.79 -2.06 16.88
CA LEU B 267 34.85 -1.99 15.90
C LEU B 267 34.90 -3.24 15.03
N LYS B 268 34.64 -4.40 15.64
CA LYS B 268 34.58 -5.65 14.86
C LYS B 268 33.36 -5.67 13.94
N LYS B 269 32.24 -5.13 14.40
CA LYS B 269 31.06 -5.03 13.55
C LYS B 269 31.26 -4.03 12.42
N LEU B 270 32.06 -2.99 12.66
CA LEU B 270 32.39 -2.05 11.58
C LEU B 270 33.36 -2.67 10.59
N THR B 271 34.31 -3.47 11.09
CA THR B 271 35.25 -4.18 10.22
C THR B 271 34.57 -5.29 9.43
N SER B 272 33.42 -5.79 9.92
CA SER B 272 32.64 -6.77 9.17
C SER B 272 32.08 -6.21 7.87
N HIS B 273 31.87 -4.89 7.80
CA HIS B 273 31.47 -4.26 6.55
C HIS B 273 32.66 -3.89 5.66
N LEU B 274 33.86 -3.85 6.22
CA LEU B 274 35.06 -3.58 5.44
C LEU B 274 35.39 -4.78 4.56
N PRO B 275 36.02 -4.56 3.40
CA PRO B 275 36.46 -3.32 2.74
C PRO B 275 35.39 -2.69 1.85
N LYS B 276 34.14 -3.15 1.96
CA LYS B 276 33.08 -2.60 1.14
C LYS B 276 32.72 -1.18 1.57
N ALA B 277 32.90 -0.87 2.85
CA ALA B 277 32.69 0.48 3.37
C ALA B 277 33.94 0.89 4.15
N ARG B 278 34.51 2.03 3.79
CA ARG B 278 35.73 2.53 4.43
C ARG B 278 35.53 3.80 5.23
N VAL B 279 34.69 4.72 4.74
CA VAL B 279 34.44 5.98 5.43
C VAL B 279 33.42 5.76 6.53
N VAL B 280 33.75 6.19 7.74
CA VAL B 280 32.89 6.07 8.90
C VAL B 280 32.49 7.48 9.34
N ALA B 281 31.20 7.78 9.25
CA ALA B 281 30.68 9.10 9.58
C ALA B 281 30.11 9.06 10.99
N CYS B 282 30.74 9.79 11.91
CA CYS B 282 30.33 9.78 13.32
C CYS B 282 29.81 11.16 13.68
N PHE B 283 28.49 11.34 13.56
CA PHE B 283 27.84 12.54 14.10
C PHE B 283 27.69 12.30 15.59
N CYS B 284 28.74 12.66 16.34
CA CYS B 284 28.87 12.20 17.71
C CYS B 284 29.73 13.19 18.50
N GLU B 285 30.04 12.82 19.73
CA GLU B 285 30.83 13.65 20.62
C GLU B 285 32.30 13.27 20.57
N GLY B 286 33.12 14.02 21.31
CA GLY B 286 34.55 13.81 21.27
C GLY B 286 34.99 12.57 22.03
N MET B 287 34.30 12.27 23.13
CA MET B 287 34.60 11.06 23.89
C MET B 287 34.25 9.80 23.11
N THR B 288 33.24 9.90 22.23
CA THR B 288 32.92 8.80 21.32
C THR B 288 34.07 8.50 20.37
N VAL B 289 34.62 9.54 19.75
CA VAL B 289 35.74 9.37 18.83
C VAL B 289 36.99 8.91 19.58
N ARG B 290 37.18 9.38 20.81
CA ARG B 290 38.31 8.93 21.62
C ARG B 290 38.18 7.46 21.99
N GLY B 291 36.96 6.99 22.29
CA GLY B 291 36.75 5.58 22.56
C GLY B 291 36.92 4.73 21.33
N LEU B 292 36.52 5.24 20.17
CA LEU B 292 36.74 4.51 18.92
C LEU B 292 38.23 4.42 18.58
N LEU B 293 38.99 5.46 18.88
CA LEU B 293 40.44 5.39 18.66
C LEU B 293 41.13 4.50 19.69
N MET B 294 40.60 4.42 20.91
CA MET B 294 41.08 3.42 21.86
C MET B 294 40.81 2.01 21.36
N ALA B 295 39.64 1.80 20.75
CA ALA B 295 39.34 0.50 20.17
C ALA B 295 40.21 0.21 18.95
N MET B 296 40.57 1.24 18.18
CA MET B 296 41.44 1.03 17.03
C MET B 296 42.87 0.71 17.46
N ARG B 297 43.34 1.30 18.57
CA ARG B 297 44.65 0.93 19.07
C ARG B 297 44.64 -0.46 19.70
N ARG B 298 43.60 -0.78 20.48
CA ARG B 298 43.51 -2.08 21.12
C ARG B 298 43.26 -3.20 20.12
N LEU B 299 42.69 -2.89 18.95
CA LEU B 299 42.53 -3.87 17.89
C LEU B 299 43.64 -3.82 16.86
N GLY B 300 44.39 -2.73 16.80
CA GLY B 300 45.48 -2.62 15.85
C GLY B 300 45.05 -2.46 14.41
N LEU B 301 43.82 -2.02 14.17
CA LEU B 301 43.30 -1.84 12.82
C LEU B 301 43.47 -0.42 12.31
N ALA B 302 44.50 0.29 12.75
CA ALA B 302 44.70 1.67 12.36
C ALA B 302 45.20 1.76 10.93
N GLY B 303 45.08 2.97 10.36
CA GLY B 303 45.56 3.22 9.02
C GLY B 303 44.67 2.71 7.91
N GLU B 304 43.49 2.21 8.24
CA GLU B 304 42.57 1.68 7.23
C GLU B 304 41.24 2.43 7.20
N PHE B 305 40.62 2.65 8.35
CA PHE B 305 39.30 3.24 8.41
C PHE B 305 39.36 4.75 8.27
N LEU B 306 38.52 5.29 7.39
CA LEU B 306 38.36 6.73 7.27
C LEU B 306 37.27 7.19 8.23
N LEU B 307 37.57 8.20 9.04
CA LEU B 307 36.69 8.65 10.10
C LEU B 307 36.19 10.05 9.77
N LEU B 308 34.95 10.13 9.30
CA LEU B 308 34.27 11.40 9.16
C LEU B 308 33.54 11.71 10.47
N GLY B 309 33.53 12.99 10.84
CA GLY B 309 32.92 13.35 12.10
C GLY B 309 32.28 14.72 12.09
N SER B 310 31.49 14.98 13.12
CA SER B 310 30.90 16.28 13.38
C SER B 310 31.88 17.12 14.21
N ASP B 311 31.38 18.19 14.81
CA ASP B 311 32.22 19.12 15.57
C ASP B 311 32.51 18.65 16.99
N GLY B 312 32.35 17.36 17.30
CA GLY B 312 32.79 16.84 18.58
C GLY B 312 34.29 16.82 18.72
N TRP B 313 35.01 16.75 17.60
CA TRP B 313 36.46 16.81 17.55
C TRP B 313 36.90 17.87 16.53
N ALA B 314 36.25 19.03 16.61
CA ALA B 314 36.51 20.12 15.67
C ALA B 314 37.91 20.70 15.87
N ASP B 315 38.19 21.24 17.04
CA ASP B 315 39.54 21.61 17.45
C ASP B 315 40.04 20.75 18.60
N ARG B 316 39.30 19.69 18.93
CA ARG B 316 39.59 18.86 20.09
C ARG B 316 40.72 17.90 19.75
N TYR B 317 41.95 18.40 19.90
CA TYR B 317 43.12 17.54 19.75
C TYR B 317 43.32 16.63 20.96
N ASP B 318 42.62 16.89 22.07
CA ASP B 318 42.63 15.98 23.21
C ASP B 318 41.96 14.65 22.89
N VAL B 319 41.07 14.63 21.89
CA VAL B 319 40.53 13.37 21.41
C VAL B 319 41.61 12.54 20.74
N THR B 320 42.40 13.16 19.86
CA THR B 320 43.51 12.50 19.21
C THR B 320 44.83 12.68 19.97
N ASP B 321 44.76 12.86 21.28
CA ASP B 321 45.96 13.07 22.08
C ASP B 321 46.70 11.75 22.24
N GLY B 322 47.91 11.67 21.70
CA GLY B 322 48.67 10.45 21.69
C GLY B 322 48.22 9.41 20.70
N TYR B 323 47.24 9.73 19.85
CA TYR B 323 46.67 8.79 18.90
C TYR B 323 46.88 9.26 17.47
N GLN B 324 47.96 10.02 17.25
CA GLN B 324 48.18 10.69 15.97
C GLN B 324 48.53 9.72 14.85
N ARG B 325 49.05 8.54 15.17
CA ARG B 325 49.30 7.54 14.12
C ARG B 325 48.01 6.90 13.65
N GLU B 326 46.98 6.85 14.50
CA GLU B 326 45.73 6.22 14.15
C GLU B 326 44.69 7.20 13.63
N ALA B 327 44.77 8.47 14.02
CA ALA B 327 43.75 9.45 13.68
C ALA B 327 43.99 10.13 12.34
N VAL B 328 45.01 9.72 11.59
CA VAL B 328 45.42 10.46 10.41
C VAL B 328 44.40 10.29 9.29
N GLY B 329 44.11 11.38 8.57
CA GLY B 329 43.20 11.36 7.45
C GLY B 329 41.77 11.74 7.77
N GLY B 330 41.42 11.88 9.05
CA GLY B 330 40.03 12.14 9.41
C GLY B 330 39.60 13.56 9.07
N ILE B 331 38.33 13.71 8.71
CA ILE B 331 37.77 15.00 8.32
C ILE B 331 36.64 15.33 9.28
N THR B 332 36.69 16.54 9.84
CA THR B 332 35.68 17.04 10.75
C THR B 332 35.13 18.37 10.22
N ILE B 333 34.17 18.93 10.95
CA ILE B 333 33.56 20.21 10.62
C ILE B 333 33.65 21.12 11.84
N LYS B 334 33.63 22.43 11.58
CA LYS B 334 33.68 23.41 12.65
C LYS B 334 33.07 24.71 12.16
N LEU B 335 32.29 25.34 13.03
CA LEU B 335 31.79 26.70 12.80
C LEU B 335 32.94 27.69 12.64
N GLN B 336 32.73 28.70 11.80
CA GLN B 336 33.71 29.77 11.68
C GLN B 336 33.73 30.60 12.95
N SER B 337 34.89 30.64 13.60
CA SER B 337 35.07 31.35 14.87
C SER B 337 36.15 32.42 14.70
N PRO B 338 35.80 33.59 14.18
CA PRO B 338 36.78 34.68 14.12
C PRO B 338 36.94 35.32 15.49
N ASP B 339 38.16 35.80 15.74
CA ASP B 339 38.45 36.49 16.98
C ASP B 339 38.15 37.97 16.82
N VAL B 340 37.34 38.50 17.73
CA VAL B 340 36.87 39.88 17.65
C VAL B 340 37.77 40.73 18.53
N LYS B 341 38.39 41.76 17.94
CA LYS B 341 39.30 42.62 18.68
C LYS B 341 38.58 43.59 19.60
N TRP B 342 37.25 43.76 19.41
CA TRP B 342 36.47 44.62 20.28
C TRP B 342 36.49 44.11 21.72
N PHE B 343 36.09 42.85 21.91
CA PHE B 343 36.09 42.26 23.24
C PHE B 343 37.50 42.10 23.79
N ASP B 344 38.49 41.92 22.91
CA ASP B 344 39.87 41.83 23.36
C ASP B 344 40.35 43.13 23.99
N ASP B 345 40.12 44.25 23.28
CA ASP B 345 40.51 45.55 23.82
C ASP B 345 39.64 45.97 24.99
N TYR B 346 38.38 45.51 25.03
CA TYR B 346 37.48 45.87 26.11
C TYR B 346 37.65 44.97 27.33
N TYR B 347 38.34 43.85 27.18
CA TYR B 347 38.49 42.87 28.24
C TYR B 347 39.88 42.84 28.85
N LEU B 348 40.92 43.12 28.07
CA LEU B 348 42.26 43.14 28.64
C LEU B 348 42.50 44.39 29.49
N LYS B 349 41.69 45.43 29.33
CA LYS B 349 41.81 46.65 30.10
C LYS B 349 40.93 46.67 31.35
N LEU B 350 40.50 45.51 31.83
CA LEU B 350 39.60 45.44 32.98
C LEU B 350 40.39 45.22 34.26
N ARG B 351 39.96 45.90 35.32
CA ARG B 351 40.54 45.77 36.65
C ARG B 351 39.44 45.59 37.68
N PRO B 352 39.71 44.83 38.75
CA PRO B 352 38.70 44.68 39.81
C PRO B 352 38.43 45.95 40.57
N GLU B 353 39.40 46.87 40.64
CA GLU B 353 39.14 48.17 41.26
C GLU B 353 38.30 49.07 40.38
N THR B 354 38.18 48.76 39.09
CA THR B 354 37.36 49.53 38.17
C THR B 354 36.04 48.84 37.84
N ASN B 355 36.08 47.54 37.55
CA ASN B 355 34.89 46.79 37.14
C ASN B 355 34.07 46.45 38.38
N HIS B 356 33.33 47.45 38.86
CA HIS B 356 32.37 47.25 39.92
C HIS B 356 30.96 47.00 39.39
N ARG B 357 30.79 47.01 38.06
CA ARG B 357 29.48 46.76 37.47
C ARG B 357 29.13 45.28 37.53
N ASN B 358 30.12 44.41 37.34
CA ASN B 358 29.91 42.98 37.45
C ASN B 358 30.05 42.56 38.91
N PRO B 359 29.00 42.04 39.54
CA PRO B 359 29.09 41.66 40.95
C PRO B 359 29.82 40.36 41.23
N TRP B 360 30.30 39.65 40.20
CA TRP B 360 31.12 38.47 40.45
C TRP B 360 32.45 38.53 39.72
N PHE B 361 32.83 39.71 39.21
CA PHE B 361 34.15 39.87 38.62
C PHE B 361 35.24 39.81 39.69
N GLN B 362 34.95 40.33 40.87
CA GLN B 362 35.90 40.26 41.97
C GLN B 362 36.06 38.84 42.49
N GLU B 363 34.97 38.07 42.49
CA GLU B 363 35.07 36.66 42.84
C GLU B 363 35.82 35.87 41.76
N PHE B 364 35.71 36.31 40.51
CA PHE B 364 36.48 35.68 39.44
C PHE B 364 37.96 35.98 39.59
N TRP B 365 38.30 37.22 39.97
CA TRP B 365 39.69 37.56 40.30
C TRP B 365 40.17 36.79 41.53
N GLN B 366 39.28 36.54 42.47
CA GLN B 366 39.63 35.80 43.70
C GLN B 366 39.95 34.34 43.40
N HIS B 367 39.09 33.68 42.63
CA HIS B 367 39.24 32.24 42.44
C HIS B 367 40.14 31.88 41.26
N ARG B 368 40.06 32.65 40.18
CA ARG B 368 40.75 32.26 38.95
C ARG B 368 42.24 32.48 39.03
N PHE B 369 42.68 33.52 39.74
CA PHE B 369 44.10 33.75 39.99
C PHE B 369 44.55 33.25 41.35
N GLN B 370 43.64 32.64 42.11
CA GLN B 370 43.92 31.92 43.37
C GLN B 370 44.55 32.80 44.43
N CYS B 371 44.32 34.11 44.38
CA CYS B 371 44.89 35.04 45.34
C CYS B 371 43.79 35.73 46.12
N ARG B 372 44.16 36.31 47.25
CA ARG B 372 43.22 36.93 48.18
C ARG B 372 43.38 38.45 48.11
N LEU B 373 42.53 39.09 47.32
CA LEU B 373 42.45 40.55 47.31
C LEU B 373 41.69 41.02 48.53
N GLU B 374 42.42 41.38 49.60
CA GLU B 374 41.78 41.73 50.87
C GLU B 374 41.07 43.08 50.79
N GLY B 375 41.58 43.99 49.94
CA GLY B 375 40.91 45.26 49.76
C GLY B 375 39.61 45.16 48.97
N PHE B 376 39.44 44.09 48.19
CA PHE B 376 38.22 43.89 47.45
C PHE B 376 37.08 43.50 48.40
N PRO B 377 35.83 43.87 48.07
CA PRO B 377 34.70 43.44 48.90
C PRO B 377 34.37 41.96 48.80
N GLN B 378 34.92 41.25 47.82
CA GLN B 378 34.78 39.80 47.71
C GLN B 378 36.01 39.09 48.25
N GLU B 379 36.59 39.61 49.32
CA GLU B 379 37.81 39.06 49.91
C GLU B 379 37.49 37.73 50.59
N ASN B 380 37.78 36.64 49.90
CA ASN B 380 37.57 35.30 50.45
C ASN B 380 38.85 34.80 51.10
N SER B 381 38.70 34.11 52.22
CA SER B 381 39.83 33.56 52.94
C SER B 381 40.27 32.18 52.43
N LYS B 382 39.68 31.71 51.32
CA LYS B 382 40.05 30.40 50.80
C LYS B 382 41.42 30.42 50.13
N TYR B 383 41.82 31.57 49.60
CA TYR B 383 43.12 31.71 48.95
C TYR B 383 44.14 32.22 49.97
N ASN B 384 45.25 31.48 50.09
CA ASN B 384 46.27 31.85 51.07
C ASN B 384 47.15 32.99 50.56
N LYS B 385 47.51 32.96 49.28
CA LYS B 385 48.36 34.00 48.72
C LYS B 385 47.56 35.28 48.49
N THR B 386 48.30 36.39 48.40
CA THR B 386 47.70 37.69 48.17
C THR B 386 47.85 38.09 46.70
N CYS B 387 47.06 39.08 46.30
CA CYS B 387 47.04 39.53 44.91
C CYS B 387 48.06 40.65 44.72
N ASN B 388 49.01 40.43 43.82
CA ASN B 388 49.99 41.47 43.50
C ASN B 388 49.35 42.55 42.64
N SER B 389 49.90 43.76 42.74
CA SER B 389 49.41 44.86 41.91
C SER B 389 49.83 44.68 40.46
N SER B 390 50.95 44.02 40.21
CA SER B 390 51.44 43.76 38.87
C SER B 390 50.88 42.46 38.29
N LEU B 391 49.90 41.85 38.95
CA LEU B 391 49.26 40.64 38.43
C LEU B 391 48.40 41.00 37.23
N THR B 392 48.83 40.59 36.04
CA THR B 392 48.21 41.02 34.80
C THR B 392 47.02 40.13 34.46
N LEU B 393 46.34 40.48 33.37
CA LEU B 393 45.19 39.75 32.87
C LEU B 393 45.43 39.12 31.51
N LYS B 394 46.43 39.60 30.75
CA LYS B 394 46.68 39.11 29.40
C LYS B 394 47.31 37.72 29.37
N THR B 395 47.72 37.18 30.51
CA THR B 395 48.27 35.83 30.54
C THR B 395 47.18 34.79 30.29
N HIS B 396 47.43 33.93 29.29
CA HIS B 396 46.54 32.84 28.91
C HIS B 396 45.15 33.34 28.50
N HIS B 397 45.11 34.44 27.76
CA HIS B 397 43.86 34.97 27.26
C HIS B 397 43.35 34.11 26.12
N VAL B 398 42.52 33.12 26.43
CA VAL B 398 41.88 32.28 25.42
C VAL B 398 40.38 32.51 25.59
N GLN B 399 39.80 33.33 24.72
CA GLN B 399 38.39 33.67 24.84
C GLN B 399 37.53 32.55 24.28
N ASP B 400 36.21 32.77 24.31
CA ASP B 400 35.26 31.77 23.85
C ASP B 400 35.30 31.65 22.34
N SER B 401 35.15 30.41 21.85
CA SER B 401 35.07 30.19 20.42
C SER B 401 33.74 30.70 19.86
N LYS B 402 32.69 30.70 20.68
CA LYS B 402 31.37 31.18 20.26
C LYS B 402 31.14 32.63 20.67
N MET B 403 32.22 33.42 20.71
CA MET B 403 32.12 34.80 21.18
C MET B 403 31.38 35.68 20.19
N GLY B 404 31.61 35.47 18.89
CA GLY B 404 30.96 36.29 17.88
C GLY B 404 29.47 36.03 17.78
N PHE B 405 29.03 34.82 18.14
CA PHE B 405 27.62 34.47 18.02
C PHE B 405 26.77 35.21 19.03
N VAL B 406 27.33 35.47 20.22
CA VAL B 406 26.63 36.27 21.22
C VAL B 406 26.38 37.68 20.72
N ILE B 407 27.41 38.29 20.13
CA ILE B 407 27.30 39.63 19.58
C ILE B 407 26.38 39.64 18.37
N ASN B 408 26.34 38.53 17.61
CA ASN B 408 25.40 38.42 16.51
C ASN B 408 23.96 38.39 17.01
N ALA B 409 23.70 37.69 18.11
CA ALA B 409 22.34 37.67 18.67
C ALA B 409 21.95 39.02 19.24
N ILE B 410 22.90 39.70 19.89
CA ILE B 410 22.65 41.03 20.45
C ILE B 410 22.33 42.02 19.35
N TYR B 411 23.12 42.00 18.27
CA TYR B 411 22.83 42.87 17.13
C TYR B 411 21.57 42.44 16.38
N SER B 412 21.20 41.16 16.45
CA SER B 412 19.93 40.73 15.86
C SER B 412 18.75 41.36 16.58
N MET B 413 18.77 41.32 17.92
CA MET B 413 17.72 42.01 18.67
C MET B 413 17.80 43.52 18.52
N ALA B 414 19.01 44.07 18.35
CA ALA B 414 19.16 45.51 18.18
C ALA B 414 18.55 45.98 16.86
N TYR B 415 18.86 45.29 15.76
CA TYR B 415 18.26 45.67 14.48
C TYR B 415 16.79 45.29 14.40
N GLY B 416 16.33 44.30 15.18
CA GLY B 416 14.91 44.05 15.25
C GLY B 416 14.15 45.18 15.93
N LEU B 417 14.70 45.69 17.04
CA LEU B 417 14.11 46.85 17.69
C LEU B 417 14.24 48.10 16.83
N HIS B 418 15.30 48.19 16.03
CA HIS B 418 15.43 49.33 15.11
C HIS B 418 14.40 49.24 13.98
N ASN B 419 14.10 48.03 13.51
CA ASN B 419 13.06 47.86 12.51
C ASN B 419 11.69 48.16 13.10
N MET B 420 11.47 47.80 14.37
CA MET B 420 10.24 48.18 15.06
C MET B 420 10.11 49.70 15.19
N GLN B 421 11.22 50.37 15.52
CA GLN B 421 11.20 51.83 15.65
C GLN B 421 10.96 52.49 14.30
N MET B 422 11.56 51.97 13.24
CA MET B 422 11.33 52.52 11.91
C MET B 422 9.95 52.21 11.37
N SER B 423 9.32 51.12 11.81
CA SER B 423 8.02 50.75 11.31
C SER B 423 6.88 51.41 12.07
N LEU B 424 7.03 51.61 13.38
CA LEU B 424 5.94 52.11 14.22
C LEU B 424 6.09 53.58 14.60
N CYS B 425 7.33 54.07 14.73
CA CYS B 425 7.60 55.45 15.15
C CYS B 425 8.42 56.13 14.06
N PRO B 426 7.79 56.56 12.97
CA PRO B 426 8.55 57.04 11.81
C PRO B 426 9.15 58.42 12.05
N GLY B 427 10.45 58.54 11.79
CA GLY B 427 11.14 59.80 11.94
C GLY B 427 11.29 60.29 13.35
N TYR B 428 11.27 59.38 14.33
CA TYR B 428 11.33 59.74 15.74
C TYR B 428 12.65 59.28 16.34
N ALA B 429 13.17 60.08 17.27
CA ALA B 429 14.44 59.75 17.90
C ALA B 429 14.30 58.62 18.89
N GLY B 430 13.24 58.66 19.71
CA GLY B 430 13.01 57.63 20.70
C GLY B 430 11.90 56.66 20.32
N LEU B 431 10.88 56.57 21.17
CA LEU B 431 9.76 55.67 20.96
C LEU B 431 8.45 56.42 21.13
N CYS B 432 7.53 56.16 20.22
CA CYS B 432 6.21 56.78 20.25
C CYS B 432 5.24 55.90 21.05
N ASP B 433 3.95 56.20 20.97
CA ASP B 433 2.95 55.48 21.74
C ASP B 433 2.69 54.07 21.19
N ALA B 434 3.09 53.80 19.94
CA ALA B 434 2.93 52.46 19.39
C ALA B 434 3.92 51.46 20.00
N MET B 435 4.99 51.94 20.61
CA MET B 435 5.97 51.10 21.28
C MET B 435 5.88 51.25 22.80
N LYS B 436 4.71 51.58 23.31
CA LYS B 436 4.50 51.78 24.75
C LYS B 436 3.22 51.09 25.15
N PRO B 437 3.30 49.86 25.66
CA PRO B 437 4.51 49.04 25.81
C PRO B 437 4.82 48.23 24.55
N ILE B 438 5.64 47.20 24.68
CA ILE B 438 6.07 46.36 23.56
C ILE B 438 5.83 44.91 23.93
N ASP B 439 5.00 44.22 23.16
CA ASP B 439 4.86 42.78 23.27
C ASP B 439 5.67 42.09 22.17
N GLY B 440 5.57 40.76 22.12
CA GLY B 440 6.46 40.00 21.28
C GLY B 440 5.90 39.50 19.97
N ARG B 441 4.64 39.81 19.64
CA ARG B 441 4.08 39.34 18.38
C ARG B 441 4.69 40.08 17.20
N LYS B 442 4.53 41.41 17.16
CA LYS B 442 5.16 42.17 16.09
C LYS B 442 6.67 42.25 16.27
N LEU B 443 7.18 42.00 17.48
CA LEU B 443 8.62 41.89 17.66
C LEU B 443 9.15 40.62 16.99
N LEU B 444 8.40 39.52 17.08
CA LEU B 444 8.77 38.31 16.35
C LEU B 444 8.63 38.52 14.85
N GLU B 445 7.62 39.29 14.44
CA GLU B 445 7.46 39.62 13.02
C GLU B 445 8.63 40.46 12.51
N SER B 446 9.17 41.33 13.35
CA SER B 446 10.32 42.15 12.96
C SER B 446 11.60 41.32 12.94
N LEU B 447 11.79 40.47 13.95
CA LEU B 447 12.99 39.65 14.04
C LEU B 447 13.03 38.57 12.98
N MET B 448 11.88 38.12 12.49
CA MET B 448 11.85 37.08 11.47
C MET B 448 12.37 37.57 10.13
N LYS B 449 12.24 38.86 9.84
CA LYS B 449 12.61 39.41 8.54
C LYS B 449 13.75 40.41 8.67
N THR B 450 14.77 40.08 9.45
CA THR B 450 15.92 40.95 9.61
C THR B 450 17.09 40.46 8.76
N ASN B 451 17.99 41.39 8.46
CA ASN B 451 19.19 41.10 7.68
C ASN B 451 20.22 42.17 7.97
N PHE B 452 21.44 41.75 8.30
CA PHE B 452 22.56 42.66 8.49
C PHE B 452 23.85 41.86 8.35
N THR B 453 24.97 42.54 8.58
CA THR B 453 26.29 41.92 8.58
C THR B 453 26.81 41.88 10.01
N GLY B 454 27.25 40.71 10.45
CA GLY B 454 27.68 40.52 11.81
C GLY B 454 29.08 41.03 12.08
N VAL B 455 29.67 40.51 13.16
CA VAL B 455 31.04 40.88 13.50
C VAL B 455 32.02 40.27 12.53
N SER B 456 31.67 39.11 11.95
CA SER B 456 32.46 38.51 10.89
C SER B 456 32.05 39.01 9.51
N GLY B 457 31.10 39.92 9.44
CA GLY B 457 30.57 40.36 8.16
C GLY B 457 29.63 39.39 7.51
N ASP B 458 29.17 38.37 8.24
CA ASP B 458 28.27 37.37 7.68
C ASP B 458 26.87 37.94 7.52
N THR B 459 26.27 37.69 6.36
CA THR B 459 24.91 38.13 6.08
C THR B 459 23.95 37.26 6.88
N ILE B 460 23.58 37.73 8.08
CA ILE B 460 22.70 36.97 8.96
C ILE B 460 21.28 37.07 8.45
N LEU B 461 20.73 35.96 7.97
CA LEU B 461 19.39 35.91 7.42
C LEU B 461 18.64 34.74 8.02
N PHE B 462 17.38 34.97 8.37
CA PHE B 462 16.56 33.97 9.06
C PHE B 462 15.52 33.40 8.12
N ASP B 463 15.41 32.08 8.10
CA ASP B 463 14.48 31.39 7.22
C ASP B 463 13.08 31.33 7.86
N GLU B 464 12.20 30.51 7.30
CA GLU B 464 10.88 30.32 7.87
C GLU B 464 10.92 29.56 9.18
N ASN B 465 11.96 28.76 9.40
CA ASN B 465 12.16 28.05 10.65
C ASN B 465 12.97 28.86 11.65
N GLY B 466 13.34 30.09 11.31
CA GLY B 466 14.09 30.95 12.23
C GLY B 466 15.49 30.47 12.52
N ASP B 467 16.23 30.04 11.51
CA ASP B 467 17.56 29.48 11.70
C ASP B 467 18.53 30.15 10.73
N SER B 468 19.72 30.47 11.23
CA SER B 468 20.77 31.00 10.38
C SER B 468 21.35 29.86 9.54
N PRO B 469 21.76 30.15 8.30
CA PRO B 469 22.38 29.11 7.48
C PRO B 469 23.77 28.78 7.97
N GLY B 470 24.23 27.58 7.61
CA GLY B 470 25.51 27.09 8.07
C GLY B 470 26.68 27.68 7.30
N ARG B 471 27.70 28.07 8.05
CA ARG B 471 28.94 28.58 7.46
C ARG B 471 30.08 27.93 8.23
N TYR B 472 30.56 26.79 7.73
CA TYR B 472 31.41 25.92 8.49
C TYR B 472 32.87 26.07 8.07
N GLU B 473 33.73 25.22 8.62
CA GLU B 473 35.11 25.07 8.19
C GLU B 473 35.43 23.59 8.11
N ILE B 474 36.17 23.19 7.09
CA ILE B 474 36.51 21.80 6.86
C ILE B 474 37.99 21.62 7.15
N MET B 475 38.33 20.66 8.01
CA MET B 475 39.72 20.40 8.34
C MET B 475 40.04 18.93 8.17
N ASN B 476 41.35 18.66 8.18
CA ASN B 476 41.91 17.31 8.10
C ASN B 476 42.99 17.18 9.16
N PHE B 477 43.14 15.96 9.66
CA PHE B 477 44.25 15.63 10.56
C PHE B 477 45.35 14.98 9.73
N LYS B 478 45.93 15.79 8.85
CA LYS B 478 46.98 15.32 7.96
C LYS B 478 48.34 15.39 8.65
N GLU B 479 49.19 14.42 8.34
CA GLU B 479 50.49 14.34 8.98
C GLU B 479 51.42 15.42 8.46
N MET B 480 52.22 15.98 9.37
CA MET B 480 53.24 16.96 9.01
C MET B 480 54.51 16.22 8.61
N GLY B 481 55.62 16.97 8.51
CA GLY B 481 56.89 16.33 8.17
C GLY B 481 57.42 15.43 9.26
N LYS B 482 57.28 15.86 10.51
CA LYS B 482 57.66 15.05 11.66
C LYS B 482 56.45 14.21 12.08
N ASP B 483 56.56 13.56 13.23
CA ASP B 483 55.45 12.77 13.78
C ASP B 483 54.55 13.61 14.67
N TYR B 484 54.07 14.73 14.14
CA TYR B 484 53.20 15.64 14.90
C TYR B 484 52.21 16.26 13.92
N PHE B 485 51.05 15.65 13.81
CA PHE B 485 49.99 16.11 12.93
C PHE B 485 49.09 17.10 13.65
N ASP B 486 48.30 17.84 12.87
CA ASP B 486 47.42 18.86 13.41
C ASP B 486 46.18 18.97 12.55
N TYR B 487 45.17 19.67 13.09
CA TYR B 487 43.91 19.93 12.39
C TYR B 487 44.16 21.04 11.36
N ILE B 488 44.66 20.65 10.20
CA ILE B 488 45.01 21.62 9.17
C ILE B 488 43.78 21.89 8.30
N ASN B 489 43.66 23.14 7.85
CA ASN B 489 42.49 23.56 7.09
C ASN B 489 42.57 23.02 5.67
N VAL B 490 41.43 22.53 5.17
CA VAL B 490 41.32 22.03 3.80
C VAL B 490 40.16 22.70 3.09
N GLY B 491 39.61 23.76 3.68
CA GLY B 491 38.55 24.50 3.03
C GLY B 491 37.39 24.73 3.97
N SER B 492 36.27 25.15 3.40
CA SER B 492 35.10 25.52 4.19
C SER B 492 33.83 25.18 3.41
N TRP B 493 32.70 25.43 4.05
CA TRP B 493 31.38 25.21 3.47
C TRP B 493 30.46 26.35 3.88
N ASP B 494 29.65 26.82 2.94
CA ASP B 494 28.71 27.91 3.23
C ASP B 494 27.48 27.71 2.35
N ASN B 495 26.48 27.02 2.89
CA ASN B 495 25.12 26.90 2.33
C ASN B 495 25.13 26.29 0.92
N GLY B 496 26.01 25.30 0.70
CA GLY B 496 26.17 24.67 -0.60
C GLY B 496 27.52 24.98 -1.24
N GLU B 497 28.08 26.14 -0.95
CA GLU B 497 29.38 26.53 -1.50
C GLU B 497 30.48 25.73 -0.82
N LEU B 498 30.86 24.60 -1.42
CA LEU B 498 31.80 23.66 -0.82
C LEU B 498 33.15 23.87 -1.49
N LYS B 499 33.94 24.79 -0.93
CA LYS B 499 35.28 25.07 -1.43
C LYS B 499 36.25 24.08 -0.78
N MET B 500 36.81 23.19 -1.59
CA MET B 500 37.70 22.14 -1.09
C MET B 500 38.99 22.14 -1.88
N ASP B 501 40.03 21.59 -1.27
CA ASP B 501 41.33 21.41 -1.89
C ASP B 501 41.59 19.91 -1.95
N ASP B 502 41.26 19.31 -3.09
CA ASP B 502 41.47 17.87 -3.26
C ASP B 502 42.95 17.54 -3.40
N ASP B 503 43.74 18.47 -3.92
CA ASP B 503 45.18 18.26 -4.02
C ASP B 503 45.88 18.34 -2.68
N GLU B 504 45.22 18.91 -1.67
CA GLU B 504 45.81 18.98 -0.33
C GLU B 504 45.84 17.60 0.32
N VAL B 505 44.76 16.86 0.22
CA VAL B 505 44.67 15.55 0.87
C VAL B 505 45.12 14.49 -0.13
N TRP B 506 45.96 13.57 0.37
CA TRP B 506 46.61 12.42 -0.29
C TRP B 506 47.74 12.83 -1.24
N SER B 507 47.88 14.14 -1.50
CA SER B 507 48.91 14.75 -2.34
C SER B 507 48.92 14.24 -3.79
N LYS B 508 47.86 13.54 -4.21
CA LYS B 508 47.77 12.91 -5.52
C LYS B 508 46.31 12.51 -5.74
N LYS B 509 46.07 11.78 -6.83
CA LYS B 509 44.76 11.19 -7.07
C LYS B 509 44.57 9.86 -6.35
N SER B 510 45.64 9.30 -5.79
CA SER B 510 45.57 8.02 -5.07
C SER B 510 44.94 8.27 -3.71
N ASN B 511 43.61 8.33 -3.70
CA ASN B 511 42.85 8.58 -2.48
C ASN B 511 42.45 7.27 -1.83
N ILE B 512 41.62 7.36 -0.79
CA ILE B 512 40.90 6.19 -0.31
C ILE B 512 39.93 5.76 -1.40
N ILE B 513 39.82 4.43 -1.59
CA ILE B 513 38.98 3.88 -2.65
C ILE B 513 37.51 4.22 -2.38
N ARG B 514 36.74 4.36 -3.45
CA ARG B 514 35.34 4.74 -3.36
C ARG B 514 34.55 3.67 -2.61
N SER B 515 33.99 4.07 -1.47
CA SER B 515 33.24 3.15 -0.62
C SER B 515 31.93 2.81 -1.29
N VAL B 516 31.93 1.72 -2.06
CA VAL B 516 30.79 1.32 -2.87
C VAL B 516 30.65 -0.20 -2.75
N CYS B 517 29.41 -0.69 -2.88
CA CYS B 517 29.15 -2.11 -2.77
C CYS B 517 29.37 -2.81 -4.11
N SER B 518 28.76 -2.30 -5.17
CA SER B 518 28.87 -2.88 -6.51
C SER B 518 29.61 -1.94 -7.43
N GLU B 519 30.55 -2.48 -8.19
CA GLU B 519 31.19 -1.73 -9.26
C GLU B 519 30.20 -1.51 -10.40
N PRO B 520 30.42 -0.49 -11.23
CA PRO B 520 29.59 -0.34 -12.44
C PRO B 520 29.81 -1.50 -13.40
N CYS B 521 28.70 -2.08 -13.85
CA CYS B 521 28.74 -3.30 -14.64
C CYS B 521 29.14 -2.99 -16.08
N GLU B 522 29.48 -4.07 -16.81
CA GLU B 522 29.80 -3.95 -18.23
C GLU B 522 28.53 -3.69 -19.02
N LYS B 523 28.25 -2.42 -19.30
CA LYS B 523 26.96 -1.99 -19.84
C LYS B 523 26.71 -2.40 -21.29
N GLY B 524 27.65 -3.09 -21.95
CA GLY B 524 27.40 -3.56 -23.30
C GLY B 524 26.39 -4.69 -23.34
N GLN B 525 26.56 -5.69 -22.48
CA GLN B 525 25.65 -6.83 -22.46
C GLN B 525 25.17 -7.15 -21.04
N ILE B 526 26.00 -6.86 -20.04
CA ILE B 526 25.68 -7.19 -18.66
C ILE B 526 24.86 -6.06 -18.05
N LYS B 527 23.84 -6.42 -17.30
CA LYS B 527 22.97 -5.46 -16.63
C LYS B 527 23.03 -5.67 -15.12
N VAL B 528 22.57 -4.66 -14.39
CA VAL B 528 22.54 -4.74 -12.94
C VAL B 528 21.25 -5.44 -12.51
N ILE B 529 21.25 -5.91 -11.26
CA ILE B 529 20.06 -6.51 -10.66
C ILE B 529 20.18 -6.38 -9.15
N ARG B 530 19.11 -5.91 -8.51
CA ARG B 530 19.13 -5.69 -7.08
C ARG B 530 19.04 -7.01 -6.33
N LYS B 531 19.88 -7.16 -5.31
CA LYS B 531 19.89 -8.39 -4.52
C LYS B 531 18.74 -8.42 -3.52
N GLY B 532 18.44 -7.28 -2.91
CA GLY B 532 17.36 -7.21 -1.93
C GLY B 532 17.84 -6.74 -0.57
N GLU B 533 19.03 -6.15 -0.52
CA GLU B 533 19.60 -5.66 0.73
C GLU B 533 19.71 -4.14 0.78
N VAL B 534 20.34 -3.53 -0.22
CA VAL B 534 20.51 -2.09 -0.28
C VAL B 534 20.21 -1.64 -1.71
N SER B 535 20.33 -0.33 -1.93
CA SER B 535 20.10 0.26 -3.24
C SER B 535 21.38 0.37 -4.07
N CYS B 536 22.47 -0.24 -3.61
CA CYS B 536 23.74 -0.17 -4.30
C CYS B 536 24.50 -1.48 -4.36
N CYS B 537 23.94 -2.56 -3.84
CA CYS B 537 24.55 -3.89 -3.96
C CYS B 537 23.94 -4.62 -5.16
N TRP B 538 24.17 -4.04 -6.33
CA TRP B 538 23.67 -4.59 -7.58
C TRP B 538 24.52 -5.78 -8.00
N THR B 539 23.92 -6.66 -8.79
CA THR B 539 24.61 -7.83 -9.32
C THR B 539 24.71 -7.71 -10.83
N CYS B 540 25.92 -7.80 -11.36
CA CYS B 540 26.17 -7.69 -12.80
C CYS B 540 25.68 -8.96 -13.47
N THR B 541 24.49 -8.90 -14.05
CA THR B 541 23.88 -10.05 -14.69
C THR B 541 23.80 -9.85 -16.19
N PRO B 542 24.34 -10.75 -16.99
CA PRO B 542 24.19 -10.66 -18.45
C PRO B 542 22.77 -11.04 -18.86
N CYS B 543 22.39 -10.56 -20.04
CA CYS B 543 21.07 -10.80 -20.59
C CYS B 543 21.20 -11.63 -21.87
N LYS B 544 20.05 -12.03 -22.40
CA LYS B 544 20.02 -12.98 -23.51
C LYS B 544 20.48 -12.31 -24.82
N GLU B 545 20.73 -13.16 -25.82
CA GLU B 545 21.17 -12.68 -27.12
C GLU B 545 20.08 -11.94 -27.88
N ASN B 546 18.82 -12.18 -27.54
CA ASN B 546 17.70 -11.45 -28.12
C ASN B 546 17.13 -10.41 -27.17
N GLU B 547 17.86 -10.07 -26.10
CA GLU B 547 17.40 -9.13 -25.09
C GLU B 547 18.37 -7.96 -25.04
N TYR B 548 17.84 -6.75 -25.22
CA TYR B 548 18.64 -5.53 -25.15
C TYR B 548 18.48 -4.87 -23.79
N VAL B 549 19.47 -4.07 -23.43
CA VAL B 549 19.46 -3.34 -22.16
C VAL B 549 18.49 -2.18 -22.29
N PHE B 550 17.39 -2.25 -21.55
CA PHE B 550 16.37 -1.19 -21.54
C PHE B 550 16.35 -0.44 -20.22
N ASP B 551 16.21 -1.14 -19.10
CA ASP B 551 16.22 -0.54 -17.79
C ASP B 551 17.57 -0.76 -17.11
N GLU B 552 17.78 -0.05 -16.00
CA GLU B 552 19.01 -0.21 -15.24
C GLU B 552 19.04 -1.52 -14.47
N TYR B 553 17.87 -2.13 -14.24
CA TYR B 553 17.79 -3.41 -13.54
C TYR B 553 16.97 -4.44 -14.33
N THR B 554 16.75 -4.20 -15.62
CA THR B 554 15.94 -5.10 -16.43
C THR B 554 16.34 -4.96 -17.89
N CYS B 555 16.25 -6.07 -18.62
CA CYS B 555 16.49 -6.11 -20.06
C CYS B 555 15.19 -6.44 -20.77
N LYS B 556 14.85 -5.63 -21.77
CA LYS B 556 13.72 -5.95 -22.64
C LYS B 556 14.18 -6.84 -23.78
N ALA B 557 13.35 -7.81 -24.13
CA ALA B 557 13.69 -8.78 -25.17
C ALA B 557 13.10 -8.36 -26.50
N CYS B 558 13.86 -8.58 -27.57
CA CYS B 558 13.35 -8.32 -28.91
C CYS B 558 12.33 -9.37 -29.31
N GLN B 559 11.52 -9.04 -30.30
CA GLN B 559 10.48 -9.94 -30.78
C GLN B 559 11.08 -11.00 -31.71
N LEU B 560 10.21 -11.89 -32.19
CA LEU B 560 10.62 -12.91 -33.13
C LEU B 560 10.96 -12.27 -34.47
N GLY B 561 12.18 -12.52 -34.96
CA GLY B 561 12.68 -11.83 -36.13
C GLY B 561 13.45 -10.57 -35.83
N SER B 562 13.63 -10.23 -34.56
CA SER B 562 14.38 -9.05 -34.15
C SER B 562 15.46 -9.46 -33.16
N TRP B 563 16.58 -8.74 -33.18
CA TRP B 563 17.69 -9.00 -32.29
C TRP B 563 18.48 -7.72 -32.14
N PRO B 564 19.04 -7.44 -30.94
CA PRO B 564 19.54 -6.10 -30.63
C PRO B 564 20.76 -5.64 -31.43
N THR B 565 21.17 -4.40 -31.20
CA THR B 565 22.34 -3.83 -31.86
C THR B 565 23.59 -4.19 -31.07
N ASP B 566 24.73 -3.58 -31.44
CA ASP B 566 25.99 -3.87 -30.75
C ASP B 566 26.06 -3.24 -29.37
N ASP B 567 25.26 -2.20 -29.11
CA ASP B 567 25.23 -1.54 -27.81
C ASP B 567 24.02 -1.93 -26.98
N LEU B 568 23.24 -2.92 -27.44
CA LEU B 568 22.00 -3.38 -26.80
C LEU B 568 21.02 -2.23 -26.60
N THR B 569 20.89 -1.38 -27.62
CA THR B 569 20.04 -0.20 -27.55
C THR B 569 18.60 -0.53 -27.95
N GLY B 570 18.41 -1.07 -29.14
CA GLY B 570 17.09 -1.42 -29.61
C GLY B 570 17.01 -2.82 -30.18
N CYS B 571 16.50 -2.95 -31.40
CA CYS B 571 16.40 -4.23 -32.08
C CYS B 571 16.74 -4.03 -33.54
N ASP B 572 17.07 -5.14 -34.22
CA ASP B 572 17.38 -5.12 -35.64
C ASP B 572 16.76 -6.33 -36.30
N LEU B 573 16.15 -6.13 -37.47
CA LEU B 573 15.51 -7.21 -38.20
C LEU B 573 16.53 -7.94 -39.07
N ILE B 574 16.43 -9.27 -39.08
CA ILE B 574 17.32 -10.10 -39.88
C ILE B 574 16.86 -10.06 -41.33
N PRO B 575 17.77 -9.99 -42.30
CA PRO B 575 17.37 -9.95 -43.70
C PRO B 575 16.90 -11.30 -44.21
N VAL B 576 16.18 -11.26 -45.32
CA VAL B 576 15.62 -12.45 -45.93
C VAL B 576 16.42 -12.80 -47.19
N GLN B 577 16.12 -13.96 -47.77
CA GLN B 577 16.86 -14.47 -48.91
C GLN B 577 16.14 -14.18 -50.21
N TYR B 578 16.91 -13.78 -51.24
CA TYR B 578 16.36 -13.59 -52.57
C TYR B 578 16.33 -14.90 -53.36
N LEU B 579 17.21 -15.84 -52.99
CA LEU B 579 17.26 -17.22 -53.50
C LEU B 579 17.49 -17.28 -55.01
N ARG B 580 18.30 -16.36 -55.54
CA ARG B 580 18.70 -16.43 -56.95
C ARG B 580 20.08 -15.79 -57.05
N TRP B 581 21.11 -16.63 -57.08
CA TRP B 581 22.49 -16.19 -57.25
C TRP B 581 23.25 -17.26 -58.02
N GLY B 582 24.58 -17.22 -57.95
CA GLY B 582 25.42 -18.30 -58.42
C GLY B 582 25.69 -19.34 -57.34
N ASP B 583 24.69 -19.56 -56.49
CA ASP B 583 24.72 -20.56 -55.44
C ASP B 583 24.83 -21.95 -56.07
N PRO B 584 25.83 -22.75 -55.69
CA PRO B 584 26.05 -24.04 -56.40
C PRO B 584 24.95 -25.08 -56.21
N GLU B 585 24.11 -24.97 -55.19
CA GLU B 585 23.06 -25.97 -55.03
C GLU B 585 21.83 -25.75 -55.93
N PRO B 586 21.25 -24.54 -56.08
CA PRO B 586 20.16 -24.41 -57.06
C PRO B 586 20.61 -24.23 -58.50
N ILE B 587 21.90 -24.00 -58.75
CA ILE B 587 22.34 -23.82 -60.13
C ILE B 587 22.34 -25.16 -60.86
N ALA B 588 22.42 -26.28 -60.15
CA ALA B 588 22.23 -27.59 -60.77
C ALA B 588 20.79 -27.75 -61.23
N ALA B 589 19.83 -27.27 -60.45
CA ALA B 589 18.43 -27.31 -60.86
C ALA B 589 18.17 -26.37 -62.03
N VAL B 590 18.86 -25.22 -62.06
CA VAL B 590 18.71 -24.29 -63.18
C VAL B 590 19.26 -24.88 -64.47
N VAL B 591 20.45 -25.48 -64.41
CA VAL B 591 21.05 -26.12 -65.57
C VAL B 591 20.22 -27.33 -66.01
N PHE B 592 19.63 -28.05 -65.05
CA PHE B 592 18.80 -29.20 -65.37
C PHE B 592 17.50 -28.77 -66.04
N ALA B 593 16.93 -27.65 -65.60
CA ALA B 593 15.73 -27.12 -66.25
C ALA B 593 16.05 -26.60 -67.65
N CYS B 594 17.24 -26.01 -67.83
CA CYS B 594 17.65 -25.58 -69.16
C CYS B 594 17.87 -26.76 -70.10
N LEU B 595 18.42 -27.86 -69.57
CA LEU B 595 18.58 -29.08 -70.38
C LEU B 595 17.23 -29.69 -70.73
N GLY B 596 16.27 -29.61 -69.80
CA GLY B 596 14.93 -30.09 -70.11
C GLY B 596 14.23 -29.25 -71.16
N LEU B 597 14.37 -27.92 -71.08
CA LEU B 597 13.78 -27.05 -72.07
C LEU B 597 14.49 -27.15 -73.42
N LEU B 598 15.76 -27.55 -73.42
CA LEU B 598 16.46 -27.82 -74.68
C LEU B 598 16.02 -29.15 -75.28
N ALA B 599 15.86 -30.18 -74.45
CA ALA B 599 15.41 -31.48 -74.93
C ALA B 599 13.96 -31.46 -75.41
N THR B 600 13.15 -30.54 -74.87
CA THR B 600 11.78 -30.37 -75.36
C THR B 600 11.78 -29.96 -76.84
N LEU B 601 12.57 -28.95 -77.20
CA LEU B 601 12.70 -28.54 -78.59
C LEU B 601 13.55 -29.50 -79.41
N PHE B 602 14.36 -30.34 -78.76
CA PHE B 602 15.02 -31.43 -79.48
C PHE B 602 14.01 -32.45 -79.97
N VAL B 603 13.05 -32.82 -79.11
CA VAL B 603 11.99 -33.74 -79.51
C VAL B 603 11.00 -33.08 -80.45
N THR B 604 10.74 -31.78 -80.29
CA THR B 604 9.69 -31.08 -81.02
C THR B 604 9.96 -30.89 -82.51
N VAL B 605 11.10 -31.34 -83.03
CA VAL B 605 11.37 -31.22 -84.45
C VAL B 605 10.82 -32.43 -85.21
N VAL B 606 10.98 -33.63 -84.65
CA VAL B 606 10.79 -34.86 -85.42
C VAL B 606 9.37 -35.40 -85.36
N PHE B 607 8.42 -34.60 -84.86
CA PHE B 607 7.02 -34.94 -85.04
C PHE B 607 6.13 -33.79 -85.47
N ILE B 608 6.49 -32.53 -85.22
CA ILE B 608 5.70 -31.42 -85.73
C ILE B 608 5.95 -31.24 -87.22
N ILE B 609 7.22 -31.18 -87.62
CA ILE B 609 7.57 -31.17 -89.04
C ILE B 609 7.26 -32.53 -89.66
N TYR B 610 7.56 -33.60 -88.95
CA TYR B 610 7.26 -34.96 -89.39
C TYR B 610 5.86 -35.39 -88.96
N ARG B 611 4.86 -34.59 -89.31
CA ARG B 611 3.48 -34.85 -88.90
C ARG B 611 2.75 -35.79 -89.84
N ASP B 612 3.42 -36.34 -90.86
CA ASP B 612 2.81 -37.25 -91.81
C ASP B 612 3.48 -38.61 -91.86
N THR B 613 4.52 -38.83 -91.05
CA THR B 613 5.19 -40.13 -91.02
C THR B 613 4.30 -41.13 -90.30
N PRO B 614 4.05 -42.32 -90.88
CA PRO B 614 3.12 -43.28 -90.25
C PRO B 614 3.59 -43.88 -88.93
N VAL B 615 4.82 -43.60 -88.49
CA VAL B 615 5.24 -43.97 -87.15
C VAL B 615 4.46 -43.15 -86.11
N VAL B 616 4.19 -41.88 -86.42
CA VAL B 616 3.49 -40.99 -85.50
C VAL B 616 2.02 -40.80 -85.89
N LYS B 617 1.62 -41.20 -87.11
CA LYS B 617 0.22 -41.13 -87.50
C LYS B 617 -0.63 -42.11 -86.71
N SER B 618 -0.12 -43.32 -86.49
CA SER B 618 -0.81 -44.29 -85.65
C SER B 618 -0.74 -43.91 -84.17
N SER B 619 0.30 -43.20 -83.76
CA SER B 619 0.40 -42.74 -82.39
C SER B 619 -0.54 -41.56 -82.15
N SER B 620 -0.80 -41.28 -80.88
CA SER B 620 -1.68 -40.19 -80.49
C SER B 620 -0.98 -38.85 -80.75
N ARG B 621 -1.50 -38.09 -81.70
CA ARG B 621 -0.85 -36.83 -82.09
C ARG B 621 -1.34 -35.64 -81.28
N GLU B 622 -2.47 -35.77 -80.55
CA GLU B 622 -2.89 -34.74 -79.63
C GLU B 622 -2.58 -35.08 -78.19
N LEU B 623 -2.69 -36.34 -77.80
CA LEU B 623 -2.48 -36.73 -76.41
C LEU B 623 -1.02 -36.62 -76.01
N CYS B 624 -0.11 -37.04 -76.91
CA CYS B 624 1.31 -36.85 -76.65
C CYS B 624 1.69 -35.38 -76.68
N TYR B 625 0.97 -34.57 -77.45
CA TYR B 625 1.18 -33.12 -77.43
C TYR B 625 0.77 -32.51 -76.09
N ILE B 626 -0.34 -32.98 -75.53
CA ILE B 626 -0.79 -32.52 -74.21
C ILE B 626 0.19 -32.99 -73.12
N ILE B 627 0.71 -34.21 -73.26
CA ILE B 627 1.72 -34.71 -72.32
C ILE B 627 3.00 -33.91 -72.40
N LEU B 628 3.43 -33.56 -73.62
CA LEU B 628 4.62 -32.73 -73.80
C LEU B 628 4.42 -31.33 -73.26
N ALA B 629 3.20 -30.78 -73.39
CA ALA B 629 2.89 -29.49 -72.79
C ALA B 629 2.91 -29.56 -71.26
N GLY B 630 2.44 -30.66 -70.70
CA GLY B 630 2.52 -30.82 -69.25
C GLY B 630 3.95 -30.96 -68.76
N ILE B 631 4.80 -31.63 -69.54
CA ILE B 631 6.22 -31.73 -69.21
C ILE B 631 6.89 -30.35 -69.33
N CYS B 632 6.46 -29.54 -70.31
CA CYS B 632 6.99 -28.20 -70.45
C CYS B 632 6.58 -27.30 -69.28
N LEU B 633 5.34 -27.44 -68.82
CA LEU B 633 4.93 -26.69 -67.61
C LEU B 633 5.63 -27.20 -66.36
N GLY B 634 5.92 -28.50 -66.29
CA GLY B 634 6.72 -29.02 -65.18
C GLY B 634 8.15 -28.52 -65.20
N TYR B 635 8.68 -28.26 -66.40
CA TYR B 635 9.99 -27.62 -66.51
C TYR B 635 9.90 -26.14 -66.13
N LEU B 636 8.79 -25.49 -66.46
CA LEU B 636 8.61 -24.08 -66.12
C LEU B 636 8.35 -23.87 -64.64
N CYS B 637 7.89 -24.90 -63.93
CA CYS B 637 7.73 -24.81 -62.48
C CYS B 637 9.04 -24.60 -61.75
N THR B 638 10.16 -25.05 -62.32
CA THR B 638 11.47 -24.78 -61.72
C THR B 638 11.80 -23.29 -61.76
N PHE B 639 11.53 -22.64 -62.89
CA PHE B 639 11.74 -21.20 -62.98
C PHE B 639 10.71 -20.42 -62.16
N CYS B 640 9.48 -20.94 -62.06
CA CYS B 640 8.47 -20.25 -61.27
C CYS B 640 8.71 -20.38 -59.78
N LEU B 641 9.34 -21.48 -59.34
CA LEU B 641 9.58 -21.67 -57.92
C LEU B 641 10.84 -20.94 -57.46
N ILE B 642 11.94 -21.08 -58.20
CA ILE B 642 13.20 -20.42 -57.84
C ILE B 642 13.16 -19.04 -58.50
N ALA B 643 12.52 -18.10 -57.81
CA ALA B 643 12.38 -16.73 -58.29
C ALA B 643 12.23 -15.82 -57.09
N LYS B 644 11.82 -14.58 -57.34
CA LYS B 644 11.57 -13.64 -56.26
C LYS B 644 10.17 -13.89 -55.69
N PRO B 645 10.04 -14.12 -54.37
CA PRO B 645 8.72 -14.34 -53.79
C PRO B 645 7.87 -13.09 -53.74
N LYS B 646 6.86 -13.03 -54.60
CA LYS B 646 5.95 -11.90 -54.69
C LYS B 646 4.51 -12.41 -54.61
N GLN B 647 3.55 -11.48 -54.71
CA GLN B 647 2.15 -11.85 -54.64
C GLN B 647 1.68 -12.62 -55.86
N ILE B 648 2.35 -12.44 -57.00
CA ILE B 648 1.98 -13.16 -58.22
C ILE B 648 2.87 -14.37 -58.44
N TYR B 649 4.15 -14.26 -58.06
CA TYR B 649 5.11 -15.33 -58.35
C TYR B 649 4.87 -16.56 -57.49
N CYS B 650 4.40 -16.37 -56.25
CA CYS B 650 4.08 -17.52 -55.40
C CYS B 650 2.86 -18.26 -55.92
N TYR B 651 1.86 -17.52 -56.42
CA TYR B 651 0.68 -18.15 -57.00
C TYR B 651 1.03 -18.87 -58.31
N LEU B 652 1.90 -18.27 -59.12
CA LEU B 652 2.32 -18.93 -60.36
C LEU B 652 3.22 -20.12 -60.08
N GLN B 653 3.93 -20.13 -58.95
CA GLN B 653 4.71 -21.30 -58.57
C GLN B 653 3.81 -22.41 -58.05
N ARG B 654 2.76 -22.05 -57.32
CA ARG B 654 1.89 -23.03 -56.67
C ARG B 654 0.76 -23.54 -57.59
N ILE B 655 0.49 -22.86 -58.70
CA ILE B 655 -0.54 -23.36 -59.61
C ILE B 655 -0.02 -24.54 -60.45
N GLY B 656 1.28 -24.60 -60.73
CA GLY B 656 1.78 -25.61 -61.64
C GLY B 656 2.09 -26.95 -61.01
N ILE B 657 2.32 -26.97 -59.70
CA ILE B 657 2.75 -28.19 -59.01
C ILE B 657 1.64 -29.24 -59.03
N GLY B 658 0.39 -28.80 -58.88
CA GLY B 658 -0.72 -29.73 -58.98
C GLY B 658 -1.07 -30.11 -60.40
N LEU B 659 -0.88 -29.19 -61.35
CA LEU B 659 -1.42 -29.38 -62.69
C LEU B 659 -0.45 -30.15 -63.60
N SER B 660 0.85 -29.87 -63.51
CA SER B 660 1.79 -30.40 -64.49
C SER B 660 2.02 -31.91 -64.46
N PRO B 661 1.95 -32.66 -63.32
CA PRO B 661 1.90 -34.11 -63.45
C PRO B 661 0.50 -34.61 -63.78
N ALA B 662 -0.51 -33.82 -63.44
CA ALA B 662 -1.90 -34.25 -63.62
C ALA B 662 -2.27 -34.29 -65.10
N MET B 663 -1.98 -33.22 -65.83
CA MET B 663 -2.25 -33.21 -67.26
C MET B 663 -1.29 -34.11 -68.03
N SER B 664 -0.14 -34.44 -67.45
CA SER B 664 0.76 -35.40 -68.07
C SER B 664 0.24 -36.82 -67.91
N TYR B 665 -0.38 -37.12 -66.77
CA TYR B 665 -0.88 -38.46 -66.51
C TYR B 665 -2.29 -38.70 -67.02
N SER B 666 -3.07 -37.63 -67.25
CA SER B 666 -4.45 -37.79 -67.68
C SER B 666 -4.55 -38.33 -69.10
N ALA B 667 -3.77 -37.76 -70.02
CA ALA B 667 -3.73 -38.28 -71.39
C ALA B 667 -3.08 -39.65 -71.45
N LEU B 668 -2.15 -39.92 -70.53
CA LEU B 668 -1.51 -41.23 -70.44
C LEU B 668 -2.52 -42.32 -70.07
N VAL B 669 -3.30 -42.08 -69.01
CA VAL B 669 -4.30 -43.06 -68.61
C VAL B 669 -5.48 -43.09 -69.59
N THR B 670 -5.73 -41.98 -70.31
CA THR B 670 -6.77 -41.97 -71.33
C THR B 670 -6.39 -42.84 -72.52
N LYS B 671 -5.13 -42.76 -72.96
CA LYS B 671 -4.66 -43.65 -74.02
C LYS B 671 -4.53 -45.08 -73.52
N THR B 672 -4.21 -45.26 -72.23
CA THR B 672 -4.04 -46.60 -71.68
C THR B 672 -5.38 -47.32 -71.51
N ASN B 673 -6.47 -46.57 -71.30
CA ASN B 673 -7.78 -47.16 -71.09
C ASN B 673 -8.31 -47.86 -72.35
N ARG B 674 -7.91 -47.39 -73.52
CA ARG B 674 -8.39 -47.95 -74.79
C ARG B 674 -7.51 -49.06 -75.33
N ILE B 675 -6.83 -49.81 -74.45
CA ILE B 675 -6.02 -50.92 -74.89
C ILE B 675 -6.82 -52.22 -74.77
N ALA B 696 -16.16 -43.40 -79.07
CA ALA B 696 -15.09 -43.33 -80.06
C ALA B 696 -14.80 -41.88 -80.43
N CYS B 697 -15.44 -40.95 -79.74
CA CYS B 697 -15.26 -39.53 -79.99
C CYS B 697 -15.05 -38.74 -78.70
N ALA B 698 -14.58 -39.40 -77.64
CA ALA B 698 -14.37 -38.73 -76.35
C ALA B 698 -12.89 -38.80 -75.97
N GLN B 699 -12.02 -38.92 -76.98
CA GLN B 699 -10.59 -39.02 -76.74
C GLN B 699 -10.02 -37.71 -76.20
N LEU B 700 -10.50 -36.58 -76.71
CA LEU B 700 -10.14 -35.27 -76.18
C LEU B 700 -11.11 -34.78 -75.13
N VAL B 701 -12.00 -35.65 -74.65
CA VAL B 701 -13.00 -35.28 -73.66
C VAL B 701 -12.71 -35.91 -72.29
N ILE B 702 -12.32 -37.18 -72.28
CA ILE B 702 -12.02 -37.86 -71.02
C ILE B 702 -10.77 -37.28 -70.35
N ALA B 703 -9.71 -37.06 -71.14
CA ALA B 703 -8.50 -36.43 -70.61
C ALA B 703 -8.76 -34.98 -70.21
N PHE B 704 -9.62 -34.29 -70.94
CA PHE B 704 -9.99 -32.92 -70.58
C PHE B 704 -10.75 -32.88 -69.26
N ILE B 705 -11.64 -33.84 -69.03
CA ILE B 705 -12.37 -33.90 -67.76
C ILE B 705 -11.42 -34.26 -66.61
N LEU B 706 -10.45 -35.14 -66.87
CA LEU B 706 -9.47 -35.48 -65.84
C LEU B 706 -8.55 -34.31 -65.51
N ILE B 707 -8.26 -33.46 -66.49
CA ILE B 707 -7.52 -32.23 -66.22
C ILE B 707 -8.39 -31.25 -65.42
N CYS B 708 -9.68 -31.15 -65.79
CA CYS B 708 -10.58 -30.22 -65.11
C CYS B 708 -10.87 -30.63 -63.67
N ILE B 709 -10.72 -31.91 -63.33
CA ILE B 709 -10.83 -32.34 -61.94
C ILE B 709 -9.77 -31.69 -61.07
N GLN B 710 -8.49 -31.81 -61.48
CA GLN B 710 -7.40 -31.15 -60.76
C GLN B 710 -7.49 -29.63 -60.85
N LEU B 711 -8.04 -29.11 -61.96
CA LEU B 711 -8.26 -27.67 -62.09
C LEU B 711 -9.24 -27.17 -61.04
N GLY B 712 -10.37 -27.88 -60.87
CA GLY B 712 -11.32 -27.54 -59.83
C GLY B 712 -10.77 -27.70 -58.43
N ILE B 713 -9.93 -28.73 -58.22
CA ILE B 713 -9.31 -28.96 -56.91
C ILE B 713 -8.37 -27.81 -56.57
N ILE B 714 -7.53 -27.38 -57.51
CA ILE B 714 -6.59 -26.30 -57.22
C ILE B 714 -7.29 -24.95 -57.13
N VAL B 715 -8.41 -24.75 -57.83
CA VAL B 715 -9.19 -23.52 -57.65
C VAL B 715 -9.85 -23.50 -56.28
N ALA B 716 -10.39 -24.63 -55.82
CA ALA B 716 -10.95 -24.71 -54.47
C ALA B 716 -9.89 -24.57 -53.39
N LEU B 717 -8.66 -24.98 -53.66
CA LEU B 717 -7.57 -24.74 -52.73
C LEU B 717 -7.19 -23.26 -52.67
N PHE B 718 -7.06 -22.61 -53.83
CA PHE B 718 -6.65 -21.22 -53.86
C PHE B 718 -7.74 -20.25 -53.45
N ILE B 719 -9.01 -20.67 -53.44
CA ILE B 719 -10.05 -19.86 -52.81
C ILE B 719 -9.84 -19.80 -51.30
N MET B 720 -9.55 -20.95 -50.69
CA MET B 720 -9.34 -20.98 -49.24
C MET B 720 -8.00 -20.36 -48.86
N GLU B 721 -6.99 -20.48 -49.71
CA GLU B 721 -5.66 -19.95 -49.41
C GLU B 721 -5.30 -18.84 -50.39
N PRO B 722 -5.39 -17.57 -49.99
CA PRO B 722 -4.92 -16.48 -50.84
C PRO B 722 -3.41 -16.50 -50.96
N PRO B 723 -2.84 -15.92 -52.03
CA PRO B 723 -1.37 -15.87 -52.16
C PRO B 723 -0.72 -14.95 -51.14
N ASP B 724 0.04 -15.54 -50.21
CA ASP B 724 0.69 -14.81 -49.14
C ASP B 724 2.19 -15.10 -49.18
N ILE B 725 2.96 -14.17 -48.64
CA ILE B 725 4.42 -14.27 -48.59
C ILE B 725 4.81 -14.24 -47.11
N MET B 726 5.17 -15.40 -46.57
CA MET B 726 5.49 -15.51 -45.16
C MET B 726 7.00 -15.54 -44.96
N HIS B 727 7.41 -15.55 -43.70
CA HIS B 727 8.82 -15.61 -43.32
C HIS B 727 9.05 -16.84 -42.45
N ASP B 728 9.89 -17.75 -42.93
CA ASP B 728 10.24 -18.92 -42.15
C ASP B 728 11.17 -18.52 -41.01
N TYR B 729 10.92 -19.09 -39.83
CA TYR B 729 11.67 -18.77 -38.61
C TYR B 729 12.32 -20.06 -38.10
N PRO B 730 13.48 -20.45 -38.66
CA PRO B 730 14.15 -21.65 -38.13
C PRO B 730 14.83 -21.42 -36.81
N SER B 731 15.18 -20.18 -36.48
CA SER B 731 15.81 -19.85 -35.21
C SER B 731 15.47 -18.40 -34.88
N ILE B 732 16.10 -17.87 -33.85
CA ILE B 732 15.88 -16.47 -33.46
C ILE B 732 16.74 -15.50 -34.25
N ARG B 733 17.68 -16.00 -35.04
CA ARG B 733 18.61 -15.16 -35.78
C ARG B 733 18.50 -15.31 -37.29
N GLU B 734 17.58 -16.14 -37.77
CA GLU B 734 17.43 -16.40 -39.20
C GLU B 734 15.97 -16.16 -39.60
N VAL B 735 15.77 -15.29 -40.59
CA VAL B 735 14.45 -15.01 -41.14
C VAL B 735 14.52 -15.24 -42.64
N TYR B 736 13.73 -16.20 -43.13
CA TYR B 736 13.74 -16.56 -44.54
C TYR B 736 12.60 -15.85 -45.26
N LEU B 737 12.36 -16.23 -46.52
CA LEU B 737 11.35 -15.59 -47.35
C LEU B 737 10.62 -16.70 -48.13
N ILE B 738 9.49 -17.13 -47.61
CA ILE B 738 8.74 -18.25 -48.18
C ILE B 738 7.40 -17.72 -48.71
N CYS B 739 6.66 -18.62 -49.36
CA CYS B 739 5.35 -18.33 -49.89
C CYS B 739 4.27 -18.93 -48.98
N ASN B 740 3.02 -18.86 -49.43
CA ASN B 740 1.90 -19.43 -48.68
C ASN B 740 1.81 -20.91 -49.01
N THR B 741 2.67 -21.69 -48.37
CA THR B 741 2.75 -23.13 -48.59
C THR B 741 2.30 -23.84 -47.32
N THR B 742 1.05 -24.29 -47.31
CA THR B 742 0.50 -25.01 -46.18
C THR B 742 0.56 -26.51 -46.41
N ASN B 743 0.42 -27.27 -45.33
CA ASN B 743 0.42 -28.73 -45.42
C ASN B 743 -0.78 -29.26 -46.18
N LEU B 744 -1.93 -28.58 -46.10
CA LEU B 744 -3.08 -28.96 -46.90
C LEU B 744 -2.80 -28.75 -48.39
N GLY B 745 -2.24 -27.60 -48.75
CA GLY B 745 -1.84 -27.30 -50.11
C GLY B 745 -0.71 -28.13 -50.64
N VAL B 746 0.07 -28.77 -49.78
CA VAL B 746 1.05 -29.77 -50.19
C VAL B 746 0.41 -31.13 -50.41
N VAL B 747 -0.39 -31.60 -49.44
CA VAL B 747 -0.90 -32.98 -49.47
C VAL B 747 -2.01 -33.15 -50.50
N THR B 748 -2.89 -32.14 -50.69
CA THR B 748 -4.06 -32.25 -51.57
C THR B 748 -3.73 -32.52 -53.05
N PRO B 749 -2.73 -31.88 -53.70
CA PRO B 749 -2.36 -32.37 -55.04
C PRO B 749 -1.59 -33.68 -55.01
N LEU B 750 -0.88 -33.97 -53.91
CA LEU B 750 -0.17 -35.23 -53.79
C LEU B 750 -1.13 -36.41 -53.72
N GLY B 751 -2.31 -36.21 -53.13
CA GLY B 751 -3.31 -37.25 -53.11
C GLY B 751 -3.86 -37.58 -54.49
N TYR B 752 -4.08 -36.55 -55.31
CA TYR B 752 -4.53 -36.78 -56.68
C TYR B 752 -3.43 -37.38 -57.54
N ASN B 753 -2.18 -37.01 -57.28
CA ASN B 753 -1.05 -37.63 -57.98
C ASN B 753 -0.92 -39.11 -57.61
N GLY B 754 -1.11 -39.45 -56.33
CA GLY B 754 -1.08 -40.84 -55.92
C GLY B 754 -2.28 -41.63 -56.43
N LEU B 755 -3.43 -40.96 -56.59
CA LEU B 755 -4.58 -41.62 -57.19
C LEU B 755 -4.35 -41.90 -58.67
N LEU B 756 -3.67 -40.98 -59.36
CA LEU B 756 -3.34 -41.21 -60.76
C LEU B 756 -2.31 -42.30 -60.95
N ILE B 757 -1.24 -42.28 -60.17
CA ILE B 757 -0.09 -43.15 -60.44
C ILE B 757 -0.38 -44.61 -60.14
N LEU B 758 -1.21 -44.90 -59.13
CA LEU B 758 -1.57 -46.28 -58.83
C LEU B 758 -2.48 -46.88 -59.89
N SER B 759 -3.44 -46.10 -60.40
CA SER B 759 -4.30 -46.55 -61.49
C SER B 759 -3.49 -46.75 -62.77
N CYS B 760 -2.53 -45.85 -63.04
CA CYS B 760 -1.70 -46.02 -64.22
C CYS B 760 -0.78 -47.24 -64.10
N THR B 761 -0.27 -47.51 -62.89
CA THR B 761 0.56 -48.70 -62.69
C THR B 761 -0.27 -49.98 -62.83
N PHE B 762 -1.49 -49.98 -62.29
CA PHE B 762 -2.38 -51.14 -62.42
C PHE B 762 -2.81 -51.37 -63.85
N TYR B 763 -2.97 -50.31 -64.64
CA TYR B 763 -3.30 -50.48 -66.05
C TYR B 763 -2.08 -50.91 -66.88
N ALA B 764 -0.89 -50.41 -66.53
CA ALA B 764 0.32 -50.79 -67.26
C ALA B 764 0.72 -52.23 -66.97
N PHE B 765 0.51 -52.71 -65.75
CA PHE B 765 0.83 -54.09 -65.42
C PHE B 765 -0.12 -55.05 -66.13
N LYS B 766 -1.34 -54.60 -66.46
CA LYS B 766 -2.25 -55.42 -67.25
C LYS B 766 -1.93 -55.34 -68.74
N THR B 767 -1.59 -54.15 -69.24
CA THR B 767 -1.40 -53.93 -70.67
C THR B 767 0.08 -53.87 -71.06
N ARG B 768 0.94 -54.50 -70.28
CA ARG B 768 2.37 -54.58 -70.59
C ARG B 768 2.71 -55.53 -71.74
N ASN B 769 1.72 -56.18 -72.37
CA ASN B 769 1.95 -57.10 -73.48
C ASN B 769 1.40 -56.54 -74.78
N VAL B 770 1.46 -55.22 -74.94
CA VAL B 770 0.98 -54.56 -76.16
C VAL B 770 2.19 -54.13 -76.98
N PRO B 771 2.45 -54.78 -78.12
CA PRO B 771 3.65 -54.44 -78.90
C PRO B 771 3.46 -53.23 -79.82
N ALA B 772 2.25 -52.68 -79.86
CA ALA B 772 1.89 -51.67 -80.85
C ALA B 772 2.65 -50.36 -80.63
N ASN B 773 2.67 -49.55 -81.70
CA ASN B 773 3.39 -48.28 -81.80
C ASN B 773 4.87 -48.46 -81.49
N PHE B 774 5.45 -49.54 -82.05
CA PHE B 774 6.86 -49.90 -81.94
C PHE B 774 7.29 -50.07 -80.48
N ASN B 775 6.64 -51.03 -79.81
CA ASN B 775 6.81 -51.33 -78.38
C ASN B 775 6.56 -50.09 -77.51
N GLU B 776 5.33 -49.58 -77.56
CA GLU B 776 5.00 -48.40 -76.77
C GLU B 776 4.74 -48.76 -75.32
N ALA B 777 4.00 -49.86 -75.09
CA ALA B 777 3.57 -50.21 -73.74
C ALA B 777 4.73 -50.64 -72.85
N LYS B 778 5.78 -51.22 -73.44
CA LYS B 778 6.98 -51.57 -72.67
C LYS B 778 7.68 -50.32 -72.16
N TYR B 779 7.78 -49.30 -73.00
CA TYR B 779 8.36 -48.03 -72.58
C TYR B 779 7.47 -47.33 -71.56
N ILE B 780 6.14 -47.46 -71.71
CA ILE B 780 5.19 -46.90 -70.73
C ILE B 780 5.40 -47.55 -69.37
N ALA B 781 5.50 -48.88 -69.33
CA ALA B 781 5.70 -49.60 -68.07
C ALA B 781 7.07 -49.27 -67.46
N PHE B 782 8.10 -49.15 -68.31
CA PHE B 782 9.44 -48.82 -67.82
C PHE B 782 9.51 -47.40 -67.28
N THR B 783 8.71 -46.49 -67.83
CA THR B 783 8.59 -45.16 -67.24
C THR B 783 7.84 -45.21 -65.91
N MET B 784 6.77 -46.01 -65.85
CA MET B 784 5.93 -45.99 -64.66
C MET B 784 6.57 -46.69 -63.47
N TYR B 785 7.41 -47.71 -63.70
CA TYR B 785 8.11 -48.33 -62.58
C TYR B 785 9.14 -47.38 -61.96
N THR B 786 9.64 -46.42 -62.73
CA THR B 786 10.54 -45.41 -62.18
C THR B 786 9.76 -44.30 -61.48
N THR B 787 8.64 -43.87 -62.07
CA THR B 787 7.85 -42.80 -61.45
C THR B 787 7.18 -43.26 -60.16
N CYS B 788 6.85 -44.54 -60.04
CA CYS B 788 6.32 -45.05 -58.77
C CYS B 788 7.35 -45.06 -57.66
N ILE B 789 8.64 -45.07 -58.00
CA ILE B 789 9.67 -44.90 -56.99
C ILE B 789 9.89 -43.43 -56.69
N ILE B 790 9.88 -42.59 -57.73
CA ILE B 790 10.18 -41.17 -57.57
C ILE B 790 9.10 -40.45 -56.76
N TRP B 791 7.84 -40.62 -57.14
CA TRP B 791 6.75 -39.94 -56.44
C TRP B 791 6.44 -40.55 -55.08
N LEU B 792 7.02 -41.69 -54.74
CA LEU B 792 6.94 -42.24 -53.40
C LEU B 792 8.09 -41.78 -52.52
N ALA B 793 9.29 -41.64 -53.07
CA ALA B 793 10.42 -41.12 -52.31
C ALA B 793 10.42 -39.60 -52.20
N PHE B 794 9.57 -38.91 -52.97
CA PHE B 794 9.46 -37.46 -52.84
C PHE B 794 8.94 -37.02 -51.48
N VAL B 795 8.09 -37.82 -50.85
CA VAL B 795 7.38 -37.43 -49.62
C VAL B 795 8.31 -37.28 -48.40
N PRO B 796 9.18 -38.25 -48.03
CA PRO B 796 9.98 -38.01 -46.81
C PRO B 796 11.08 -36.98 -46.99
N ILE B 797 11.66 -36.89 -48.19
CA ILE B 797 12.71 -35.90 -48.44
C ILE B 797 12.12 -34.49 -48.41
N TYR B 798 10.88 -34.32 -48.86
CA TYR B 798 10.23 -33.02 -48.76
C TYR B 798 9.79 -32.72 -47.33
N PHE B 799 9.34 -33.74 -46.59
CA PHE B 799 8.89 -33.54 -45.23
C PHE B 799 10.04 -33.55 -44.21
N GLY B 800 11.27 -33.70 -44.67
CA GLY B 800 12.41 -33.64 -43.77
C GLY B 800 13.01 -32.26 -43.65
N SER B 801 14.15 -32.03 -44.31
CA SER B 801 14.93 -30.82 -44.15
C SER B 801 14.24 -29.63 -44.83
N ASN B 802 14.86 -28.46 -44.70
CA ASN B 802 14.31 -27.20 -45.21
C ASN B 802 14.66 -26.98 -46.68
N TYR B 803 14.35 -27.97 -47.51
CA TYR B 803 14.63 -27.91 -48.95
C TYR B 803 13.34 -27.80 -49.76
N LYS B 804 12.37 -27.01 -49.29
CA LYS B 804 11.05 -26.96 -49.91
C LYS B 804 11.06 -26.29 -51.28
N ILE B 805 12.12 -25.57 -51.61
CA ILE B 805 12.30 -25.08 -52.98
C ILE B 805 13.23 -26.00 -53.76
N ILE B 806 14.27 -26.50 -53.10
CA ILE B 806 15.33 -27.25 -53.78
C ILE B 806 14.82 -28.62 -54.24
N THR B 807 14.17 -29.37 -53.34
CA THR B 807 13.61 -30.67 -53.71
C THR B 807 12.45 -30.52 -54.68
N MET B 808 11.69 -29.43 -54.58
CA MET B 808 10.59 -29.19 -55.51
C MET B 808 11.12 -28.90 -56.91
N CYS B 809 12.21 -28.15 -57.02
CA CYS B 809 12.82 -27.91 -58.32
C CYS B 809 13.55 -29.13 -58.84
N PHE B 810 14.03 -30.00 -57.94
CA PHE B 810 14.68 -31.23 -58.37
C PHE B 810 13.68 -32.23 -58.91
N SER B 811 12.78 -32.71 -58.04
CA SER B 811 12.10 -33.99 -58.28
C SER B 811 11.02 -33.91 -59.34
N VAL B 812 10.33 -32.76 -59.46
CA VAL B 812 9.32 -32.62 -60.50
C VAL B 812 9.97 -32.60 -61.88
N SER B 813 11.08 -31.86 -62.01
CA SER B 813 11.86 -31.88 -63.25
C SER B 813 12.48 -33.24 -63.50
N LEU B 814 12.85 -33.97 -62.45
CA LEU B 814 13.38 -35.32 -62.61
C LEU B 814 12.30 -36.28 -63.12
N SER B 815 11.08 -36.17 -62.60
CA SER B 815 9.98 -37.01 -63.06
C SER B 815 9.61 -36.69 -64.49
N ALA B 816 9.59 -35.40 -64.86
CA ALA B 816 9.36 -35.02 -66.25
C ALA B 816 10.49 -35.45 -67.17
N THR B 817 11.74 -35.44 -66.68
CA THR B 817 12.87 -35.88 -67.50
C THR B 817 12.85 -37.39 -67.69
N VAL B 818 12.41 -38.15 -66.68
CA VAL B 818 12.22 -39.59 -66.84
C VAL B 818 11.09 -39.87 -67.83
N ALA B 819 9.97 -39.14 -67.69
CA ALA B 819 8.84 -39.30 -68.60
C ALA B 819 9.15 -38.84 -70.02
N LEU B 820 10.17 -38.02 -70.21
CA LEU B 820 10.73 -37.78 -71.54
C LEU B 820 11.66 -38.88 -71.98
N GLY B 821 12.74 -39.15 -71.25
CA GLY B 821 13.83 -39.99 -71.70
C GLY B 821 13.55 -41.48 -71.69
N CYS B 822 12.43 -41.91 -71.12
CA CYS B 822 12.06 -43.31 -71.17
C CYS B 822 10.78 -43.56 -71.97
N MET B 823 10.12 -42.51 -72.44
CA MET B 823 8.90 -42.64 -73.22
C MET B 823 9.01 -42.05 -74.61
N PHE B 824 9.47 -40.80 -74.74
CA PHE B 824 9.53 -40.12 -76.02
C PHE B 824 10.89 -40.24 -76.70
N VAL B 825 11.97 -40.30 -75.93
CA VAL B 825 13.32 -40.48 -76.46
C VAL B 825 13.51 -41.90 -77.00
N PRO B 826 13.02 -42.99 -76.36
CA PRO B 826 12.96 -44.25 -77.11
C PRO B 826 11.94 -44.26 -78.25
N LYS B 827 10.94 -43.36 -78.22
CA LYS B 827 10.01 -43.29 -79.33
C LYS B 827 10.62 -42.60 -80.53
N VAL B 828 11.66 -41.79 -80.33
CA VAL B 828 12.38 -41.15 -81.42
C VAL B 828 13.77 -41.74 -81.60
N TYR B 829 14.11 -42.79 -80.85
CA TYR B 829 15.34 -43.52 -81.10
C TYR B 829 15.30 -44.28 -82.41
N ILE B 830 14.10 -44.67 -82.85
CA ILE B 830 13.92 -45.35 -84.13
C ILE B 830 13.54 -44.32 -85.19
N ILE B 831 13.79 -43.05 -84.90
CA ILE B 831 13.48 -41.96 -85.82
C ILE B 831 14.73 -41.12 -86.13
N LEU B 832 15.39 -40.60 -85.10
CA LEU B 832 16.56 -39.76 -85.26
C LEU B 832 17.85 -40.57 -85.27
N ALA B 833 18.05 -41.41 -84.26
CA ALA B 833 19.22 -42.28 -84.24
C ALA B 833 19.12 -43.38 -85.29
N LYS B 834 17.91 -43.84 -85.60
CA LYS B 834 17.66 -44.76 -86.69
C LYS B 834 16.80 -44.06 -87.72
N PRO B 835 17.39 -43.51 -88.80
CA PRO B 835 16.61 -42.75 -89.77
C PRO B 835 15.74 -43.59 -90.71
N GLU B 836 15.65 -44.90 -90.49
CA GLU B 836 14.84 -45.73 -91.38
C GLU B 836 13.35 -45.53 -91.14
N ARG B 837 12.97 -45.17 -89.91
CA ARG B 837 11.57 -44.98 -89.53
C ARG B 837 11.39 -43.60 -88.90
N ASN B 838 11.90 -42.58 -89.60
CA ASN B 838 11.86 -41.19 -89.11
C ASN B 838 10.45 -40.60 -89.01
C1 NAG C . -32.21 -3.64 16.90
C2 NAG C . -32.86 -4.85 17.57
C3 NAG C . -34.38 -4.71 17.56
C4 NAG C . -34.79 -3.39 18.20
C5 NAG C . -34.10 -2.23 17.50
C6 NAG C . -34.37 -0.90 18.14
C7 NAG C . -32.11 -7.19 17.59
C8 NAG C . -31.72 -8.38 16.75
N2 NAG C . -32.45 -6.09 16.91
O3 NAG C . -34.94 -5.79 18.30
O4 NAG C . -36.20 -3.23 18.10
O5 NAG C . -32.67 -2.42 17.55
O6 NAG C . -35.76 -0.58 18.12
O7 NAG C . -32.12 -7.23 18.81
C1 NAG D . -9.90 0.82 44.29
C2 NAG D . -10.21 0.10 45.61
C3 NAG D . -9.22 -1.05 45.83
C4 NAG D . -9.17 -1.97 44.63
C5 NAG D . -8.89 -1.17 43.36
C6 NAG D . -8.95 -2.02 42.11
C7 NAG D . -11.00 0.91 47.78
C8 NAG D . -10.85 1.96 48.84
N2 NAG D . -10.19 1.03 46.72
O3 NAG D . -9.59 -1.77 47.00
O4 NAG D . -8.16 -2.96 44.81
O5 NAG D . -9.86 -0.14 43.20
O6 NAG D . -10.12 -1.73 41.36
O7 NAG D . -11.81 0.00 47.88
C1 NAG E . 32.43 12.43 -9.41
C2 NAG E . 33.88 12.53 -9.89
C3 NAG E . 34.00 13.52 -11.04
C4 NAG E . 33.05 13.13 -12.17
C5 NAG E . 31.63 13.02 -11.64
C6 NAG E . 30.64 12.52 -12.68
C7 NAG E . 35.61 12.04 -8.23
C8 NAG E . 36.46 12.59 -7.12
N2 NAG E . 34.77 12.90 -8.80
O3 NAG E . 35.34 13.53 -11.52
O4 NAG E . 33.10 14.10 -13.20
O5 NAG E . 31.57 12.10 -10.53
O6 NAG E . 31.31 12.02 -13.82
O7 NAG E . 35.70 10.87 -8.59
C1 NAG F . 18.91 41.09 3.30
C2 NAG F . 19.36 42.41 2.64
C3 NAG F . 18.25 42.97 1.77
C4 NAG F . 17.77 41.93 0.76
C5 NAG F . 17.37 40.64 1.48
C6 NAG F . 17.01 39.52 0.55
C7 NAG F . 20.73 44.27 3.46
C8 NAG F . 21.01 45.19 4.61
N2 NAG F . 19.76 43.37 3.66
O3 NAG F . 18.72 44.12 1.08
O4 NAG F . 16.65 42.43 0.03
O5 NAG F . 18.47 40.17 2.28
O6 NAG F . 18.01 38.53 0.52
O7 NAG F . 21.35 44.34 2.41
#